data_8D3Q
#
_entry.id   8D3Q
#
_cell.length_a   1.00
_cell.length_b   1.00
_cell.length_c   1.00
_cell.angle_alpha   90.00
_cell.angle_beta   90.00
_cell.angle_gamma   90.00
#
_symmetry.space_group_name_H-M   'P 1'
#
loop_
_entity.id
_entity.type
_entity.pdbx_description
1 polymer 'CRISPR-associated endonuclease Cas1'
2 polymer 'CRISPR-associated endonuclease Cas2'
3 polymer 'PAM/NoPAM strand 2'
4 polymer 'PAM/NoPAM strand 1'
5 polymer 'CRISPR-associated exonuclease Cas4'
6 non-polymer 'IRON/SULFUR CLUSTER'
7 non-polymer 'MANGANESE (II) ION'
#
loop_
_entity_poly.entity_id
_entity_poly.type
_entity_poly.pdbx_seq_one_letter_code
_entity_poly.pdbx_strand_id
1 'polypeptide(L)'
;MKKLLNTLYVTQPDTYLSLDGDNVVLLKEQEKLGRLPLHNLEAIVGFGYTGASPALMGYCAERNISITFLTKNGRFLARV
VGESRGNVVLRKTQYRISENDQESTKIARNFITGKVYNSKWMLERMTREHPLRVNVEQFKATSQLLSVMMQEIRNCDSLE
SLRGWEGQAAINYNKVFDQMILQQKEEFAFHGRSRRPPKDNVNAMLSFAYTLLANDVAAALETVGLDAYVGFMHQDRPGR
ASLALDLMEELRGLYADRFVLSLINRKEMTADGFYKKENGAVLMTDEARKTFLKAWQTKKQEKITHPYLGEKMSWGLVPY
VQALLLARFLRGDLDEYPPFLWK
;
A,B,C,D
2 'polypeptide(L)'
;GSMLVLITYDVQTSSMGGTKRLRKVAKACQNYGQRVQNSVFECIVDSTQLTSLKLELTSLIDEEKDSLRIYRLGNNYKTK
VEHIGAKPSIDLEDPLIF
;
E,F
3 'polydeoxyribonucleotide'
;(DG)(DT)(DT)(DC)(DT)(DG)(DG)(DT)(DG)(DG)(DT)(DC)(DC)(DT)(DC)(DA)(DG)(DC)(DT)(DA)
(DC)(DG)(DT)(DT)(DT)(DT)(DT)(DT)
;
G
4 'polydeoxyribonucleotide'
;(DC)(DG)(DT)(DA)(DG)(DC)(DT)(DG)(DA)(DG)(DG)(DA)(DC)(DC)(DA)(DC)(DC)(DA)(DG)(DA)
(DA)(DC)(DT)(DT)(DT)(DT)(DT)(DT)(DG)(DA)(DA)(DT)
;
H
5 'polypeptide(L)'
;ASNEEDRYLMLSGLQHFQFCKRQWALIHIEQQWEENVRTIEGQHLHKKADQPFMKEKRGSKLTVRAMPIQSKNLQISGIC
DVVEFVQDSEGIELSGVSGSYKAFPVEYKRGKPKKGDEDIVQLVAQAMCLEEMLVCRIDKGYLFYNEIKHRVEVPITDAL
RDKVVQMAKEMHHYYENRHTPKVKTGPFCNNCSLQSICLPKLMNKRSVKRYIEGRLSE
;
I,J
#
loop_
_chem_comp.id
_chem_comp.type
_chem_comp.name
_chem_comp.formula
DA DNA linking 2'-DEOXYADENOSINE-5'-MONOPHOSPHATE 'C10 H14 N5 O6 P'
DC DNA linking 2'-DEOXYCYTIDINE-5'-MONOPHOSPHATE 'C9 H14 N3 O7 P'
DG DNA linking 2'-DEOXYGUANOSINE-5'-MONOPHOSPHATE 'C10 H14 N5 O7 P'
DT DNA linking THYMIDINE-5'-MONOPHOSPHATE 'C10 H15 N2 O8 P'
MN non-polymer 'MANGANESE (II) ION' 'Mn 2'
SF4 non-polymer 'IRON/SULFUR CLUSTER' 'Fe4 S4'
#
# COMPACT_ATOMS: atom_id res chain seq x y z
N MET A 1 24.12 43.11 -29.11
CA MET A 1 23.53 43.99 -30.11
C MET A 1 23.90 45.44 -29.84
N LYS A 2 23.26 46.06 -28.85
CA LYS A 2 23.53 47.45 -28.52
C LYS A 2 24.23 47.52 -27.17
N LYS A 3 25.37 48.23 -27.14
CA LYS A 3 26.15 48.40 -25.92
C LYS A 3 26.03 49.84 -25.43
N LEU A 4 25.84 50.00 -24.13
CA LEU A 4 25.62 51.33 -23.56
C LEU A 4 26.11 51.32 -22.12
N LEU A 5 27.18 52.08 -21.86
CA LEU A 5 27.76 52.21 -20.52
C LEU A 5 28.22 50.85 -19.98
N ASN A 6 29.09 50.18 -20.75
CA ASN A 6 29.76 48.95 -20.32
C ASN A 6 28.77 47.82 -20.04
N THR A 7 27.63 47.82 -20.72
CA THR A 7 26.63 46.78 -20.55
C THR A 7 26.11 46.35 -21.92
N LEU A 8 25.87 45.05 -22.06
CA LEU A 8 25.36 44.46 -23.30
C LEU A 8 23.88 44.19 -23.17
N TYR A 9 23.13 44.49 -24.22
CA TYR A 9 21.69 44.25 -24.26
C TYR A 9 21.37 43.29 -25.39
N VAL A 10 20.35 42.47 -25.21
CA VAL A 10 19.79 41.63 -26.26
C VAL A 10 18.28 41.76 -26.17
N THR A 11 17.62 42.06 -27.30
CA THR A 11 16.19 42.29 -27.28
C THR A 11 15.40 41.31 -28.14
N GLN A 12 15.99 40.81 -29.21
CA GLN A 12 15.25 39.92 -30.10
C GLN A 12 15.18 38.52 -29.51
N PRO A 13 14.00 37.94 -29.36
CA PRO A 13 13.91 36.56 -28.87
C PRO A 13 14.41 35.56 -29.91
N ASP A 14 14.70 34.35 -29.43
CA ASP A 14 15.21 33.26 -30.26
C ASP A 14 16.55 33.61 -30.89
N THR A 15 17.48 34.08 -30.06
CA THR A 15 18.83 34.41 -30.52
C THR A 15 19.85 33.96 -29.49
N TYR A 16 20.55 32.88 -29.80
CA TYR A 16 21.55 32.31 -28.91
C TYR A 16 22.73 33.25 -28.74
N LEU A 17 23.41 33.11 -27.60
CA LEU A 17 24.62 33.86 -27.27
C LEU A 17 25.75 32.90 -26.96
N SER A 18 26.92 33.15 -27.55
CA SER A 18 28.05 32.24 -27.38
C SER A 18 29.34 33.05 -27.26
N LEU A 19 30.43 32.34 -26.99
CA LEU A 19 31.75 32.93 -26.86
C LEU A 19 32.68 32.41 -27.96
N ASP A 20 33.33 33.34 -28.65
CA ASP A 20 34.36 32.99 -29.63
C ASP A 20 35.62 33.78 -29.28
N GLY A 21 36.69 33.07 -28.95
CA GLY A 21 37.92 33.72 -28.54
C GLY A 21 37.73 34.51 -27.26
N ASP A 22 37.75 35.84 -27.38
CA ASP A 22 37.47 36.74 -26.28
C ASP A 22 36.33 37.69 -26.63
N ASN A 23 35.39 37.23 -27.46
CA ASN A 23 34.30 38.07 -27.94
C ASN A 23 32.97 37.33 -27.80
N VAL A 24 31.91 38.10 -27.64
CA VAL A 24 30.57 37.54 -27.58
C VAL A 24 30.00 37.49 -28.98
N VAL A 25 29.17 36.48 -29.25
CA VAL A 25 28.65 36.22 -30.60
C VAL A 25 27.16 35.96 -30.49
N LEU A 26 26.39 36.63 -31.35
CA LEU A 26 24.94 36.43 -31.43
C LEU A 26 24.63 35.51 -32.59
N LEU A 27 23.77 34.53 -32.36
CA LEU A 27 23.41 33.55 -33.36
C LEU A 27 21.89 33.40 -33.40
N LYS A 28 21.40 32.85 -34.51
CA LYS A 28 19.96 32.62 -34.67
C LYS A 28 19.80 31.38 -35.56
N GLU A 29 19.64 30.22 -34.93
CA GLU A 29 19.55 28.92 -35.59
C GLU A 29 20.59 28.79 -36.70
N GLN A 30 21.86 28.80 -36.28
CA GLN A 30 23.02 28.60 -37.14
C GLN A 30 23.19 29.73 -38.16
N GLU A 31 22.72 30.92 -37.84
CA GLU A 31 22.96 32.12 -38.65
C GLU A 31 23.65 33.16 -37.79
N LYS A 32 24.80 33.64 -38.26
CA LYS A 32 25.59 34.60 -37.49
C LYS A 32 25.08 36.01 -37.76
N LEU A 33 24.74 36.74 -36.71
CA LEU A 33 24.17 38.08 -36.82
C LEU A 33 25.09 39.18 -36.31
N GLY A 34 25.93 38.90 -35.32
CA GLY A 34 26.82 39.94 -34.82
C GLY A 34 27.87 39.37 -33.90
N ARG A 35 28.96 40.13 -33.76
CA ARG A 35 30.05 39.80 -32.88
C ARG A 35 30.53 41.07 -32.20
N LEU A 36 30.71 41.03 -30.89
CA LEU A 36 31.03 42.22 -30.12
C LEU A 36 32.15 41.90 -29.13
N PRO A 37 32.90 42.91 -28.72
CA PRO A 37 34.00 42.67 -27.77
C PRO A 37 33.48 42.44 -26.36
N LEU A 38 34.42 42.07 -25.48
CA LEU A 38 34.11 41.76 -24.09
C LEU A 38 35.12 42.37 -23.12
N HIS A 39 36.18 43.02 -23.62
CA HIS A 39 37.30 43.41 -22.76
C HIS A 39 36.86 44.40 -21.69
N ASN A 40 36.02 45.37 -22.04
CA ASN A 40 35.67 46.46 -21.13
C ASN A 40 34.23 46.39 -20.62
N LEU A 41 33.50 45.33 -20.93
CA LEU A 41 32.11 45.24 -20.48
C LEU A 41 32.05 44.93 -18.98
N GLU A 42 30.87 45.15 -18.41
CA GLU A 42 30.63 44.89 -16.98
C GLU A 42 29.55 43.85 -16.72
N ALA A 43 28.46 43.89 -17.47
CA ALA A 43 27.38 42.92 -17.25
C ALA A 43 26.60 42.75 -18.54
N ILE A 44 25.90 41.62 -18.64
CA ILE A 44 25.11 41.26 -19.80
C ILE A 44 23.67 41.09 -19.36
N VAL A 45 22.74 41.69 -20.11
CA VAL A 45 21.32 41.58 -19.82
C VAL A 45 20.64 40.97 -21.04
N GLY A 46 19.89 39.89 -20.82
CA GLY A 46 19.25 39.18 -21.90
C GLY A 46 17.75 39.09 -21.70
N PHE A 47 17.02 39.12 -22.82
CA PHE A 47 15.57 39.00 -22.80
C PHE A 47 15.08 37.86 -23.69
N GLY A 48 15.94 36.89 -23.96
CA GLY A 48 15.57 35.80 -24.83
C GLY A 48 15.58 34.46 -24.12
N TYR A 49 14.79 33.51 -24.62
CA TYR A 49 14.76 32.16 -24.07
C TYR A 49 15.95 31.39 -24.65
N THR A 50 17.14 31.88 -24.32
CA THR A 50 18.36 31.52 -25.03
C THR A 50 19.09 30.38 -24.33
N GLY A 51 19.52 30.61 -23.11
CA GLY A 51 20.33 29.67 -22.37
C GLY A 51 21.82 29.95 -22.44
N ALA A 52 22.27 30.70 -23.44
CA ALA A 52 23.68 31.03 -23.62
C ALA A 52 24.56 29.79 -23.68
N SER A 53 25.87 29.97 -23.61
CA SER A 53 26.76 28.81 -23.56
C SER A 53 27.43 28.71 -22.19
N PRO A 54 27.51 27.51 -21.63
CA PRO A 54 28.10 27.38 -20.28
C PRO A 54 29.52 27.89 -20.19
N ALA A 55 30.31 27.74 -21.25
CA ALA A 55 31.66 28.30 -21.24
C ALA A 55 31.62 29.82 -21.12
N LEU A 56 30.64 30.45 -21.77
CA LEU A 56 30.49 31.90 -21.67
C LEU A 56 30.25 32.32 -20.23
N MET A 57 29.34 31.62 -19.53
CA MET A 57 29.09 31.92 -18.13
C MET A 57 30.34 31.70 -17.29
N GLY A 58 31.04 30.59 -17.51
CA GLY A 58 32.23 30.32 -16.72
C GLY A 58 33.29 31.38 -16.88
N TYR A 59 33.57 31.77 -18.12
CA TYR A 59 34.59 32.78 -18.38
C TYR A 59 34.18 34.13 -17.81
N CYS A 60 32.93 34.55 -18.07
CA CYS A 60 32.48 35.86 -17.60
C CYS A 60 32.48 35.93 -16.08
N ALA A 61 32.04 34.86 -15.42
CA ALA A 61 32.08 34.84 -13.97
C ALA A 61 33.50 34.85 -13.44
N GLU A 62 34.41 34.15 -14.11
CA GLU A 62 35.81 34.20 -13.71
C GLU A 62 36.41 35.59 -13.90
N ARG A 63 35.85 36.39 -14.81
CA ARG A 63 36.33 37.74 -15.04
C ARG A 63 35.47 38.81 -14.38
N ASN A 64 34.57 38.42 -13.47
CA ASN A 64 33.74 39.36 -12.70
C ASN A 64 32.72 40.09 -13.58
N ILE A 65 32.01 39.35 -14.42
CA ILE A 65 30.87 39.86 -15.16
C ILE A 65 29.64 39.05 -14.77
N SER A 66 28.56 39.73 -14.43
CA SER A 66 27.32 39.10 -13.99
C SER A 66 26.31 39.09 -15.13
N ILE A 67 25.70 37.94 -15.38
CA ILE A 67 24.69 37.81 -16.43
C ILE A 67 23.32 37.76 -15.76
N THR A 68 22.33 38.38 -16.40
CA THR A 68 20.98 38.45 -15.86
C THR A 68 19.99 38.05 -16.94
N PHE A 69 19.24 36.99 -16.69
CA PHE A 69 18.28 36.48 -17.65
C PHE A 69 16.87 36.88 -17.23
N LEU A 70 16.12 37.42 -18.17
CA LEU A 70 14.74 37.86 -17.97
C LEU A 70 13.87 37.15 -19.00
N THR A 71 12.63 37.60 -19.11
CA THR A 71 11.70 37.07 -20.11
C THR A 71 11.50 38.09 -21.23
N LYS A 72 10.69 37.70 -22.23
CA LYS A 72 10.47 38.55 -23.38
C LYS A 72 9.49 39.68 -23.10
N ASN A 73 8.89 39.72 -21.92
CA ASN A 73 8.00 40.82 -21.55
C ASN A 73 8.61 41.73 -20.49
N GLY A 74 9.59 41.25 -19.72
CA GLY A 74 10.29 42.10 -18.78
C GLY A 74 10.30 41.64 -17.34
N ARG A 75 9.90 40.40 -17.05
CA ARG A 75 9.98 39.90 -15.69
C ARG A 75 11.44 39.67 -15.29
N PHE A 76 11.62 39.08 -14.11
CA PHE A 76 12.92 38.68 -13.62
C PHE A 76 12.96 37.17 -13.49
N LEU A 77 13.99 36.55 -14.09
CA LEU A 77 14.11 35.10 -14.07
C LEU A 77 15.31 34.61 -13.29
N ALA A 78 16.51 35.09 -13.59
CA ALA A 78 17.66 34.58 -12.86
C ALA A 78 18.83 35.55 -12.95
N ARG A 79 19.75 35.42 -11.99
CA ARG A 79 20.97 36.22 -11.96
C ARG A 79 22.14 35.26 -11.73
N VAL A 80 22.91 34.99 -12.78
CA VAL A 80 24.07 34.12 -12.67
C VAL A 80 25.31 34.98 -12.48
N VAL A 81 25.98 34.81 -11.35
CA VAL A 81 27.10 35.65 -10.95
C VAL A 81 28.06 34.82 -10.11
N GLY A 82 29.33 35.24 -10.12
CA GLY A 82 30.32 34.61 -9.29
C GLY A 82 30.23 35.08 -7.86
N GLU A 83 31.36 35.29 -7.20
CA GLU A 83 31.37 35.69 -5.81
C GLU A 83 31.12 37.18 -5.62
N SER A 84 31.24 37.98 -6.67
CA SER A 84 31.13 39.44 -6.52
C SER A 84 29.70 39.87 -6.28
N ARG A 85 28.74 39.25 -6.99
CA ARG A 85 27.31 39.56 -6.91
C ARG A 85 27.00 40.89 -7.57
N GLY A 86 28.03 41.63 -7.94
CA GLY A 86 27.82 42.96 -8.51
C GLY A 86 27.76 44.06 -7.48
N ASN A 87 26.72 44.07 -6.64
CA ASN A 87 26.48 45.17 -5.70
C ASN A 87 26.60 44.65 -4.26
N VAL A 88 27.55 45.22 -3.51
CA VAL A 88 27.63 45.06 -2.07
C VAL A 88 27.67 46.44 -1.44
N VAL A 89 28.72 47.20 -1.79
CA VAL A 89 28.86 48.56 -1.27
C VAL A 89 27.72 49.44 -1.78
N LEU A 90 27.25 49.18 -3.00
CA LEU A 90 26.12 49.94 -3.54
C LEU A 90 24.89 49.79 -2.66
N ARG A 91 24.51 48.55 -2.34
CA ARG A 91 23.32 48.33 -1.52
C ARG A 91 23.52 48.85 -0.11
N LYS A 92 24.71 48.65 0.48
CA LYS A 92 24.92 49.13 1.84
C LYS A 92 24.87 50.66 1.89
N THR A 93 25.40 51.33 0.88
CA THR A 93 25.31 52.79 0.82
C THR A 93 23.87 53.24 0.61
N GLN A 94 23.12 52.52 -0.23
CA GLN A 94 21.71 52.85 -0.42
C GLN A 94 20.96 52.78 0.90
N TYR A 95 21.19 51.72 1.67
CA TYR A 95 20.48 51.57 2.92
C TYR A 95 20.94 52.58 3.96
N ARG A 96 22.23 52.94 3.95
CA ARG A 96 22.71 53.98 4.85
C ARG A 96 22.08 55.33 4.54
N ILE A 97 21.95 55.66 3.25
CA ILE A 97 21.32 56.92 2.86
C ILE A 97 19.81 56.87 3.09
N SER A 98 19.24 55.66 3.11
CA SER A 98 17.80 55.54 3.29
C SER A 98 17.33 56.00 4.67
N GLU A 99 18.25 56.19 5.60
CA GLU A 99 17.91 56.63 6.95
C GLU A 99 18.34 58.08 7.19
N ASN A 100 18.88 58.74 6.17
CA ASN A 100 19.34 60.11 6.28
C ASN A 100 18.46 61.04 5.46
N ASP A 101 18.25 62.25 5.97
CA ASP A 101 17.21 63.13 5.43
C ASP A 101 17.67 63.96 4.25
N GLN A 102 18.88 64.54 4.32
CA GLN A 102 19.27 65.54 3.34
C GLN A 102 19.43 64.94 1.94
N GLU A 103 20.18 63.83 1.83
CA GLU A 103 20.39 63.22 0.53
C GLU A 103 19.10 62.64 -0.03
N SER A 104 18.28 62.06 0.84
CA SER A 104 16.98 61.55 0.40
C SER A 104 16.11 62.67 -0.14
N THR A 105 16.12 63.82 0.52
CA THR A 105 15.36 64.97 0.04
C THR A 105 15.93 65.48 -1.28
N LYS A 106 17.26 65.42 -1.46
CA LYS A 106 17.84 65.78 -2.73
C LYS A 106 17.31 64.90 -3.85
N ILE A 107 17.34 63.58 -3.64
CA ILE A 107 16.84 62.65 -4.64
C ILE A 107 15.35 62.90 -4.90
N ALA A 108 14.60 63.16 -3.83
CA ALA A 108 13.18 63.46 -3.97
C ALA A 108 12.98 64.68 -4.85
N ARG A 109 13.57 65.81 -4.49
CA ARG A 109 13.37 67.03 -5.26
C ARG A 109 13.77 66.82 -6.71
N ASN A 110 14.78 65.99 -6.97
CA ASN A 110 15.08 65.63 -8.35
C ASN A 110 13.89 64.93 -9.00
N PHE A 111 13.27 63.98 -8.28
CA PHE A 111 12.08 63.31 -8.82
C PHE A 111 10.98 64.33 -9.16
N ILE A 112 10.62 65.17 -8.19
CA ILE A 112 9.55 66.14 -8.42
C ILE A 112 9.88 67.03 -9.61
N THR A 113 11.07 67.63 -9.60
CA THR A 113 11.39 68.61 -10.64
C THR A 113 11.36 67.97 -12.01
N GLY A 114 11.92 66.75 -12.13
CA GLY A 114 11.90 66.10 -13.44
C GLY A 114 10.50 65.80 -13.91
N LYS A 115 9.67 65.23 -13.03
CA LYS A 115 8.36 64.78 -13.50
C LYS A 115 7.46 65.96 -13.83
N VAL A 116 7.50 67.02 -13.04
CA VAL A 116 6.58 68.13 -13.29
C VAL A 116 7.11 69.02 -14.42
N TYR A 117 8.44 69.11 -14.55
CA TYR A 117 9.08 69.57 -15.77
C TYR A 117 8.43 68.93 -17.00
N ASN A 118 8.51 67.60 -17.06
CA ASN A 118 7.98 66.87 -18.21
C ASN A 118 6.49 67.14 -18.36
N SER A 119 5.75 67.14 -17.26
CA SER A 119 4.31 67.31 -17.31
C SER A 119 3.93 68.67 -17.88
N LYS A 120 4.68 69.72 -17.52
CA LYS A 120 4.23 71.05 -17.93
C LYS A 120 4.58 71.31 -19.38
N TRP A 121 5.72 70.81 -19.87
CA TRP A 121 5.84 70.80 -21.34
C TRP A 121 4.86 69.85 -22.03
N MET A 122 4.36 68.81 -21.38
CA MET A 122 3.28 68.05 -22.02
C MET A 122 2.02 68.88 -22.16
N LEU A 123 1.67 69.63 -21.12
CA LEU A 123 0.52 70.52 -21.20
C LEU A 123 0.72 71.56 -22.29
N GLU A 124 1.91 72.15 -22.36
CA GLU A 124 2.19 73.15 -23.38
C GLU A 124 2.10 72.56 -24.78
N ARG A 125 2.63 71.34 -24.96
CA ARG A 125 2.60 70.70 -26.27
C ARG A 125 1.17 70.40 -26.71
N MET A 126 0.34 69.88 -25.79
CA MET A 126 -1.04 69.60 -26.17
C MET A 126 -1.81 70.88 -26.44
N THR A 127 -1.52 71.96 -25.71
CA THR A 127 -2.16 73.23 -26.01
C THR A 127 -1.76 73.72 -27.40
N ARG A 128 -0.48 73.57 -27.75
CA ARG A 128 -0.03 73.98 -29.07
C ARG A 128 -0.71 73.17 -30.16
N GLU A 129 -0.88 71.87 -29.95
CA GLU A 129 -1.49 71.03 -30.97
C GLU A 129 -2.96 71.36 -31.20
N HIS A 130 -3.70 71.61 -30.12
CA HIS A 130 -5.15 71.76 -30.18
C HIS A 130 -5.56 73.09 -29.56
N PRO A 131 -5.55 74.18 -30.32
CA PRO A 131 -6.01 75.47 -29.78
C PRO A 131 -7.50 75.69 -29.97
N LEU A 132 -8.11 74.97 -30.92
CA LEU A 132 -9.49 75.26 -31.30
C LEU A 132 -10.47 74.88 -30.19
N ARG A 133 -10.34 73.68 -29.64
CA ARG A 133 -11.30 73.13 -28.70
C ARG A 133 -10.82 73.16 -27.26
N VAL A 134 -9.76 73.91 -26.97
CA VAL A 134 -9.17 73.94 -25.64
C VAL A 134 -9.09 75.38 -25.15
N ASN A 135 -9.55 75.60 -23.91
CA ASN A 135 -9.44 76.91 -23.27
C ASN A 135 -7.99 77.08 -22.81
N VAL A 136 -7.15 77.46 -23.77
CA VAL A 136 -5.71 77.42 -23.58
C VAL A 136 -5.22 78.38 -22.51
N GLU A 137 -5.98 79.45 -22.22
CA GLU A 137 -5.53 80.44 -21.25
C GLU A 137 -5.40 79.83 -19.85
N GLN A 138 -6.35 78.98 -19.47
CA GLN A 138 -6.27 78.32 -18.17
C GLN A 138 -5.03 77.44 -18.08
N PHE A 139 -4.74 76.69 -19.14
CA PHE A 139 -3.55 75.85 -19.16
C PHE A 139 -2.28 76.70 -19.11
N LYS A 140 -2.28 77.85 -19.78
CA LYS A 140 -1.14 78.75 -19.71
C LYS A 140 -0.92 79.23 -18.27
N ALA A 141 -2.01 79.62 -17.60
CA ALA A 141 -1.90 80.09 -16.23
C ALA A 141 -1.36 78.99 -15.32
N THR A 142 -1.88 77.78 -15.49
CA THR A 142 -1.33 76.65 -14.74
C THR A 142 0.13 76.42 -15.08
N SER A 143 0.52 76.68 -16.32
CA SER A 143 1.92 76.50 -16.72
C SER A 143 2.82 77.49 -16.01
N GLN A 144 2.40 78.76 -15.91
CA GLN A 144 3.20 79.72 -15.16
C GLN A 144 3.25 79.35 -13.68
N LEU A 145 2.14 78.87 -13.12
CA LEU A 145 2.15 78.40 -11.75
C LEU A 145 3.13 77.24 -11.56
N LEU A 146 3.16 76.33 -12.53
CA LEU A 146 4.09 75.21 -12.48
C LEU A 146 5.54 75.68 -12.55
N SER A 147 5.81 76.67 -13.41
CA SER A 147 7.17 77.21 -13.48
C SER A 147 7.57 77.89 -12.16
N VAL A 148 6.63 78.60 -11.55
CA VAL A 148 6.89 79.23 -10.26
C VAL A 148 7.23 78.17 -9.22
N MET A 149 6.46 77.09 -9.17
CA MET A 149 6.75 76.06 -8.19
C MET A 149 8.04 75.31 -8.53
N MET A 150 8.39 75.21 -9.82
CA MET A 150 9.71 74.75 -10.22
C MET A 150 10.80 75.56 -9.53
N GLN A 151 10.79 76.87 -9.77
CA GLN A 151 11.83 77.74 -9.24
C GLN A 151 11.84 77.69 -7.71
N GLU A 152 10.67 77.53 -7.11
CA GLU A 152 10.60 77.53 -5.65
C GLU A 152 11.10 76.22 -5.05
N ILE A 153 10.82 75.08 -5.71
CA ILE A 153 11.26 73.80 -5.17
C ILE A 153 12.71 73.51 -5.51
N ARG A 154 13.30 74.28 -6.42
CA ARG A 154 14.70 74.04 -6.74
C ARG A 154 15.63 74.26 -5.55
N ASN A 155 15.18 74.92 -4.49
CA ASN A 155 16.01 75.20 -3.32
C ASN A 155 15.27 74.83 -2.03
N CYS A 156 14.69 73.62 -2.00
CA CYS A 156 13.99 73.13 -0.83
C CYS A 156 14.71 71.91 -0.26
N ASP A 157 14.61 71.72 1.06
CA ASP A 157 15.32 70.62 1.71
C ASP A 157 14.50 69.94 2.81
N SER A 158 13.17 70.00 2.76
CA SER A 158 12.34 69.35 3.76
C SER A 158 11.35 68.41 3.08
N LEU A 159 11.22 67.21 3.65
CA LEU A 159 10.44 66.15 3.02
C LEU A 159 8.95 66.48 3.02
N GLU A 160 8.42 66.86 4.20
CA GLU A 160 6.98 67.07 4.32
C GLU A 160 6.52 68.23 3.43
N SER A 161 7.34 69.27 3.33
CA SER A 161 7.02 70.37 2.43
C SER A 161 6.96 69.90 0.99
N LEU A 162 7.91 69.04 0.60
CA LEU A 162 7.87 68.47 -0.75
C LEU A 162 6.60 67.67 -0.97
N ARG A 163 6.17 66.91 0.04
CA ARG A 163 4.87 66.24 -0.05
C ARG A 163 3.76 67.26 -0.25
N GLY A 164 3.88 68.43 0.38
CA GLY A 164 2.87 69.46 0.21
C GLY A 164 2.79 69.97 -1.22
N TRP A 165 3.95 70.25 -1.83
CA TRP A 165 3.88 70.72 -3.21
C TRP A 165 3.50 69.59 -4.15
N GLU A 166 3.82 68.35 -3.79
CA GLU A 166 3.23 67.22 -4.50
C GLU A 166 1.72 67.27 -4.47
N GLY A 167 1.14 67.52 -3.29
CA GLY A 167 -0.30 67.57 -3.17
C GLY A 167 -0.89 68.67 -4.04
N GLN A 168 -0.33 69.87 -3.95
CA GLN A 168 -0.91 70.98 -4.72
C GLN A 168 -0.74 70.77 -6.22
N ALA A 169 0.43 70.28 -6.64
CA ALA A 169 0.67 70.04 -8.06
C ALA A 169 -0.23 68.93 -8.59
N ALA A 170 -0.42 67.87 -7.80
CA ALA A 170 -1.31 66.80 -8.20
C ALA A 170 -2.74 67.29 -8.32
N ILE A 171 -3.18 68.14 -7.39
CA ILE A 171 -4.53 68.70 -7.49
C ILE A 171 -4.66 69.55 -8.75
N ASN A 172 -3.65 70.37 -9.06
CA ASN A 172 -3.72 71.19 -10.26
C ASN A 172 -3.76 70.32 -11.52
N TYR A 173 -2.90 69.30 -11.57
CA TYR A 173 -2.86 68.43 -12.73
C TYR A 173 -4.17 67.64 -12.88
N ASN A 174 -4.78 67.28 -11.75
CA ASN A 174 -6.12 66.70 -11.78
C ASN A 174 -7.12 67.66 -12.36
N LYS A 175 -7.08 68.93 -11.92
CA LYS A 175 -8.00 69.94 -12.41
C LYS A 175 -7.76 70.29 -13.87
N VAL A 176 -6.62 69.89 -14.44
CA VAL A 176 -6.40 70.11 -15.86
C VAL A 176 -6.48 68.77 -16.59
N PHE A 177 -6.53 67.67 -15.83
CA PHE A 177 -6.61 66.35 -16.44
C PHE A 177 -7.92 66.15 -17.19
N ASP A 178 -8.99 66.83 -16.78
CA ASP A 178 -10.28 66.58 -17.39
C ASP A 178 -10.30 66.97 -18.86
N GLN A 179 -9.52 67.98 -19.24
CA GLN A 179 -9.74 68.67 -20.50
C GLN A 179 -8.92 68.16 -21.68
N MET A 180 -7.95 67.25 -21.49
CA MET A 180 -7.28 66.79 -22.71
C MET A 180 -8.11 65.80 -23.50
N ILE A 181 -9.30 65.42 -23.00
CA ILE A 181 -10.18 64.57 -23.78
C ILE A 181 -10.68 65.35 -24.99
N LEU A 182 -10.83 64.64 -26.11
CA LEU A 182 -11.27 65.26 -27.35
C LEU A 182 -12.35 64.46 -28.06
N GLN A 183 -12.62 63.23 -27.63
CA GLN A 183 -13.59 62.37 -28.30
C GLN A 183 -14.24 61.46 -27.28
N GLN A 184 -15.37 60.88 -27.67
CA GLN A 184 -16.21 60.01 -26.84
C GLN A 184 -16.27 60.50 -25.39
N LYS A 185 -16.71 61.75 -25.26
CA LYS A 185 -16.92 62.37 -23.96
C LYS A 185 -18.21 61.91 -23.29
N GLU A 186 -19.01 61.10 -23.98
CA GLU A 186 -20.32 60.71 -23.48
C GLU A 186 -20.21 59.93 -22.18
N GLU A 187 -19.27 58.99 -22.10
CA GLU A 187 -19.12 58.13 -20.94
C GLU A 187 -17.71 58.02 -20.39
N PHE A 188 -16.69 58.44 -21.15
CA PHE A 188 -15.31 58.37 -20.67
C PHE A 188 -14.98 59.71 -20.02
N ALA A 189 -15.12 59.76 -18.69
CA ALA A 189 -14.92 60.98 -17.93
C ALA A 189 -14.03 60.71 -16.73
N PHE A 190 -13.34 61.75 -16.29
CA PHE A 190 -12.41 61.68 -15.17
C PHE A 190 -12.87 62.65 -14.09
N HIS A 191 -13.13 62.15 -12.89
CA HIS A 191 -13.65 62.99 -11.81
C HIS A 191 -12.99 62.64 -10.48
N GLY A 192 -11.67 62.46 -10.48
CA GLY A 192 -10.94 62.28 -9.24
C GLY A 192 -10.10 61.02 -9.27
N ARG A 193 -9.62 60.63 -8.09
CA ARG A 193 -8.72 59.49 -7.94
C ARG A 193 -9.39 58.43 -7.07
N SER A 194 -9.35 57.18 -7.54
CA SER A 194 -9.87 56.03 -6.78
C SER A 194 -8.92 54.85 -7.01
N ARG A 195 -7.93 54.71 -6.14
CA ARG A 195 -6.94 53.65 -6.31
C ARG A 195 -7.51 52.29 -5.90
N ARG A 196 -8.42 52.28 -4.92
CA ARG A 196 -9.09 51.15 -4.32
C ARG A 196 -10.55 51.11 -4.76
N PRO A 197 -11.10 49.91 -4.97
CA PRO A 197 -12.33 49.74 -5.76
C PRO A 197 -12.56 50.87 -6.76
N PRO A 198 -12.13 50.67 -8.01
CA PRO A 198 -12.18 51.78 -8.97
C PRO A 198 -13.60 52.19 -9.30
N LYS A 199 -13.77 53.49 -9.57
CA LYS A 199 -15.06 54.09 -9.84
C LYS A 199 -14.98 54.97 -11.07
N ASP A 200 -16.07 55.00 -11.84
CA ASP A 200 -16.24 55.88 -12.99
C ASP A 200 -15.20 55.63 -14.08
N ASN A 201 -15.23 54.41 -14.61
CA ASN A 201 -14.64 54.11 -15.91
C ASN A 201 -13.13 54.30 -15.97
N VAL A 202 -12.71 55.42 -16.57
CA VAL A 202 -11.32 55.59 -16.99
C VAL A 202 -10.35 55.40 -15.83
N ASN A 203 -10.76 55.81 -14.62
CA ASN A 203 -9.93 55.61 -13.43
C ASN A 203 -9.29 54.22 -13.41
N ALA A 204 -10.11 53.19 -13.60
CA ALA A 204 -9.60 51.81 -13.52
C ALA A 204 -8.38 51.63 -14.41
N MET A 205 -8.51 52.05 -15.68
CA MET A 205 -7.40 52.01 -16.63
C MET A 205 -6.11 52.44 -15.95
N LEU A 206 -6.09 53.68 -15.47
CA LEU A 206 -4.86 54.25 -14.91
C LEU A 206 -4.28 53.30 -13.87
N SER A 207 -5.13 52.86 -12.92
CA SER A 207 -4.64 52.01 -11.85
C SER A 207 -3.91 50.80 -12.42
N PHE A 208 -4.56 50.09 -13.33
CA PHE A 208 -3.93 48.89 -13.89
C PHE A 208 -2.60 49.25 -14.53
N ALA A 209 -2.59 50.31 -15.34
CA ALA A 209 -1.35 50.72 -15.99
C ALA A 209 -0.26 50.94 -14.96
N TYR A 210 -0.59 51.68 -13.89
CA TYR A 210 0.41 51.96 -12.86
C TYR A 210 1.02 50.67 -12.36
N THR A 211 0.18 49.68 -12.08
CA THR A 211 0.68 48.41 -11.56
C THR A 211 1.76 47.84 -12.46
N LEU A 212 1.46 47.75 -13.76
CA LEU A 212 2.43 47.21 -14.70
C LEU A 212 3.75 47.94 -14.59
N LEU A 213 3.70 49.28 -14.61
CA LEU A 213 4.92 50.07 -14.52
C LEU A 213 5.77 49.63 -13.35
N ALA A 214 5.14 49.47 -12.18
CA ALA A 214 5.90 49.10 -11.00
C ALA A 214 6.71 47.85 -11.26
N ASN A 215 6.05 46.80 -11.72
CA ASN A 215 6.76 45.56 -12.00
C ASN A 215 7.94 45.83 -12.92
N ASP A 216 7.68 46.54 -14.02
CA ASP A 216 8.73 46.84 -14.98
C ASP A 216 9.89 47.53 -14.28
N VAL A 217 9.61 48.62 -13.58
CA VAL A 217 10.70 49.38 -12.98
C VAL A 217 11.35 48.55 -11.89
N ALA A 218 10.56 47.70 -11.23
CA ALA A 218 11.14 46.79 -10.25
C ALA A 218 12.25 45.98 -10.88
N ALA A 219 11.96 45.37 -12.03
CA ALA A 219 12.98 44.58 -12.73
C ALA A 219 14.22 45.40 -12.99
N ALA A 220 14.03 46.69 -13.33
CA ALA A 220 15.16 47.56 -13.59
C ALA A 220 16.12 47.55 -12.42
N LEU A 221 15.60 47.82 -11.22
CA LEU A 221 16.47 47.83 -10.05
C LEU A 221 17.05 46.45 -9.81
N GLU A 222 16.26 45.40 -10.10
CA GLU A 222 16.76 44.05 -9.97
C GLU A 222 17.98 43.82 -10.85
N THR A 223 18.03 44.47 -12.00
CA THR A 223 19.18 44.29 -12.88
C THR A 223 20.43 44.94 -12.32
N VAL A 224 20.28 45.99 -11.50
CA VAL A 224 21.43 46.73 -11.01
C VAL A 224 21.75 46.41 -9.57
N GLY A 225 21.00 45.52 -8.93
CA GLY A 225 21.20 45.21 -7.54
C GLY A 225 20.52 46.14 -6.56
N LEU A 226 19.84 47.18 -7.04
CA LEU A 226 19.07 48.05 -6.16
C LEU A 226 17.85 47.32 -5.62
N ASP A 227 17.52 47.58 -4.36
CA ASP A 227 16.35 47.01 -3.73
C ASP A 227 15.10 47.73 -4.23
N ALA A 228 14.08 46.97 -4.61
CA ALA A 228 12.86 47.52 -5.15
C ALA A 228 11.77 47.73 -4.10
N TYR A 229 12.08 47.54 -2.82
CA TYR A 229 11.08 47.62 -1.76
C TYR A 229 11.39 48.68 -0.72
N VAL A 230 12.50 49.41 -0.86
CA VAL A 230 12.91 50.43 0.09
C VAL A 230 12.99 51.75 -0.66
N GLY A 231 12.02 52.63 -0.43
CA GLY A 231 11.99 53.92 -1.12
C GLY A 231 12.68 55.03 -0.34
N PHE A 232 13.02 56.09 -1.07
CA PHE A 232 13.62 57.29 -0.51
C PHE A 232 12.57 58.33 -0.13
N MET A 233 11.79 58.81 -1.10
CA MET A 233 10.68 59.70 -0.80
C MET A 233 9.53 58.94 -0.16
N HIS A 234 9.19 57.79 -0.71
CA HIS A 234 8.22 56.91 -0.05
C HIS A 234 8.87 56.18 1.12
N GLN A 235 8.06 55.77 2.08
CA GLN A 235 8.55 55.05 3.24
C GLN A 235 8.40 53.55 3.04
N ASP A 236 9.24 52.80 3.74
CA ASP A 236 9.25 51.34 3.60
C ASP A 236 8.09 50.72 4.37
N ARG A 237 7.30 49.91 3.68
CA ARG A 237 6.18 49.20 4.27
C ARG A 237 6.03 47.87 3.56
N PRO A 238 5.88 46.77 4.29
CA PRO A 238 5.81 45.45 3.66
C PRO A 238 4.64 45.34 2.70
N GLY A 239 4.87 44.62 1.59
CA GLY A 239 3.86 44.41 0.57
C GLY A 239 3.78 45.49 -0.48
N ARG A 240 4.65 46.50 -0.44
CA ARG A 240 4.59 47.63 -1.36
C ARG A 240 5.98 47.97 -1.85
N ALA A 241 6.10 48.25 -3.14
CA ALA A 241 7.37 48.60 -3.77
C ALA A 241 7.51 50.11 -3.69
N SER A 242 8.16 50.59 -2.62
CA SER A 242 8.28 52.02 -2.39
C SER A 242 9.20 52.68 -3.41
N LEU A 243 10.39 52.11 -3.62
CA LEU A 243 11.34 52.72 -4.53
C LEU A 243 10.89 52.60 -5.98
N ALA A 244 10.21 51.51 -6.33
CA ALA A 244 9.64 51.39 -7.66
C ALA A 244 8.61 52.49 -7.91
N LEU A 245 7.76 52.76 -6.92
CA LEU A 245 6.80 53.85 -7.04
C LEU A 245 7.52 55.19 -7.14
N ASP A 246 8.59 55.37 -6.37
CA ASP A 246 9.34 56.62 -6.43
C ASP A 246 9.90 56.89 -7.82
N LEU A 247 10.49 55.86 -8.44
CA LEU A 247 11.09 56.05 -9.76
C LEU A 247 10.03 56.11 -10.85
N MET A 248 8.86 55.49 -10.61
CA MET A 248 7.81 55.44 -11.62
C MET A 248 7.17 56.81 -11.90
N GLU A 249 7.46 57.82 -11.07
CA GLU A 249 6.70 59.07 -11.15
C GLU A 249 6.93 59.78 -12.48
N GLU A 250 8.18 59.89 -12.93
CA GLU A 250 8.43 60.54 -14.21
C GLU A 250 7.81 59.77 -15.37
N LEU A 251 7.94 58.45 -15.36
CA LEU A 251 7.40 57.63 -16.43
C LEU A 251 5.89 57.49 -16.36
N ARG A 252 5.26 57.96 -15.28
CA ARG A 252 3.81 57.85 -15.15
C ARG A 252 3.10 58.56 -16.29
N GLY A 253 3.43 59.84 -16.50
CA GLY A 253 2.73 60.64 -17.48
C GLY A 253 2.80 60.10 -18.90
N LEU A 254 3.97 60.18 -19.53
CA LEU A 254 4.07 59.79 -20.93
C LEU A 254 3.76 58.31 -21.14
N TYR A 255 4.23 57.45 -20.27
CA TYR A 255 4.17 56.02 -20.53
C TYR A 255 2.89 55.38 -20.01
N ALA A 256 2.07 56.11 -19.25
CA ALA A 256 0.78 55.60 -18.81
C ALA A 256 -0.38 56.48 -19.28
N ASP A 257 -0.37 57.76 -18.96
CA ASP A 257 -1.50 58.62 -19.28
C ASP A 257 -1.55 58.92 -20.76
N ARG A 258 -0.40 59.20 -21.38
CA ARG A 258 -0.38 59.37 -22.82
C ARG A 258 -0.76 58.09 -23.54
N PHE A 259 -0.39 56.95 -22.95
CA PHE A 259 -0.79 55.67 -23.54
C PHE A 259 -2.31 55.50 -23.52
N VAL A 260 -2.95 55.80 -22.38
CA VAL A 260 -4.39 55.65 -22.32
C VAL A 260 -5.08 56.67 -23.20
N LEU A 261 -4.49 57.87 -23.34
CA LEU A 261 -5.06 58.85 -24.25
C LEU A 261 -4.97 58.39 -25.69
N SER A 262 -3.84 57.80 -26.09
CA SER A 262 -3.72 57.26 -27.44
C SER A 262 -4.64 56.06 -27.64
N LEU A 263 -4.96 55.34 -26.57
CA LEU A 263 -5.93 54.26 -26.68
C LEU A 263 -7.34 54.80 -26.92
N ILE A 264 -7.74 55.78 -26.11
CA ILE A 264 -9.12 56.26 -26.17
C ILE A 264 -9.37 57.08 -27.43
N ASN A 265 -8.41 57.90 -27.84
CA ASN A 265 -8.65 58.80 -28.96
C ASN A 265 -8.78 58.07 -30.29
N ARG A 266 -8.18 56.88 -30.41
CA ARG A 266 -8.24 56.09 -31.63
C ARG A 266 -9.43 55.13 -31.64
N LYS A 267 -10.29 55.20 -30.63
CA LYS A 267 -11.44 54.30 -30.51
C LYS A 267 -10.99 52.84 -30.42
N GLU A 268 -9.83 52.63 -29.78
CA GLU A 268 -9.33 51.27 -29.58
C GLU A 268 -10.25 50.49 -28.65
N MET A 269 -10.82 51.15 -27.65
CA MET A 269 -11.65 50.50 -26.65
C MET A 269 -12.88 51.36 -26.38
N THR A 270 -13.98 50.69 -26.05
CA THR A 270 -15.25 51.38 -25.79
C THR A 270 -15.86 50.92 -24.47
N ALA A 271 -17.09 51.34 -24.21
CA ALA A 271 -17.76 50.98 -22.97
C ALA A 271 -18.13 49.50 -22.90
N ASP A 272 -18.15 48.82 -24.04
CA ASP A 272 -18.48 47.40 -24.04
C ASP A 272 -17.47 46.57 -23.25
N GLY A 273 -16.21 47.00 -23.22
CA GLY A 273 -15.18 46.29 -22.47
C GLY A 273 -15.15 46.57 -20.98
N PHE A 274 -15.98 47.50 -20.50
CA PHE A 274 -16.06 47.83 -19.08
C PHE A 274 -17.36 47.29 -18.51
N TYR A 275 -17.26 46.45 -17.49
CA TYR A 275 -18.42 45.88 -16.83
C TYR A 275 -18.73 46.66 -15.55
N LYS A 276 -20.00 46.66 -15.20
CA LYS A 276 -20.49 47.45 -14.07
C LYS A 276 -20.58 46.59 -12.82
N LYS A 277 -20.59 47.26 -11.67
CA LYS A 277 -20.75 46.61 -10.37
C LYS A 277 -21.95 47.23 -9.66
N GLU A 278 -22.58 46.43 -8.81
CA GLU A 278 -23.82 46.87 -8.16
C GLU A 278 -23.61 48.09 -7.27
N ASN A 279 -22.44 48.22 -6.64
CA ASN A 279 -22.14 49.37 -5.81
C ASN A 279 -21.62 50.55 -6.62
N GLY A 280 -21.64 50.47 -7.95
CA GLY A 280 -21.17 51.53 -8.81
C GLY A 280 -19.76 51.36 -9.32
N ALA A 281 -19.03 50.36 -8.83
CA ALA A 281 -17.65 50.16 -9.26
C ALA A 281 -17.61 49.68 -10.71
N VAL A 282 -16.41 49.77 -11.29
CA VAL A 282 -16.18 49.39 -12.68
C VAL A 282 -15.14 48.27 -12.72
N LEU A 283 -15.38 47.27 -13.55
CA LEU A 283 -14.52 46.12 -13.67
C LEU A 283 -14.06 45.94 -15.12
N MET A 284 -13.09 45.07 -15.30
CA MET A 284 -12.43 44.85 -16.58
C MET A 284 -12.91 43.54 -17.21
N THR A 285 -12.70 43.41 -18.52
CA THR A 285 -13.17 42.28 -19.30
C THR A 285 -11.99 41.55 -19.93
N ASP A 286 -12.11 40.21 -20.02
CA ASP A 286 -10.99 39.39 -20.47
C ASP A 286 -10.53 39.77 -21.87
N GLU A 287 -11.46 39.89 -22.81
CA GLU A 287 -11.09 40.34 -24.16
C GLU A 287 -10.57 41.76 -24.13
N ALA A 288 -11.19 42.63 -23.34
CA ALA A 288 -10.71 43.99 -23.20
C ALA A 288 -9.32 44.02 -22.61
N ARG A 289 -9.07 43.19 -21.58
CA ARG A 289 -7.75 43.15 -20.97
C ARG A 289 -6.70 42.65 -21.96
N LYS A 290 -7.04 41.63 -22.74
CA LYS A 290 -6.08 41.08 -23.69
C LYS A 290 -5.77 42.09 -24.80
N THR A 291 -6.79 42.79 -25.29
CA THR A 291 -6.55 43.83 -26.29
C THR A 291 -5.72 44.98 -25.70
N PHE A 292 -5.99 45.34 -24.46
CA PHE A 292 -5.19 46.35 -23.77
C PHE A 292 -3.73 45.93 -23.69
N LEU A 293 -3.49 44.67 -23.33
CA LEU A 293 -2.12 44.17 -23.24
C LEU A 293 -1.45 44.12 -24.61
N LYS A 294 -2.20 43.76 -25.65
CA LYS A 294 -1.63 43.74 -27.00
C LYS A 294 -1.25 45.15 -27.45
N ALA A 295 -2.11 46.13 -27.18
CA ALA A 295 -1.78 47.51 -27.52
C ALA A 295 -0.59 48.01 -26.71
N TRP A 296 -0.50 47.59 -25.45
CA TRP A 296 0.66 47.93 -24.63
C TRP A 296 1.93 47.36 -25.21
N GLN A 297 1.89 46.10 -25.66
CA GLN A 297 3.04 45.48 -26.29
C GLN A 297 3.42 46.21 -27.57
N THR A 298 2.41 46.61 -28.36
CA THR A 298 2.68 47.36 -29.59
C THR A 298 3.35 48.68 -29.29
N LYS A 299 2.89 49.39 -28.25
CA LYS A 299 3.49 50.67 -27.91
C LYS A 299 4.90 50.49 -27.35
N LYS A 300 5.16 49.37 -26.66
CA LYS A 300 6.48 49.17 -26.06
C LYS A 300 7.57 49.07 -27.11
N GLN A 301 7.23 48.74 -28.36
CA GLN A 301 8.22 48.51 -29.40
C GLN A 301 8.63 49.79 -30.14
N GLU A 302 8.03 50.94 -29.79
CA GLU A 302 8.35 52.18 -30.49
C GLU A 302 9.80 52.60 -30.20
N LYS A 303 10.41 53.21 -31.21
CA LYS A 303 11.82 53.61 -31.15
C LYS A 303 11.91 55.12 -31.07
N ILE A 304 12.54 55.63 -30.02
CA ILE A 304 12.67 57.05 -29.74
C ILE A 304 14.15 57.32 -29.42
N THR A 305 14.49 58.59 -29.20
CA THR A 305 15.84 58.99 -28.81
C THR A 305 15.88 59.25 -27.31
N HIS A 306 17.09 59.19 -26.75
CA HIS A 306 17.30 59.46 -25.34
C HIS A 306 17.83 60.88 -25.16
N PRO A 307 17.08 61.78 -24.52
CA PRO A 307 17.55 63.18 -24.42
C PRO A 307 18.91 63.33 -23.78
N TYR A 308 19.22 62.53 -22.75
CA TYR A 308 20.47 62.75 -22.03
C TYR A 308 21.69 62.24 -22.78
N LEU A 309 21.55 61.16 -23.56
CA LEU A 309 22.66 60.60 -24.31
C LEU A 309 22.53 60.75 -25.82
N GLY A 310 21.32 60.65 -26.36
CA GLY A 310 21.09 60.76 -27.78
C GLY A 310 21.03 59.44 -28.52
N GLU A 311 21.48 58.35 -27.90
CA GLU A 311 21.45 57.05 -28.56
C GLU A 311 20.01 56.57 -28.72
N LYS A 312 19.72 56.00 -29.89
CA LYS A 312 18.38 55.49 -30.17
C LYS A 312 18.06 54.30 -29.27
N MET A 313 16.86 54.30 -28.70
CA MET A 313 16.43 53.22 -27.82
C MET A 313 14.93 53.01 -27.99
N SER A 314 14.48 51.79 -27.66
CA SER A 314 13.05 51.54 -27.60
C SER A 314 12.52 51.90 -26.22
N TRP A 315 11.18 52.03 -26.13
CA TRP A 315 10.57 52.39 -24.86
C TRP A 315 10.86 51.34 -23.80
N GLY A 316 10.81 50.06 -24.16
CA GLY A 316 10.98 49.00 -23.19
C GLY A 316 12.30 49.03 -22.46
N LEU A 317 13.31 49.70 -23.03
CA LEU A 317 14.61 49.78 -22.39
C LEU A 317 14.81 51.06 -21.59
N VAL A 318 13.89 52.01 -21.69
CA VAL A 318 14.10 53.31 -21.03
C VAL A 318 14.16 53.20 -19.52
N PRO A 319 13.21 52.56 -18.83
CA PRO A 319 13.27 52.55 -17.36
C PRO A 319 14.51 51.87 -16.82
N TYR A 320 15.06 50.89 -17.53
CA TYR A 320 16.19 50.12 -17.02
C TYR A 320 17.43 51.00 -16.91
N VAL A 321 17.87 51.57 -18.04
CA VAL A 321 19.10 52.34 -18.06
C VAL A 321 19.04 53.49 -17.07
N GLN A 322 17.87 54.13 -16.97
CA GLN A 322 17.72 55.22 -16.01
C GLN A 322 18.01 54.74 -14.60
N ALA A 323 17.44 53.59 -14.21
CA ALA A 323 17.77 53.02 -12.92
C ALA A 323 19.25 52.75 -12.81
N LEU A 324 19.86 52.27 -13.90
CA LEU A 324 21.30 52.10 -13.94
C LEU A 324 22.00 53.40 -13.57
N LEU A 325 21.54 54.51 -14.15
CA LEU A 325 22.10 55.81 -13.79
C LEU A 325 22.02 56.05 -12.29
N LEU A 326 20.86 55.76 -11.70
CA LEU A 326 20.73 55.90 -10.25
C LEU A 326 21.76 55.05 -9.54
N ALA A 327 21.97 53.81 -10.01
CA ALA A 327 23.03 52.98 -9.46
C ALA A 327 24.38 53.67 -9.62
N ARG A 328 24.65 54.18 -10.82
CA ARG A 328 25.90 54.91 -11.03
C ARG A 328 25.96 56.17 -10.18
N PHE A 329 24.80 56.71 -9.78
CA PHE A 329 24.80 57.82 -8.84
C PHE A 329 25.30 57.37 -7.47
N LEU A 330 24.88 56.19 -7.02
CA LEU A 330 25.31 55.71 -5.70
C LEU A 330 26.82 55.50 -5.67
N ARG A 331 27.37 54.89 -6.71
CA ARG A 331 28.81 54.68 -6.82
C ARG A 331 29.24 55.14 -8.21
N GLY A 332 29.77 56.36 -8.28
CA GLY A 332 30.23 56.87 -9.55
C GLY A 332 30.68 58.31 -9.41
N ASP A 333 31.11 58.88 -10.53
CA ASP A 333 31.57 60.26 -10.58
C ASP A 333 30.48 61.23 -10.99
N LEU A 334 29.25 60.77 -11.17
CA LEU A 334 28.16 61.65 -11.57
C LEU A 334 27.85 62.63 -10.44
N ASP A 335 27.78 63.91 -10.78
CA ASP A 335 27.51 64.93 -9.78
C ASP A 335 26.10 64.79 -9.20
N GLU A 336 25.10 64.64 -10.07
CA GLU A 336 23.71 64.52 -9.65
C GLU A 336 23.01 63.54 -10.57
N TYR A 337 21.95 62.92 -10.06
CA TYR A 337 21.15 62.02 -10.86
C TYR A 337 20.45 62.80 -11.97
N PRO A 338 20.64 62.42 -13.24
CA PRO A 338 19.98 63.12 -14.33
C PRO A 338 18.55 62.63 -14.52
N PRO A 339 17.57 63.49 -14.31
CA PRO A 339 16.18 63.09 -14.53
C PRO A 339 15.86 62.94 -16.02
N PHE A 340 14.75 62.26 -16.30
CA PHE A 340 14.29 62.04 -17.67
C PHE A 340 13.63 63.30 -18.20
N LEU A 341 14.47 64.32 -18.42
CA LEU A 341 13.99 65.59 -18.94
C LEU A 341 13.65 65.47 -20.41
N TRP A 342 12.45 65.02 -20.71
CA TRP A 342 12.03 64.71 -22.08
C TRP A 342 10.99 65.71 -22.54
N LYS A 343 11.16 66.21 -23.76
CA LYS A 343 10.24 67.18 -24.34
C LYS A 343 9.30 66.53 -25.34
N MET B 1 12.12 22.42 11.34
CA MET B 1 11.15 21.36 11.05
C MET B 1 10.81 21.35 9.57
N LYS B 2 11.58 20.58 8.80
CA LYS B 2 11.36 20.43 7.36
C LYS B 2 11.59 18.96 7.02
N LYS B 3 11.76 18.67 5.73
CA LYS B 3 11.91 17.29 5.27
C LYS B 3 13.32 16.92 4.83
N LEU B 4 14.20 17.90 4.60
CA LEU B 4 15.54 17.67 4.07
C LEU B 4 15.46 16.94 2.72
N LEU B 5 14.96 17.68 1.73
CA LEU B 5 14.79 17.14 0.40
C LEU B 5 16.13 16.65 -0.15
N ASN B 6 16.06 15.84 -1.20
CA ASN B 6 17.25 15.26 -1.78
C ASN B 6 17.97 16.27 -2.68
N THR B 7 19.12 15.86 -3.20
CA THR B 7 19.98 16.72 -3.99
C THR B 7 20.37 16.00 -5.26
N LEU B 8 20.60 16.75 -6.34
CA LEU B 8 21.00 16.19 -7.62
C LEU B 8 22.42 16.62 -7.95
N TYR B 9 23.23 15.67 -8.39
CA TYR B 9 24.60 15.94 -8.80
C TYR B 9 24.80 15.37 -10.19
N VAL B 10 25.11 16.24 -11.15
CA VAL B 10 25.33 15.84 -12.54
C VAL B 10 26.82 15.80 -12.80
N THR B 11 27.31 14.68 -13.32
CA THR B 11 28.73 14.50 -13.58
C THR B 11 29.08 14.34 -15.05
N GLN B 12 28.18 13.77 -15.86
CA GLN B 12 28.47 13.60 -17.27
C GLN B 12 28.60 14.97 -17.95
N PRO B 13 29.59 15.16 -18.81
CA PRO B 13 29.77 16.48 -19.43
C PRO B 13 28.83 16.68 -20.62
N ASP B 14 28.68 17.94 -21.00
CA ASP B 14 27.79 18.35 -22.09
C ASP B 14 26.36 17.91 -21.82
N THR B 15 25.94 18.01 -20.56
CA THR B 15 24.57 17.70 -20.18
C THR B 15 23.71 18.96 -20.18
N TYR B 16 22.50 18.81 -20.71
CA TYR B 16 21.59 19.94 -20.88
C TYR B 16 20.36 19.71 -20.02
N LEU B 17 19.84 20.79 -19.43
CA LEU B 17 18.72 20.70 -18.51
C LEU B 17 17.50 21.39 -19.12
N SER B 18 16.38 20.69 -19.15
CA SER B 18 15.12 21.24 -19.65
C SER B 18 14.03 21.06 -18.61
N LEU B 19 12.95 21.81 -18.78
CA LEU B 19 11.82 21.80 -17.87
C LEU B 19 10.56 21.47 -18.64
N ASP B 20 9.84 20.44 -18.20
CA ASP B 20 8.57 20.07 -18.82
C ASP B 20 7.53 19.92 -17.73
N GLY B 21 6.51 20.76 -17.78
CA GLY B 21 5.53 20.76 -16.70
C GLY B 21 6.20 21.19 -15.42
N ASP B 22 6.42 20.24 -14.51
CA ASP B 22 7.14 20.48 -13.27
C ASP B 22 8.33 19.55 -13.12
N ASN B 23 8.72 18.88 -14.19
CA ASN B 23 9.77 17.86 -14.14
C ASN B 23 11.03 18.35 -14.83
N VAL B 24 12.16 18.04 -14.22
CA VAL B 24 13.47 18.37 -14.78
C VAL B 24 13.94 17.21 -15.64
N VAL B 25 14.37 17.51 -16.87
CA VAL B 25 14.76 16.49 -17.83
C VAL B 25 16.22 16.73 -18.20
N LEU B 26 17.03 15.69 -18.14
CA LEU B 26 18.41 15.77 -18.58
C LEU B 26 18.51 15.26 -20.02
N LEU B 27 19.13 16.04 -20.88
CA LEU B 27 19.31 15.73 -22.28
C LEU B 27 20.79 15.71 -22.64
N LYS B 28 21.10 14.99 -23.72
CA LYS B 28 22.41 15.08 -24.37
C LYS B 28 22.18 14.85 -25.86
N GLU B 29 22.01 15.95 -26.60
CA GLU B 29 21.75 15.92 -28.03
C GLU B 29 20.53 15.05 -28.33
N GLN B 30 19.38 15.48 -27.81
CA GLN B 30 18.08 14.85 -28.03
C GLN B 30 18.00 13.43 -27.48
N GLU B 31 18.99 13.00 -26.71
CA GLU B 31 18.95 11.71 -26.00
C GLU B 31 18.84 11.99 -24.52
N LYS B 32 17.77 11.51 -23.91
CA LYS B 32 17.41 11.90 -22.55
C LYS B 32 17.93 10.89 -21.54
N LEU B 33 18.68 11.38 -20.56
CA LEU B 33 19.20 10.54 -19.48
C LEU B 33 18.17 10.29 -18.38
N GLY B 34 17.06 10.99 -18.39
CA GLY B 34 16.02 10.78 -17.40
C GLY B 34 15.30 12.07 -17.08
N ARG B 35 14.27 11.94 -16.25
CA ARG B 35 13.49 13.07 -15.79
C ARG B 35 13.06 12.82 -14.35
N LEU B 36 13.03 13.88 -13.56
CA LEU B 36 12.79 13.83 -12.13
C LEU B 36 11.69 14.80 -11.74
N PRO B 37 10.95 14.48 -10.68
CA PRO B 37 10.02 15.47 -10.13
C PRO B 37 10.76 16.46 -9.26
N LEU B 38 10.43 17.74 -9.43
CA LEU B 38 11.15 18.81 -8.75
C LEU B 38 10.63 19.08 -7.35
N HIS B 39 9.56 18.41 -6.93
CA HIS B 39 9.07 18.57 -5.56
C HIS B 39 9.81 17.70 -4.56
N ASN B 40 11.01 17.23 -4.91
CA ASN B 40 11.85 16.46 -3.99
C ASN B 40 13.30 16.93 -3.99
N LEU B 41 13.60 18.04 -4.67
CA LEU B 41 14.96 18.52 -4.81
C LEU B 41 15.14 19.83 -4.07
N GLU B 42 16.38 20.10 -3.68
CA GLU B 42 16.78 21.38 -3.12
C GLU B 42 17.92 22.04 -3.90
N ALA B 43 18.89 21.25 -4.36
CA ALA B 43 20.07 21.78 -5.01
C ALA B 43 20.42 20.93 -6.23
N ILE B 44 20.94 21.60 -7.25
CA ILE B 44 21.43 20.95 -8.46
C ILE B 44 22.85 21.46 -8.70
N VAL B 45 23.81 20.56 -8.72
CA VAL B 45 25.21 20.90 -8.87
C VAL B 45 25.67 20.39 -10.23
N GLY B 46 25.87 21.30 -11.18
CA GLY B 46 26.34 20.94 -12.50
C GLY B 46 27.86 20.91 -12.55
N PHE B 47 28.39 19.99 -13.35
CA PHE B 47 29.82 19.80 -13.51
C PHE B 47 30.19 19.98 -14.98
N GLY B 48 31.12 20.89 -15.24
CA GLY B 48 31.53 21.15 -16.60
C GLY B 48 30.53 22.03 -17.34
N TYR B 49 30.54 21.88 -18.66
CA TYR B 49 29.70 22.71 -19.54
C TYR B 49 28.25 22.26 -19.42
N THR B 50 27.59 22.74 -18.36
CA THR B 50 26.20 22.40 -18.08
C THR B 50 25.32 23.59 -18.45
N GLY B 51 24.67 23.50 -19.60
CA GLY B 51 23.80 24.56 -20.06
C GLY B 51 22.38 24.36 -19.55
N ALA B 52 21.84 25.43 -18.94
CA ALA B 52 20.50 25.41 -18.39
C ALA B 52 19.66 26.46 -19.11
N SER B 53 18.51 26.06 -19.64
CA SER B 53 17.62 27.00 -20.28
C SER B 53 17.09 27.98 -19.24
N PRO B 54 16.79 29.22 -19.63
CA PRO B 54 16.41 30.23 -18.64
C PRO B 54 15.16 29.86 -17.86
N ALA B 55 14.22 29.17 -18.50
CA ALA B 55 12.97 28.82 -17.82
C ALA B 55 13.23 27.95 -16.61
N LEU B 56 14.16 27.00 -16.71
CA LEU B 56 14.50 26.18 -15.56
C LEU B 56 15.09 27.04 -14.44
N MET B 57 15.97 27.97 -14.79
CA MET B 57 16.56 28.84 -13.78
C MET B 57 15.48 29.60 -13.04
N GLY B 58 14.54 30.18 -13.78
CA GLY B 58 13.49 30.97 -13.14
C GLY B 58 12.57 30.13 -12.29
N TYR B 59 12.17 28.96 -12.80
CA TYR B 59 11.29 28.09 -12.03
C TYR B 59 11.95 27.63 -10.74
N CYS B 60 13.22 27.24 -10.81
CA CYS B 60 13.90 26.79 -9.61
C CYS B 60 14.21 27.94 -8.67
N ALA B 61 14.34 29.17 -9.20
CA ALA B 61 14.59 30.32 -8.33
C ALA B 61 13.34 30.72 -7.57
N GLU B 62 12.19 30.72 -8.25
CA GLU B 62 10.96 31.16 -7.59
C GLU B 62 10.46 30.18 -6.55
N ARG B 63 10.97 28.95 -6.55
CA ARG B 63 10.60 27.94 -5.56
C ARG B 63 11.77 27.55 -4.67
N ASN B 64 12.82 28.37 -4.63
CA ASN B 64 13.97 28.18 -3.75
C ASN B 64 14.63 26.82 -4.00
N ILE B 65 15.17 26.70 -5.21
CA ILE B 65 16.01 25.56 -5.60
C ILE B 65 17.33 26.14 -6.09
N SER B 66 18.40 25.84 -5.36
CA SER B 66 19.70 26.43 -5.68
C SER B 66 20.42 25.63 -6.75
N ILE B 67 20.98 26.33 -7.73
CA ILE B 67 21.74 25.71 -8.81
C ILE B 67 23.15 26.27 -8.78
N THR B 68 24.14 25.39 -8.80
CA THR B 68 25.54 25.80 -8.74
C THR B 68 26.30 25.16 -9.89
N PHE B 69 27.32 25.87 -10.38
CA PHE B 69 28.20 25.38 -11.44
C PHE B 69 29.60 25.18 -10.88
N LEU B 70 30.17 24.00 -11.13
CA LEU B 70 31.56 23.73 -10.86
C LEU B 70 32.18 23.11 -12.10
N THR B 71 33.44 23.43 -12.39
CA THR B 71 34.01 22.92 -13.64
C THR B 71 34.49 21.49 -13.50
N LYS B 72 35.54 21.26 -12.71
CA LYS B 72 36.04 19.90 -12.52
C LYS B 72 36.44 19.56 -11.10
N ASN B 73 36.79 20.53 -10.25
CA ASN B 73 37.30 20.23 -8.92
C ASN B 73 36.73 21.19 -7.89
N GLY B 74 35.43 21.47 -7.98
CA GLY B 74 34.73 22.20 -6.94
C GLY B 74 35.25 23.60 -6.67
N ARG B 75 35.42 24.40 -7.70
CA ARG B 75 35.80 25.79 -7.49
C ARG B 75 34.54 26.64 -7.34
N PHE B 76 34.72 27.96 -7.34
CA PHE B 76 33.64 28.92 -7.15
C PHE B 76 33.12 29.50 -8.46
N LEU B 77 33.01 28.69 -9.52
CA LEU B 77 32.71 29.18 -10.85
C LEU B 77 31.49 30.11 -10.89
N ALA B 78 30.41 29.75 -10.23
CA ALA B 78 29.22 30.59 -10.23
C ALA B 78 28.23 30.08 -9.20
N ARG B 79 27.18 30.86 -9.00
CA ARG B 79 25.98 30.44 -8.29
C ARG B 79 24.78 30.95 -9.09
N VAL B 80 23.58 30.85 -8.52
CA VAL B 80 22.39 31.42 -9.15
C VAL B 80 21.58 32.12 -8.07
N VAL B 81 21.17 33.36 -8.33
CA VAL B 81 20.40 34.16 -7.38
C VAL B 81 19.14 34.65 -8.07
N GLY B 82 18.03 34.64 -7.34
CA GLY B 82 16.75 35.09 -7.85
C GLY B 82 16.35 36.45 -7.32
N GLU B 83 15.06 36.72 -7.39
CA GLU B 83 14.51 38.03 -7.08
C GLU B 83 14.09 38.12 -5.61
N SER B 84 13.39 39.19 -5.26
CA SER B 84 13.23 39.57 -3.85
C SER B 84 11.89 39.10 -3.28
N ARG B 85 11.78 39.15 -1.95
CA ARG B 85 10.56 38.78 -1.25
C ARG B 85 10.15 39.90 -0.31
N GLY B 86 9.10 39.67 0.49
CA GLY B 86 8.64 40.67 1.43
C GLY B 86 9.23 40.54 2.82
N ASN B 87 10.56 40.55 2.93
CA ASN B 87 11.25 40.44 4.20
C ASN B 87 12.02 41.73 4.51
N VAL B 88 11.38 42.87 4.27
CA VAL B 88 12.06 44.16 4.33
C VAL B 88 12.59 44.43 5.73
N VAL B 89 11.78 44.15 6.76
CA VAL B 89 12.18 44.46 8.13
C VAL B 89 13.40 43.64 8.53
N LEU B 90 13.47 42.40 8.08
CA LEU B 90 14.59 41.53 8.45
C LEU B 90 15.90 42.06 7.89
N ARG B 91 15.93 42.38 6.60
CA ARG B 91 17.14 42.93 5.99
C ARG B 91 17.49 44.28 6.58
N LYS B 92 16.48 45.13 6.83
CA LYS B 92 16.74 46.43 7.44
C LYS B 92 17.41 46.26 8.79
N THR B 93 16.87 45.38 9.63
CA THR B 93 17.44 45.16 10.95
C THR B 93 18.85 44.59 10.85
N GLN B 94 19.07 43.68 9.90
CA GLN B 94 20.40 43.10 9.72
C GLN B 94 21.41 44.17 9.34
N TYR B 95 21.06 45.05 8.41
CA TYR B 95 21.97 46.14 8.04
C TYR B 95 22.21 47.09 9.22
N ARG B 96 21.16 47.42 9.96
CA ARG B 96 21.34 48.33 11.10
C ARG B 96 22.27 47.72 12.15
N ILE B 97 22.13 46.42 12.41
CA ILE B 97 23.02 45.77 13.37
C ILE B 97 24.44 45.69 12.82
N SER B 98 24.57 45.41 11.52
CA SER B 98 25.90 45.35 10.91
C SER B 98 26.61 46.70 10.98
N GLU B 99 25.85 47.79 10.91
CA GLU B 99 26.46 49.12 10.98
C GLU B 99 27.10 49.37 12.34
N ASN B 100 26.51 48.85 13.41
CA ASN B 100 27.04 49.04 14.75
C ASN B 100 28.08 47.97 15.06
N ASP B 101 29.22 48.40 15.60
CA ASP B 101 30.31 47.48 15.88
C ASP B 101 30.00 46.57 17.06
N GLN B 102 29.29 47.10 18.07
CA GLN B 102 29.20 46.41 19.36
C GLN B 102 28.41 45.10 19.26
N GLU B 103 27.23 45.14 18.66
CA GLU B 103 26.44 43.91 18.51
C GLU B 103 27.19 42.90 17.67
N SER B 104 27.90 43.37 16.63
CA SER B 104 28.74 42.49 15.85
C SER B 104 29.83 41.85 16.71
N THR B 105 30.34 42.60 17.71
CA THR B 105 31.37 42.04 18.57
C THR B 105 30.80 40.97 19.49
N LYS B 106 29.58 41.16 20.00
CA LYS B 106 28.94 40.05 20.74
C LYS B 106 28.70 38.85 19.84
N ILE B 107 28.30 39.08 18.59
CA ILE B 107 28.10 37.97 17.66
C ILE B 107 29.41 37.21 17.45
N ALA B 108 30.51 37.95 17.30
CA ALA B 108 31.83 37.33 17.18
C ALA B 108 32.20 36.58 18.46
N ARG B 109 31.86 37.14 19.62
CA ARG B 109 32.05 36.42 20.88
C ARG B 109 31.40 35.04 20.82
N ASN B 110 30.14 35.00 20.40
CA ASN B 110 29.43 33.73 20.33
C ASN B 110 30.04 32.79 19.30
N PHE B 111 30.45 33.32 18.14
CA PHE B 111 31.06 32.45 17.12
C PHE B 111 32.36 31.84 17.62
N ILE B 112 33.22 32.64 18.27
CA ILE B 112 34.47 32.09 18.75
C ILE B 112 34.23 31.17 19.94
N THR B 113 33.15 31.39 20.69
CA THR B 113 32.77 30.44 21.72
C THR B 113 32.42 29.08 21.10
N GLY B 114 31.67 29.10 19.99
CA GLY B 114 31.41 27.86 19.28
C GLY B 114 32.70 27.20 18.81
N LYS B 115 33.58 27.99 18.19
CA LYS B 115 34.92 27.53 17.86
C LYS B 115 35.57 26.77 19.01
N VAL B 116 35.77 27.45 20.13
CA VAL B 116 36.58 26.86 21.20
C VAL B 116 35.88 25.65 21.79
N TYR B 117 34.57 25.72 22.03
CA TYR B 117 33.89 24.60 22.67
C TYR B 117 33.87 23.38 21.76
N ASN B 118 33.50 23.55 20.50
CA ASN B 118 33.44 22.40 19.61
C ASN B 118 34.83 21.82 19.39
N SER B 119 35.85 22.67 19.25
CA SER B 119 37.21 22.17 19.06
C SER B 119 37.66 21.37 20.28
N LYS B 120 37.49 21.93 21.48
CA LYS B 120 37.92 21.24 22.68
C LYS B 120 37.15 19.94 22.88
N TRP B 121 35.85 19.94 22.59
CA TRP B 121 35.05 18.74 22.75
C TRP B 121 35.49 17.66 21.79
N MET B 122 35.73 18.01 20.53
CA MET B 122 36.16 17.01 19.56
C MET B 122 37.54 16.46 19.92
N LEU B 123 38.46 17.32 20.34
CA LEU B 123 39.80 16.82 20.67
C LEU B 123 39.79 15.98 21.94
N GLU B 124 38.96 16.33 22.93
CA GLU B 124 38.90 15.52 24.14
C GLU B 124 38.22 14.19 23.87
N ARG B 125 37.23 14.15 22.98
CA ARG B 125 36.65 12.88 22.58
C ARG B 125 37.69 12.03 21.84
N MET B 126 38.50 12.67 20.99
CA MET B 126 39.56 11.97 20.29
C MET B 126 40.56 11.38 21.27
N THR B 127 40.94 12.15 22.30
CA THR B 127 41.90 11.69 23.29
C THR B 127 41.34 10.60 24.19
N ARG B 128 40.06 10.69 24.54
CA ARG B 128 39.49 9.81 25.57
C ARG B 128 39.45 8.36 25.12
N GLU B 129 38.78 8.09 23.99
CA GLU B 129 38.55 6.73 23.54
C GLU B 129 39.75 6.14 22.81
N HIS B 130 40.94 6.72 22.95
CA HIS B 130 42.09 6.28 22.18
C HIS B 130 43.28 6.03 23.08
N PRO B 131 43.97 4.89 22.93
CA PRO B 131 45.15 4.61 23.76
C PRO B 131 46.36 5.45 23.36
N LEU B 132 47.53 5.08 23.90
CA LEU B 132 48.77 5.83 23.69
C LEU B 132 49.13 6.02 22.22
N ARG B 133 48.38 5.42 21.29
CA ARG B 133 48.56 5.70 19.87
C ARG B 133 48.49 7.20 19.58
N VAL B 134 47.66 7.93 20.33
CA VAL B 134 47.53 9.37 20.17
C VAL B 134 48.29 10.06 21.30
N ASN B 135 48.68 11.30 21.05
CA ASN B 135 49.39 12.12 22.04
C ASN B 135 48.34 12.65 23.02
N VAL B 136 48.12 11.89 24.10
CA VAL B 136 47.08 12.24 25.05
C VAL B 136 47.46 13.49 25.85
N GLU B 137 48.70 13.55 26.32
CA GLU B 137 49.10 14.63 27.23
C GLU B 137 49.11 15.98 26.54
N GLN B 138 49.70 16.05 25.34
CA GLN B 138 49.75 17.32 24.63
C GLN B 138 48.36 17.77 24.20
N PHE B 139 47.50 16.82 23.81
CA PHE B 139 46.12 17.15 23.47
C PHE B 139 45.39 17.73 24.68
N LYS B 140 45.57 17.12 25.86
CA LYS B 140 44.94 17.66 27.05
C LYS B 140 45.50 19.04 27.39
N ALA B 141 46.80 19.23 27.23
CA ALA B 141 47.41 20.54 27.50
C ALA B 141 46.83 21.61 26.58
N THR B 142 46.69 21.29 25.29
CA THR B 142 46.02 22.21 24.37
C THR B 142 44.57 22.43 24.78
N SER B 143 43.92 21.40 25.33
CA SER B 143 42.56 21.55 25.82
C SER B 143 42.49 22.58 26.94
N GLN B 144 43.40 22.51 27.91
CA GLN B 144 43.40 23.50 28.97
C GLN B 144 43.80 24.88 28.45
N LEU B 145 44.68 24.94 27.45
CA LEU B 145 45.01 26.24 26.85
C LEU B 145 43.78 26.88 26.22
N LEU B 146 43.01 26.10 25.45
CA LEU B 146 41.79 26.61 24.85
C LEU B 146 40.75 26.98 25.91
N SER B 147 40.65 26.15 26.96
CA SER B 147 39.72 26.45 28.04
C SER B 147 40.10 27.72 28.78
N VAL B 148 41.39 28.03 28.86
CA VAL B 148 41.82 29.30 29.43
C VAL B 148 41.47 30.45 28.49
N MET B 149 41.71 30.27 27.19
CA MET B 149 41.50 31.35 26.23
C MET B 149 40.02 31.66 26.04
N MET B 150 39.15 30.70 26.32
CA MET B 150 37.73 30.89 26.01
C MET B 150 37.08 31.95 26.89
N GLN B 151 37.45 32.02 28.18
CA GLN B 151 36.87 33.07 29.03
C GLN B 151 37.29 34.44 28.53
N GLU B 152 38.56 34.59 28.14
CA GLU B 152 39.03 35.88 27.64
C GLU B 152 38.31 36.25 26.35
N ILE B 153 38.13 35.28 25.45
CA ILE B 153 37.48 35.60 24.18
C ILE B 153 35.99 35.80 24.35
N ARG B 154 35.41 35.30 25.45
CA ARG B 154 33.98 35.49 25.69
C ARG B 154 33.63 36.95 25.94
N ASN B 155 34.59 37.79 26.32
CA ASN B 155 34.27 39.16 26.67
C ASN B 155 35.08 40.14 25.81
N CYS B 156 35.13 39.88 24.51
CA CYS B 156 35.84 40.75 23.57
C CYS B 156 34.89 41.78 22.98
N ASP B 157 35.45 42.94 22.62
CA ASP B 157 34.64 44.06 22.15
C ASP B 157 35.21 44.72 20.91
N SER B 158 36.21 44.13 20.26
CA SER B 158 36.78 44.68 19.04
C SER B 158 36.95 43.56 18.02
N LEU B 159 36.97 43.94 16.75
CA LEU B 159 37.03 42.97 15.66
C LEU B 159 38.46 42.59 15.29
N GLU B 160 39.38 43.55 15.28
CA GLU B 160 40.75 43.27 14.87
C GLU B 160 41.48 42.42 15.91
N SER B 161 41.35 42.79 17.20
CA SER B 161 41.98 42.00 18.25
C SER B 161 41.36 40.60 18.32
N LEU B 162 40.04 40.51 18.20
CA LEU B 162 39.38 39.20 18.20
C LEU B 162 39.84 38.36 17.01
N ARG B 163 40.05 39.00 15.87
CA ARG B 163 40.65 38.30 14.74
C ARG B 163 42.04 37.79 15.10
N GLY B 164 42.78 38.58 15.87
CA GLY B 164 44.09 38.13 16.34
C GLY B 164 43.99 36.87 17.19
N TRP B 165 43.08 36.87 18.17
CA TRP B 165 42.98 35.66 19.01
C TRP B 165 42.46 34.48 18.23
N GLU B 166 41.51 34.67 17.31
CA GLU B 166 41.03 33.53 16.55
C GLU B 166 42.12 32.98 15.64
N GLY B 167 42.94 33.85 15.07
CA GLY B 167 44.06 33.38 14.27
C GLY B 167 45.06 32.58 15.09
N GLN B 168 45.44 33.10 16.27
CA GLN B 168 46.39 32.37 17.08
C GLN B 168 45.81 31.05 17.60
N ALA B 169 44.51 31.02 17.91
CA ALA B 169 43.86 29.78 18.31
C ALA B 169 43.84 28.79 17.16
N ALA B 170 43.62 29.26 15.93
CA ALA B 170 43.66 28.38 14.78
C ALA B 170 45.06 27.79 14.58
N ILE B 171 46.10 28.61 14.77
CA ILE B 171 47.45 28.09 14.67
C ILE B 171 47.71 27.05 15.76
N ASN B 172 47.28 27.33 16.99
CA ASN B 172 47.47 26.38 18.07
C ASN B 172 46.76 25.07 17.80
N TYR B 173 45.54 25.14 17.26
CA TYR B 173 44.79 23.93 16.95
C TYR B 173 45.40 23.17 15.78
N ASN B 174 45.95 23.88 14.79
CA ASN B 174 46.64 23.21 13.70
C ASN B 174 47.90 22.50 14.19
N LYS B 175 48.55 23.08 15.21
CA LYS B 175 49.75 22.46 15.77
C LYS B 175 49.47 21.05 16.27
N VAL B 176 48.26 20.78 16.72
CA VAL B 176 47.88 19.42 17.13
C VAL B 176 47.14 18.67 16.03
N PHE B 177 46.49 19.38 15.09
CA PHE B 177 45.84 18.75 13.96
C PHE B 177 46.85 18.14 12.99
N ASP B 178 48.10 18.58 13.03
CA ASP B 178 49.13 18.04 12.16
C ASP B 178 49.51 16.59 12.47
N GLN B 179 48.83 15.93 13.41
CA GLN B 179 49.23 14.62 13.89
C GLN B 179 48.37 13.47 13.36
N MET B 180 47.19 13.76 12.81
CA MET B 180 46.24 12.71 12.47
C MET B 180 46.69 11.89 11.27
N ILE B 181 47.61 10.94 11.50
CA ILE B 181 48.09 10.02 10.47
C ILE B 181 47.94 8.59 10.98
N LEU B 182 46.93 8.36 11.83
CA LEU B 182 46.85 7.11 12.59
C LEU B 182 46.82 5.88 11.69
N GLN B 183 45.77 5.74 10.88
CA GLN B 183 45.53 4.54 10.11
C GLN B 183 45.81 4.74 8.62
N GLN B 184 46.66 5.71 8.28
CA GLN B 184 47.03 5.96 6.90
C GLN B 184 48.53 6.16 6.82
N LYS B 185 49.11 5.76 5.69
CA LYS B 185 50.54 5.88 5.48
C LYS B 185 50.93 7.35 5.31
N GLU B 186 52.24 7.60 5.19
CA GLU B 186 52.77 8.95 5.24
C GLU B 186 52.43 9.80 4.02
N GLU B 187 51.97 9.19 2.92
CA GLU B 187 51.70 9.98 1.72
C GLU B 187 50.51 10.90 1.89
N PHE B 188 49.71 10.70 2.94
CA PHE B 188 48.56 11.56 3.23
C PHE B 188 48.81 12.45 4.44
N ALA B 189 50.05 12.87 4.65
CA ALA B 189 50.38 13.71 5.80
C ALA B 189 50.10 15.18 5.50
N PHE B 190 49.48 15.87 6.45
CA PHE B 190 49.22 17.29 6.29
C PHE B 190 50.52 18.06 6.41
N HIS B 191 50.77 18.95 5.44
CA HIS B 191 52.04 19.66 5.33
C HIS B 191 51.80 21.15 5.09
N GLY B 192 50.91 21.73 5.88
CA GLY B 192 50.62 23.15 5.76
C GLY B 192 49.42 23.43 4.88
N ARG B 193 49.19 24.71 4.64
CA ARG B 193 48.03 25.18 3.91
C ARG B 193 48.41 25.53 2.47
N SER B 194 47.48 25.30 1.55
CA SER B 194 47.67 25.64 0.14
C SER B 194 46.33 26.14 -0.38
N ARG B 195 46.20 27.47 -0.49
CA ARG B 195 44.91 28.06 -0.79
C ARG B 195 44.48 27.75 -2.23
N ARG B 196 45.21 28.25 -3.21
CA ARG B 196 44.82 28.03 -4.60
C ARG B 196 45.17 26.62 -5.10
N PRO B 197 46.41 26.17 -5.00
CA PRO B 197 46.76 24.87 -5.61
C PRO B 197 46.53 23.73 -4.63
N PRO B 198 45.74 22.73 -5.02
CA PRO B 198 45.70 21.48 -4.25
C PRO B 198 46.97 20.68 -4.47
N LYS B 199 48.09 21.19 -3.95
CA LYS B 199 49.40 20.65 -4.31
C LYS B 199 49.56 19.20 -3.85
N ASP B 200 49.04 18.84 -2.68
CA ASP B 200 49.24 17.52 -2.12
C ASP B 200 47.89 16.84 -1.94
N ASN B 201 47.91 15.70 -1.27
CA ASN B 201 46.68 14.98 -0.98
C ASN B 201 45.92 15.67 0.15
N VAL B 202 44.80 15.07 0.54
CA VAL B 202 43.99 15.54 1.67
C VAL B 202 43.48 16.95 1.41
N ASN B 203 44.40 17.90 1.22
CA ASN B 203 44.00 19.28 0.95
C ASN B 203 43.15 19.38 -0.31
N ALA B 204 43.39 18.50 -1.29
CA ALA B 204 42.51 18.44 -2.45
C ALA B 204 41.11 18.05 -2.05
N MET B 205 40.97 17.05 -1.16
CA MET B 205 39.67 16.72 -0.61
C MET B 205 39.13 17.87 0.24
N LEU B 206 40.02 18.57 0.94
CA LEU B 206 39.58 19.66 1.80
C LEU B 206 38.93 20.78 0.99
N SER B 207 39.49 21.09 -0.17
CA SER B 207 38.92 22.14 -1.02
C SER B 207 37.51 21.77 -1.48
N PHE B 208 37.34 20.52 -1.93
CA PHE B 208 36.02 20.07 -2.38
C PHE B 208 35.02 20.09 -1.24
N ALA B 209 35.44 19.63 -0.06
CA ALA B 209 34.55 19.66 1.10
C ALA B 209 34.15 21.08 1.45
N TYR B 210 35.11 22.01 1.41
CA TYR B 210 34.81 23.40 1.72
C TYR B 210 33.82 23.98 0.73
N THR B 211 34.01 23.70 -0.56
CA THR B 211 33.07 24.19 -1.56
C THR B 211 31.68 23.61 -1.35
N LEU B 212 31.61 22.31 -1.08
CA LEU B 212 30.32 21.65 -0.92
C LEU B 212 29.59 22.12 0.33
N LEU B 213 30.33 22.48 1.38
CA LEU B 213 29.71 23.04 2.58
C LEU B 213 29.27 24.48 2.35
N ALA B 214 30.10 25.28 1.67
CA ALA B 214 29.75 26.68 1.43
C ALA B 214 28.52 26.80 0.54
N ASN B 215 28.43 25.96 -0.49
CA ASN B 215 27.29 26.05 -1.40
C ASN B 215 25.99 25.58 -0.77
N ASP B 216 26.05 24.91 0.37
CA ASP B 216 24.85 24.56 1.12
C ASP B 216 24.52 25.62 2.16
N VAL B 217 25.55 26.21 2.78
CA VAL B 217 25.31 27.29 3.73
C VAL B 217 24.69 28.48 3.03
N ALA B 218 25.18 28.80 1.83
CA ALA B 218 24.59 29.90 1.06
C ALA B 218 23.14 29.61 0.71
N ALA B 219 22.83 28.36 0.33
CA ALA B 219 21.46 28.01 0.00
C ALA B 219 20.55 28.16 1.22
N ALA B 220 21.01 27.72 2.39
CA ALA B 220 20.19 27.87 3.59
C ALA B 220 19.97 29.33 3.93
N LEU B 221 21.02 30.15 3.84
CA LEU B 221 20.90 31.57 4.17
C LEU B 221 20.00 32.29 3.18
N GLU B 222 19.93 31.83 1.93
CA GLU B 222 18.94 32.36 1.02
C GLU B 222 17.54 31.85 1.37
N THR B 223 17.46 30.63 1.92
CA THR B 223 16.17 30.07 2.31
C THR B 223 15.51 30.89 3.41
N VAL B 224 16.30 31.30 4.41
CA VAL B 224 15.71 31.99 5.56
C VAL B 224 15.11 33.34 5.19
N GLY B 225 15.55 33.93 4.07
CA GLY B 225 15.11 35.25 3.68
C GLY B 225 16.11 36.36 3.97
N LEU B 226 17.23 36.03 4.60
CA LEU B 226 18.26 37.00 4.93
C LEU B 226 19.22 37.17 3.76
N ASP B 227 19.94 38.29 3.76
CA ASP B 227 20.94 38.59 2.74
C ASP B 227 22.33 38.32 3.31
N ALA B 228 23.11 37.50 2.61
CA ALA B 228 24.34 36.92 3.14
C ALA B 228 25.59 37.56 2.55
N TYR B 229 25.56 38.88 2.30
CA TYR B 229 26.70 39.55 1.69
C TYR B 229 27.19 40.75 2.49
N VAL B 230 26.84 40.83 3.77
CA VAL B 230 27.42 41.80 4.70
C VAL B 230 27.80 41.06 5.98
N GLY B 231 29.09 40.77 6.13
CA GLY B 231 29.52 39.87 7.19
C GLY B 231 29.64 40.55 8.54
N PHE B 232 29.30 39.80 9.58
CA PHE B 232 29.51 40.21 10.96
C PHE B 232 30.92 39.88 11.45
N MET B 233 31.70 39.17 10.65
CA MET B 233 33.07 38.81 10.98
C MET B 233 33.93 39.09 9.76
N HIS B 234 35.25 39.12 9.96
CA HIS B 234 36.23 39.43 8.92
C HIS B 234 36.06 40.86 8.44
N GLN B 235 37.02 41.36 7.67
CA GLN B 235 36.87 42.65 7.03
C GLN B 235 35.90 42.52 5.87
N ASP B 236 34.98 43.48 5.74
CA ASP B 236 33.92 43.41 4.74
C ASP B 236 34.52 43.73 3.36
N ARG B 237 35.16 42.72 2.78
CA ARG B 237 35.66 42.86 1.42
C ARG B 237 34.49 42.84 0.45
N PRO B 238 34.33 43.88 -0.38
CA PRO B 238 33.20 43.90 -1.30
C PRO B 238 33.28 42.78 -2.32
N GLY B 239 32.13 42.20 -2.64
CA GLY B 239 32.07 41.16 -3.64
C GLY B 239 32.39 39.77 -3.14
N ARG B 240 31.86 39.39 -1.98
CA ARG B 240 32.03 38.04 -1.45
C ARG B 240 30.79 37.66 -0.67
N ALA B 241 30.47 36.36 -0.68
CA ALA B 241 29.38 35.82 0.13
C ALA B 241 29.86 35.79 1.59
N SER B 242 29.74 36.95 2.24
CA SER B 242 30.35 37.13 3.55
C SER B 242 29.69 36.27 4.60
N LEU B 243 28.36 36.34 4.71
CA LEU B 243 27.69 35.60 5.78
C LEU B 243 27.70 34.10 5.53
N ALA B 244 27.88 33.68 4.28
CA ALA B 244 28.07 32.24 4.04
C ALA B 244 29.24 31.71 4.83
N LEU B 245 30.42 32.34 4.68
CA LEU B 245 31.58 31.97 5.47
C LEU B 245 31.34 32.24 6.96
N ASP B 246 30.68 33.36 7.26
CA ASP B 246 30.40 33.71 8.65
C ASP B 246 29.70 32.57 9.39
N LEU B 247 28.64 32.03 8.80
CA LEU B 247 27.91 30.95 9.46
C LEU B 247 28.64 29.62 9.34
N MET B 248 29.26 29.33 8.19
CA MET B 248 29.90 28.03 8.08
C MET B 248 31.16 27.91 8.93
N GLU B 249 31.62 29.03 9.51
CA GLU B 249 32.74 28.96 10.44
C GLU B 249 32.54 27.90 11.50
N GLU B 250 31.48 28.03 12.31
CA GLU B 250 31.30 27.10 13.42
C GLU B 250 31.02 25.68 12.93
N LEU B 251 30.39 25.52 11.77
CA LEU B 251 30.19 24.19 11.21
C LEU B 251 31.49 23.55 10.76
N ARG B 252 32.48 24.36 10.37
CA ARG B 252 33.72 23.85 9.82
C ARG B 252 34.42 22.87 10.77
N GLY B 253 34.19 23.01 12.08
CA GLY B 253 34.89 22.16 13.03
C GLY B 253 34.41 20.72 13.06
N LEU B 254 33.22 20.44 12.57
CA LEU B 254 32.69 19.08 12.63
C LEU B 254 32.08 18.58 11.34
N TYR B 255 31.60 19.45 10.46
CA TYR B 255 30.82 19.01 9.31
C TYR B 255 31.65 18.35 8.23
N ALA B 256 32.84 18.88 7.93
CA ALA B 256 33.65 18.37 6.83
C ALA B 256 34.97 17.78 7.29
N ASP B 257 35.65 18.43 8.23
CA ASP B 257 36.95 17.95 8.68
C ASP B 257 36.83 16.58 9.34
N ARG B 258 35.84 16.41 10.22
CA ARG B 258 35.66 15.14 10.89
C ARG B 258 35.30 14.04 9.91
N PHE B 259 34.45 14.36 8.92
CA PHE B 259 34.12 13.38 7.89
C PHE B 259 35.36 12.93 7.13
N VAL B 260 36.21 13.89 6.75
CA VAL B 260 37.42 13.55 6.00
C VAL B 260 38.35 12.70 6.85
N LEU B 261 38.52 13.07 8.13
CA LEU B 261 39.40 12.30 9.00
C LEU B 261 38.87 10.89 9.20
N SER B 262 37.56 10.74 9.40
CA SER B 262 36.96 9.41 9.55
C SER B 262 37.17 8.60 8.27
N LEU B 263 37.03 9.24 7.12
CA LEU B 263 37.30 8.54 5.86
C LEU B 263 38.75 8.07 5.79
N ILE B 264 39.69 8.93 6.19
CA ILE B 264 41.11 8.58 6.08
C ILE B 264 41.45 7.43 7.02
N ASN B 265 40.99 7.49 8.27
CA ASN B 265 41.27 6.39 9.20
C ASN B 265 40.54 5.13 8.77
N ARG B 266 39.33 5.26 8.25
CA ARG B 266 38.62 4.09 7.73
C ARG B 266 39.20 3.60 6.41
N LYS B 267 40.14 4.35 5.83
CA LYS B 267 40.81 3.96 4.58
C LYS B 267 39.79 3.74 3.47
N GLU B 268 38.77 4.59 3.42
CA GLU B 268 37.78 4.50 2.36
C GLU B 268 38.36 4.90 1.01
N MET B 269 39.48 5.61 1.01
CA MET B 269 40.19 5.99 -0.20
C MET B 269 41.62 5.48 -0.15
N THR B 270 42.21 5.35 -1.34
CA THR B 270 43.55 4.80 -1.49
C THR B 270 44.39 5.78 -2.31
N ALA B 271 45.71 5.71 -2.12
CA ALA B 271 46.61 6.67 -2.75
C ALA B 271 46.48 6.68 -4.26
N ASP B 272 46.08 5.56 -4.86
CA ASP B 272 45.88 5.52 -6.31
C ASP B 272 44.67 6.32 -6.77
N GLY B 273 43.82 6.76 -5.84
CA GLY B 273 42.63 7.50 -6.23
C GLY B 273 42.96 8.83 -6.88
N PHE B 274 44.06 9.46 -6.46
CA PHE B 274 44.46 10.74 -7.01
C PHE B 274 45.58 10.56 -8.03
N TYR B 275 45.43 11.24 -9.17
CA TYR B 275 46.42 11.20 -10.23
C TYR B 275 47.00 12.60 -10.41
N LYS B 276 48.13 12.66 -11.11
CA LYS B 276 48.82 13.93 -11.33
C LYS B 276 49.25 14.03 -12.77
N LYS B 277 49.00 15.19 -13.38
CA LYS B 277 49.58 15.54 -14.66
C LYS B 277 50.94 16.20 -14.40
N GLU B 278 51.50 16.89 -15.39
CA GLU B 278 52.86 17.41 -15.28
C GLU B 278 53.07 18.20 -13.99
N ASN B 279 52.20 19.16 -13.71
CA ASN B 279 52.12 19.73 -12.37
C ASN B 279 50.76 19.47 -11.74
N GLY B 280 49.68 19.96 -12.35
CA GLY B 280 48.32 19.57 -12.04
C GLY B 280 47.87 19.61 -10.59
N ALA B 281 48.70 20.16 -9.70
CA ALA B 281 48.45 20.09 -8.26
C ALA B 281 48.15 18.63 -7.93
N VAL B 282 47.00 18.31 -7.34
CA VAL B 282 46.54 16.94 -7.18
C VAL B 282 45.09 16.87 -7.66
N LEU B 283 44.80 15.91 -8.54
CA LEU B 283 43.48 15.78 -9.14
C LEU B 283 42.83 14.48 -8.72
N MET B 284 41.51 14.53 -8.57
CA MET B 284 40.68 13.38 -8.23
C MET B 284 39.97 12.85 -9.46
N THR B 285 39.57 11.58 -9.39
CA THR B 285 39.01 10.86 -10.52
C THR B 285 37.48 10.86 -10.47
N ASP B 286 36.88 10.33 -11.53
CA ASP B 286 35.43 10.17 -11.55
C ASP B 286 34.98 9.19 -10.47
N GLU B 287 35.73 8.10 -10.27
CA GLU B 287 35.42 7.19 -9.18
C GLU B 287 35.56 7.86 -7.83
N ALA B 288 36.62 8.66 -7.65
CA ALA B 288 36.80 9.39 -6.41
C ALA B 288 35.64 10.35 -6.17
N ARG B 289 35.23 11.08 -7.21
CA ARG B 289 34.11 12.00 -7.10
C ARG B 289 32.83 11.28 -6.73
N LYS B 290 32.56 10.16 -7.40
CA LYS B 290 31.34 9.41 -7.12
C LYS B 290 31.33 8.88 -5.69
N THR B 291 32.47 8.33 -5.25
CA THR B 291 32.55 7.80 -3.88
C THR B 291 32.37 8.92 -2.86
N PHE B 292 33.01 10.06 -3.09
CA PHE B 292 32.90 11.17 -2.16
C PHE B 292 31.46 11.68 -2.07
N LEU B 293 30.79 11.85 -3.22
CA LEU B 293 29.42 12.33 -3.20
C LEU B 293 28.48 11.32 -2.55
N LYS B 294 28.66 10.02 -2.85
CA LYS B 294 27.82 9.02 -2.23
C LYS B 294 27.99 9.00 -0.71
N ALA B 295 29.24 9.06 -0.24
CA ALA B 295 29.48 9.06 1.19
C ALA B 295 28.93 10.33 1.85
N TRP B 296 29.08 11.48 1.18
CA TRP B 296 28.54 12.72 1.71
C TRP B 296 27.03 12.64 1.88
N GLN B 297 26.34 12.19 0.84
CA GLN B 297 24.88 12.11 0.92
C GLN B 297 24.44 11.08 1.94
N THR B 298 25.17 9.96 2.03
CA THR B 298 24.85 8.94 3.03
C THR B 298 24.98 9.50 4.44
N LYS B 299 26.05 10.26 4.70
CA LYS B 299 26.22 10.85 6.02
C LYS B 299 25.18 11.92 6.29
N LYS B 300 24.76 12.65 5.26
CA LYS B 300 23.81 13.74 5.45
C LYS B 300 22.46 13.28 5.97
N GLN B 301 22.15 11.99 5.86
CA GLN B 301 20.89 11.44 6.35
C GLN B 301 20.98 10.99 7.80
N GLU B 302 22.12 11.20 8.46
CA GLU B 302 22.26 10.81 9.84
C GLU B 302 21.35 11.65 10.73
N LYS B 303 20.92 11.05 11.84
CA LYS B 303 19.94 11.65 12.74
C LYS B 303 20.57 11.95 14.09
N ILE B 304 20.40 13.17 14.58
CA ILE B 304 20.94 13.61 15.85
C ILE B 304 19.82 14.28 16.64
N THR B 305 20.16 14.70 17.86
CA THR B 305 19.29 15.52 18.68
C THR B 305 19.96 16.84 18.95
N HIS B 306 19.25 17.92 18.71
CA HIS B 306 19.83 19.25 18.87
C HIS B 306 19.89 19.59 20.37
N PRO B 307 21.02 20.11 20.84
CA PRO B 307 21.16 20.36 22.29
C PRO B 307 20.21 21.43 22.81
N TYR B 308 20.24 22.61 22.18
CA TYR B 308 19.43 23.72 22.67
C TYR B 308 17.94 23.47 22.44
N LEU B 309 17.56 23.06 21.23
CA LEU B 309 16.17 22.79 20.94
C LEU B 309 15.67 21.49 21.55
N GLY B 310 16.57 20.54 21.80
CA GLY B 310 16.15 19.27 22.39
C GLY B 310 15.21 18.48 21.53
N GLU B 311 15.44 18.45 20.21
CA GLU B 311 14.55 17.77 19.30
C GLU B 311 15.36 16.90 18.33
N LYS B 312 14.70 15.88 17.82
CA LYS B 312 15.33 14.85 16.99
C LYS B 312 15.18 15.25 15.54
N MET B 313 16.31 15.40 14.83
CA MET B 313 16.27 15.85 13.44
C MET B 313 17.47 15.32 12.69
N SER B 314 17.37 15.33 11.37
CA SER B 314 18.45 14.87 10.51
C SER B 314 19.66 15.80 10.61
N TRP B 315 20.85 15.21 10.56
CA TRP B 315 22.07 15.99 10.75
C TRP B 315 22.27 17.00 9.64
N GLY B 316 21.93 16.63 8.41
CA GLY B 316 22.01 17.58 7.30
C GLY B 316 21.16 18.81 7.46
N LEU B 317 20.31 18.85 8.49
CA LEU B 317 19.51 20.03 8.80
C LEU B 317 20.15 20.93 9.85
N VAL B 318 21.45 20.78 10.12
CA VAL B 318 22.14 21.77 10.95
C VAL B 318 22.17 23.15 10.30
N PRO B 319 22.54 23.32 9.01
CA PRO B 319 22.82 24.68 8.54
C PRO B 319 21.58 25.54 8.37
N TYR B 320 20.43 24.94 8.06
CA TYR B 320 19.20 25.71 7.97
C TYR B 320 18.72 26.13 9.36
N VAL B 321 18.47 25.14 10.22
CA VAL B 321 17.95 25.41 11.56
C VAL B 321 18.84 26.39 12.29
N GLN B 322 20.16 26.14 12.27
CA GLN B 322 21.12 27.06 12.87
C GLN B 322 20.90 28.47 12.33
N ALA B 323 20.89 28.61 11.00
CA ALA B 323 20.64 29.92 10.39
C ALA B 323 19.28 30.45 10.81
N LEU B 324 18.28 29.58 10.93
CA LEU B 324 16.96 30.01 11.36
C LEU B 324 17.03 30.63 12.76
N LEU B 325 17.84 30.04 13.65
CA LEU B 325 17.96 30.60 14.98
C LEU B 325 18.52 32.01 14.95
N LEU B 326 19.17 32.40 13.85
CA LEU B 326 19.63 33.77 13.73
C LEU B 326 18.46 34.72 13.44
N ALA B 327 17.55 34.32 12.57
CA ALA B 327 16.52 35.23 12.09
C ALA B 327 15.66 35.74 13.23
N ARG B 328 15.23 34.83 14.11
CA ARG B 328 14.44 35.23 15.27
C ARG B 328 15.21 36.19 16.16
N PHE B 329 16.52 35.96 16.31
CA PHE B 329 17.32 36.87 17.10
C PHE B 329 17.39 38.26 16.46
N LEU B 330 17.23 38.34 15.14
CA LEU B 330 17.16 39.63 14.48
C LEU B 330 15.88 40.38 14.81
N ARG B 331 14.89 39.71 15.40
CA ARG B 331 13.69 40.38 15.87
C ARG B 331 13.73 40.63 17.37
N GLY B 332 14.88 40.45 18.01
CA GLY B 332 15.01 40.66 19.43
C GLY B 332 14.42 39.57 20.29
N ASP B 333 14.10 38.41 19.71
CA ASP B 333 13.45 37.35 20.47
C ASP B 333 14.33 36.84 21.61
N LEU B 334 15.57 36.47 21.31
CA LEU B 334 16.51 35.99 22.31
C LEU B 334 17.47 37.12 22.66
N ASP B 335 18.38 36.86 23.59
CA ASP B 335 19.27 37.95 23.99
C ASP B 335 20.57 37.89 23.21
N GLU B 336 21.05 36.69 22.85
CA GLU B 336 22.13 36.58 21.87
C GLU B 336 21.92 35.31 21.05
N TYR B 337 22.66 35.22 19.95
CA TYR B 337 22.54 34.10 19.03
C TYR B 337 23.28 32.88 19.58
N PRO B 338 22.61 31.75 19.75
CA PRO B 338 23.27 30.56 20.34
C PRO B 338 24.21 29.89 19.37
N PRO B 339 25.37 29.44 19.84
CA PRO B 339 26.30 28.68 18.99
C PRO B 339 25.86 27.23 18.86
N PHE B 340 26.71 26.44 18.21
CA PHE B 340 26.56 24.99 18.09
C PHE B 340 27.55 24.33 19.04
N LEU B 341 27.05 23.48 19.93
CA LEU B 341 27.87 22.86 20.97
C LEU B 341 27.69 21.34 20.97
N TRP B 342 27.78 20.75 19.79
CA TRP B 342 27.67 19.29 19.67
C TRP B 342 28.95 18.61 20.13
N MET C 1 -30.33 -49.76 -18.77
CA MET C 1 -29.72 -48.83 -17.81
C MET C 1 -30.14 -49.17 -16.38
N LYS C 2 -31.45 -49.15 -16.14
CA LYS C 2 -31.98 -49.45 -14.81
C LYS C 2 -31.75 -50.92 -14.49
N LYS C 3 -30.87 -51.19 -13.54
CA LYS C 3 -30.66 -52.55 -13.09
C LYS C 3 -31.87 -53.01 -12.27
N LEU C 4 -32.03 -54.34 -12.18
CA LEU C 4 -33.17 -54.90 -11.48
C LEU C 4 -33.18 -54.47 -10.01
N LEU C 5 -32.01 -54.49 -9.37
CA LEU C 5 -31.89 -53.86 -8.06
C LEU C 5 -32.12 -52.36 -8.22
N ASN C 6 -32.82 -51.77 -7.26
CA ASN C 6 -33.43 -50.46 -7.47
C ASN C 6 -32.42 -49.32 -7.50
N THR C 7 -31.56 -49.31 -8.52
CA THR C 7 -30.62 -48.22 -8.73
C THR C 7 -30.53 -47.93 -10.23
N LEU C 8 -30.31 -46.66 -10.55
CA LEU C 8 -30.05 -46.23 -11.92
C LEU C 8 -28.57 -46.08 -12.16
N TYR C 9 -28.11 -46.58 -13.30
CA TYR C 9 -26.69 -46.55 -13.63
C TYR C 9 -26.48 -45.84 -14.95
N VAL C 10 -27.10 -44.66 -15.11
CA VAL C 10 -27.00 -43.89 -16.34
C VAL C 10 -25.52 -43.68 -16.68
N THR C 11 -25.11 -44.21 -17.83
CA THR C 11 -23.71 -44.22 -18.22
C THR C 11 -23.42 -43.44 -19.49
N GLN C 12 -24.42 -43.11 -20.28
CA GLN C 12 -24.18 -42.31 -21.48
C GLN C 12 -23.82 -40.89 -21.08
N PRO C 13 -22.64 -40.39 -21.45
CA PRO C 13 -22.28 -39.02 -21.07
C PRO C 13 -23.07 -37.99 -21.83
N ASP C 14 -23.04 -36.76 -21.31
CA ASP C 14 -23.76 -35.63 -21.88
C ASP C 14 -25.27 -35.86 -21.86
N THR C 15 -25.79 -36.25 -20.70
CA THR C 15 -27.20 -36.57 -20.52
C THR C 15 -27.77 -35.77 -19.36
N TYR C 16 -28.95 -35.19 -19.57
CA TYR C 16 -29.63 -34.37 -18.59
C TYR C 16 -30.76 -35.18 -17.95
N LEU C 17 -30.75 -35.26 -16.63
CA LEU C 17 -31.77 -35.98 -15.88
C LEU C 17 -32.79 -34.97 -15.36
N SER C 18 -34.01 -35.02 -15.89
CA SER C 18 -35.04 -34.07 -15.50
C SER C 18 -36.24 -34.83 -14.93
N LEU C 19 -37.11 -34.08 -14.25
CA LEU C 19 -38.29 -34.64 -13.59
C LEU C 19 -39.54 -34.28 -14.38
N ASP C 20 -40.34 -35.28 -14.69
CA ASP C 20 -41.63 -35.09 -15.34
C ASP C 20 -42.68 -35.79 -14.52
N GLY C 21 -43.60 -35.02 -13.94
CA GLY C 21 -44.56 -35.57 -13.00
C GLY C 21 -43.87 -36.18 -11.80
N ASP C 22 -43.89 -37.50 -11.72
CA ASP C 22 -43.14 -38.26 -10.71
C ASP C 22 -42.26 -39.29 -11.39
N ASN C 23 -41.60 -38.88 -12.48
CA ASN C 23 -40.86 -39.80 -13.32
C ASN C 23 -39.56 -39.12 -13.74
N VAL C 24 -38.56 -39.94 -14.06
CA VAL C 24 -37.27 -39.44 -14.53
C VAL C 24 -37.24 -39.51 -16.05
N VAL C 25 -36.80 -38.42 -16.68
CA VAL C 25 -36.62 -38.37 -18.13
C VAL C 25 -35.16 -38.05 -18.41
N LEU C 26 -34.57 -38.84 -19.30
CA LEU C 26 -33.21 -38.62 -19.76
C LEU C 26 -33.27 -37.90 -21.09
N LEU C 27 -32.63 -36.74 -21.17
CA LEU C 27 -32.59 -35.94 -22.38
C LEU C 27 -31.15 -35.90 -22.89
N LYS C 28 -30.99 -36.23 -24.17
CA LYS C 28 -29.70 -36.14 -24.85
C LYS C 28 -29.73 -34.89 -25.71
N GLU C 29 -29.48 -33.75 -25.09
CA GLU C 29 -29.42 -32.45 -25.77
C GLU C 29 -30.72 -32.14 -26.51
N GLN C 30 -31.75 -31.84 -25.71
CA GLN C 30 -33.01 -31.23 -26.11
C GLN C 30 -33.99 -32.26 -26.66
N GLU C 31 -33.60 -33.52 -26.83
CA GLU C 31 -34.50 -34.55 -27.31
C GLU C 31 -34.85 -35.50 -26.16
N LYS C 32 -36.12 -35.88 -26.09
CA LYS C 32 -36.59 -36.80 -25.07
C LYS C 32 -36.08 -38.19 -25.40
N LEU C 33 -35.01 -38.61 -24.71
CA LEU C 33 -34.38 -39.88 -25.01
C LEU C 33 -35.00 -41.04 -24.24
N GLY C 34 -35.23 -40.88 -22.95
CA GLY C 34 -35.73 -42.00 -22.15
C GLY C 34 -36.66 -41.55 -21.04
N ARG C 35 -37.49 -42.49 -20.59
CA ARG C 35 -38.47 -42.25 -19.56
C ARG C 35 -38.53 -43.44 -18.61
N LEU C 36 -38.74 -43.16 -17.32
CA LEU C 36 -38.75 -44.25 -16.34
C LEU C 36 -39.51 -43.81 -15.10
N PRO C 37 -40.24 -44.71 -14.44
CA PRO C 37 -40.92 -44.34 -13.20
C PRO C 37 -39.99 -44.28 -12.00
N LEU C 38 -40.48 -43.61 -10.95
CA LEU C 38 -39.75 -43.42 -9.70
C LEU C 38 -40.44 -44.05 -8.51
N HIS C 39 -41.36 -45.00 -8.73
CA HIS C 39 -42.19 -45.50 -7.63
C HIS C 39 -41.34 -46.17 -6.56
N ASN C 40 -40.38 -46.99 -6.96
CA ASN C 40 -39.65 -47.82 -6.02
C ASN C 40 -38.14 -47.68 -6.12
N LEU C 41 -37.62 -46.65 -6.80
CA LEU C 41 -36.18 -46.49 -6.93
C LEU C 41 -35.56 -46.14 -5.58
N GLU C 42 -34.37 -46.68 -5.35
CA GLU C 42 -33.62 -46.43 -4.12
C GLU C 42 -32.50 -45.43 -4.28
N ALA C 43 -31.79 -45.45 -5.41
CA ALA C 43 -30.67 -44.55 -5.63
C ALA C 43 -30.54 -44.26 -7.11
N ILE C 44 -29.91 -43.13 -7.43
CA ILE C 44 -29.62 -42.75 -8.81
C ILE C 44 -28.15 -42.41 -8.89
N VAL C 45 -27.44 -43.08 -9.80
CA VAL C 45 -26.01 -42.86 -10.00
C VAL C 45 -25.80 -42.39 -11.43
N GLY C 46 -25.20 -41.22 -11.58
CA GLY C 46 -25.04 -40.64 -12.91
C GLY C 46 -23.60 -40.42 -13.32
N PHE C 47 -23.28 -40.79 -14.55
CA PHE C 47 -21.94 -40.64 -15.10
C PHE C 47 -21.84 -39.40 -15.96
N GLY C 48 -20.61 -39.04 -16.30
CA GLY C 48 -20.36 -38.05 -17.32
C GLY C 48 -20.34 -36.64 -16.78
N TYR C 49 -19.59 -35.78 -17.48
CA TYR C 49 -19.62 -34.35 -17.20
C TYR C 49 -20.95 -33.82 -17.68
N THR C 50 -21.88 -33.69 -16.74
CA THR C 50 -23.30 -33.53 -17.05
C THR C 50 -23.90 -32.64 -15.97
N GLY C 51 -25.21 -32.69 -15.83
CA GLY C 51 -25.88 -31.98 -14.76
C GLY C 51 -27.02 -32.77 -14.17
N ALA C 52 -27.84 -32.11 -13.36
CA ALA C 52 -29.09 -32.65 -12.87
C ALA C 52 -30.07 -31.49 -12.67
N SER C 53 -31.33 -31.74 -12.97
CA SER C 53 -32.32 -30.68 -12.79
C SER C 53 -32.46 -30.36 -11.31
N PRO C 54 -32.44 -29.08 -10.93
CA PRO C 54 -32.58 -28.75 -9.50
C PRO C 54 -33.88 -29.27 -8.91
N ALA C 55 -34.97 -29.24 -9.69
CA ALA C 55 -36.22 -29.80 -9.21
C ALA C 55 -36.10 -31.28 -8.96
N LEU C 56 -35.40 -31.99 -9.86
CA LEU C 56 -35.26 -33.44 -9.70
C LEU C 56 -34.49 -33.79 -8.43
N MET C 57 -33.37 -33.12 -8.18
CA MET C 57 -32.58 -33.43 -6.99
C MET C 57 -33.33 -33.02 -5.73
N GLY C 58 -34.03 -31.88 -5.75
CA GLY C 58 -34.84 -31.51 -4.61
C GLY C 58 -35.94 -32.53 -4.32
N TYR C 59 -36.59 -33.02 -5.38
CA TYR C 59 -37.65 -34.00 -5.21
C TYR C 59 -37.11 -35.31 -4.66
N CYS C 60 -36.00 -35.79 -5.23
CA CYS C 60 -35.46 -37.08 -4.81
C CYS C 60 -34.87 -37.00 -3.41
N ALA C 61 -34.34 -35.86 -3.01
CA ALA C 61 -33.72 -35.74 -1.70
C ALA C 61 -34.73 -35.95 -0.58
N GLU C 62 -36.01 -35.69 -0.85
CA GLU C 62 -37.03 -35.88 0.17
C GLU C 62 -37.24 -37.35 0.46
N ARG C 63 -37.42 -38.16 -0.57
CA ARG C 63 -37.80 -39.56 -0.38
C ARG C 63 -36.60 -40.50 -0.37
N ASN C 64 -35.57 -40.14 0.42
CA ASN C 64 -34.44 -41.02 0.74
C ASN C 64 -33.80 -41.63 -0.51
N ILE C 65 -33.59 -40.82 -1.54
CA ILE C 65 -32.92 -41.24 -2.76
C ILE C 65 -31.65 -40.41 -2.90
N SER C 66 -30.53 -40.95 -2.43
CA SER C 66 -29.25 -40.26 -2.57
C SER C 66 -28.83 -40.27 -4.04
N ILE C 67 -28.34 -39.13 -4.52
CA ILE C 67 -27.90 -39.02 -5.91
C ILE C 67 -26.38 -38.91 -5.91
N THR C 68 -25.70 -39.89 -6.48
CA THR C 68 -24.24 -39.92 -6.53
C THR C 68 -23.77 -39.51 -7.92
N PHE C 69 -22.81 -38.58 -7.96
CA PHE C 69 -22.27 -38.06 -9.20
C PHE C 69 -20.83 -38.52 -9.34
N LEU C 70 -20.56 -39.27 -10.41
CA LEU C 70 -19.23 -39.71 -10.79
C LEU C 70 -18.96 -39.27 -12.22
N THR C 71 -17.69 -38.96 -12.50
CA THR C 71 -17.32 -38.56 -13.85
C THR C 71 -17.30 -39.76 -14.78
N LYS C 72 -17.25 -39.48 -16.09
CA LYS C 72 -17.41 -40.53 -17.08
C LYS C 72 -16.29 -41.56 -17.08
N ASN C 73 -15.17 -41.24 -16.43
CA ASN C 73 -14.03 -42.15 -16.39
C ASN C 73 -14.17 -43.18 -15.27
N GLY C 74 -14.75 -42.77 -14.14
CA GLY C 74 -14.92 -43.68 -13.03
C GLY C 74 -14.51 -43.12 -11.70
N ARG C 75 -14.03 -41.88 -11.68
CA ARG C 75 -13.72 -41.22 -10.42
C ARG C 75 -14.99 -40.72 -9.75
N PHE C 76 -15.00 -40.80 -8.42
CA PHE C 76 -16.19 -40.52 -7.62
C PHE C 76 -16.12 -39.10 -7.09
N LEU C 77 -17.13 -38.29 -7.41
CA LEU C 77 -17.14 -36.88 -7.05
C LEU C 77 -18.00 -36.57 -5.83
N ALA C 78 -19.30 -36.80 -5.92
CA ALA C 78 -20.20 -36.18 -4.95
C ALA C 78 -21.37 -37.09 -4.63
N ARG C 79 -22.04 -36.79 -3.51
CA ARG C 79 -23.22 -37.52 -3.07
C ARG C 79 -24.22 -36.53 -2.48
N VAL C 80 -25.18 -36.09 -3.28
CA VAL C 80 -26.24 -35.21 -2.80
C VAL C 80 -27.25 -36.04 -2.01
N VAL C 81 -27.49 -35.66 -0.77
CA VAL C 81 -28.29 -36.45 0.16
C VAL C 81 -28.95 -35.53 1.15
N GLY C 82 -30.16 -35.89 1.59
CA GLY C 82 -30.77 -35.19 2.70
C GLY C 82 -30.15 -35.69 3.99
N GLU C 83 -30.95 -35.95 5.01
CA GLU C 83 -30.44 -36.72 6.13
C GLU C 83 -30.00 -38.09 5.62
N SER C 84 -28.81 -38.53 6.03
CA SER C 84 -28.21 -39.71 5.42
C SER C 84 -29.09 -40.92 5.62
N ARG C 85 -29.33 -41.66 4.53
CA ARG C 85 -30.24 -42.80 4.53
C ARG C 85 -29.47 -44.07 4.18
N GLY C 86 -29.63 -45.09 5.00
CA GLY C 86 -29.00 -46.37 4.73
C GLY C 86 -27.49 -46.33 4.67
N ASN C 87 -26.87 -45.56 5.54
CA ASN C 87 -25.41 -45.55 5.58
C ASN C 87 -24.86 -45.81 6.97
N VAL C 88 -25.47 -45.26 8.01
CA VAL C 88 -24.91 -45.37 9.36
C VAL C 88 -24.96 -46.82 9.85
N VAL C 89 -26.07 -47.52 9.57
CA VAL C 89 -26.17 -48.92 9.96
C VAL C 89 -25.11 -49.74 9.24
N LEU C 90 -24.92 -49.49 7.94
CA LEU C 90 -23.92 -50.22 7.19
C LEU C 90 -22.53 -49.99 7.77
N ARG C 91 -22.19 -48.74 8.08
CA ARG C 91 -20.85 -48.45 8.58
C ARG C 91 -20.62 -49.07 9.95
N LYS C 92 -21.59 -48.94 10.87
CA LYS C 92 -21.39 -49.51 12.20
C LYS C 92 -21.32 -51.02 12.14
N THR C 93 -22.14 -51.65 11.28
CA THR C 93 -22.07 -53.09 11.13
C THR C 93 -20.73 -53.52 10.54
N GLN C 94 -20.22 -52.76 9.57
CA GLN C 94 -18.92 -53.07 8.98
C GLN C 94 -17.82 -53.02 10.04
N TYR C 95 -17.83 -51.98 10.87
CA TYR C 95 -16.81 -51.87 11.90
C TYR C 95 -16.95 -52.99 12.93
N ARG C 96 -18.19 -53.34 13.29
CA ARG C 96 -18.41 -54.42 14.25
C ARG C 96 -17.88 -55.74 13.71
N ILE C 97 -18.16 -56.04 12.45
CA ILE C 97 -17.68 -57.29 11.85
C ILE C 97 -16.17 -57.26 11.74
N SER C 98 -15.59 -56.10 11.43
CA SER C 98 -14.13 -55.99 11.36
C SER C 98 -13.51 -56.29 12.72
N GLU C 99 -14.12 -55.80 13.79
CA GLU C 99 -13.63 -56.14 15.13
C GLU C 99 -13.76 -57.64 15.39
N ASN C 100 -14.85 -58.25 14.91
CA ASN C 100 -15.03 -59.68 15.02
C ASN C 100 -14.12 -60.40 14.01
N ASP C 101 -14.10 -61.73 14.06
CA ASP C 101 -13.23 -62.51 13.20
C ASP C 101 -13.93 -63.63 12.45
N GLN C 102 -15.00 -64.21 12.98
CA GLN C 102 -15.61 -65.38 12.34
C GLN C 102 -16.31 -64.99 11.03
N GLU C 103 -17.10 -63.92 11.07
CA GLU C 103 -17.76 -63.46 9.85
C GLU C 103 -16.75 -62.97 8.84
N SER C 104 -15.68 -62.33 9.29
CA SER C 104 -14.61 -61.91 8.40
C SER C 104 -13.97 -63.11 7.74
N THR C 105 -13.75 -64.19 8.49
CA THR C 105 -13.21 -65.42 7.92
C THR C 105 -14.16 -66.00 6.89
N LYS C 106 -15.46 -65.96 7.17
CA LYS C 106 -16.44 -66.45 6.21
C LYS C 106 -16.36 -65.66 4.91
N ILE C 107 -16.31 -64.33 5.02
CA ILE C 107 -16.24 -63.49 3.83
C ILE C 107 -14.95 -63.74 3.06
N ALA C 108 -13.84 -63.86 3.77
CA ALA C 108 -12.56 -64.10 3.11
C ALA C 108 -12.55 -65.45 2.40
N ARG C 109 -13.12 -66.48 3.02
CA ARG C 109 -13.16 -67.78 2.35
C ARG C 109 -14.09 -67.74 1.14
N ASN C 110 -15.17 -66.95 1.20
CA ASN C 110 -16.02 -66.78 0.02
C ASN C 110 -15.24 -66.11 -1.11
N PHE C 111 -14.46 -65.07 -0.78
CA PHE C 111 -13.65 -64.39 -1.79
C PHE C 111 -12.65 -65.36 -2.41
N ILE C 112 -11.98 -66.16 -1.56
CA ILE C 112 -10.98 -67.09 -2.07
C ILE C 112 -11.63 -68.16 -2.93
N THR C 113 -12.83 -68.61 -2.55
CA THR C 113 -13.56 -69.57 -3.36
C THR C 113 -13.86 -69.00 -4.74
N GLY C 114 -14.31 -67.75 -4.78
CA GLY C 114 -14.55 -67.10 -6.06
C GLY C 114 -13.28 -67.03 -6.90
N LYS C 115 -12.16 -66.65 -6.27
CA LYS C 115 -10.91 -66.54 -7.00
C LYS C 115 -10.50 -67.88 -7.61
N VAL C 116 -10.51 -68.94 -6.81
CA VAL C 116 -10.04 -70.23 -7.31
C VAL C 116 -11.00 -70.78 -8.35
N TYR C 117 -12.31 -70.54 -8.20
CA TYR C 117 -13.24 -70.94 -9.25
C TYR C 117 -12.93 -70.24 -10.55
N ASN C 118 -12.69 -68.93 -10.50
CA ASN C 118 -12.37 -68.20 -11.71
C ASN C 118 -11.10 -68.74 -12.35
N SER C 119 -10.07 -68.99 -11.53
CA SER C 119 -8.81 -69.50 -12.07
C SER C 119 -8.99 -70.86 -12.71
N LYS C 120 -9.71 -71.76 -12.04
CA LYS C 120 -9.89 -73.11 -12.56
C LYS C 120 -10.67 -73.10 -13.86
N TRP C 121 -11.74 -72.31 -13.92
CA TRP C 121 -12.51 -72.25 -15.16
C TRP C 121 -11.69 -71.63 -16.29
N MET C 122 -10.88 -70.61 -15.98
CA MET C 122 -10.03 -70.03 -17.01
C MET C 122 -9.03 -71.05 -17.53
N LEU C 123 -8.44 -71.84 -16.64
CA LEU C 123 -7.49 -72.86 -17.07
C LEU C 123 -8.17 -73.92 -17.95
N GLU C 124 -9.36 -74.36 -17.54
CA GLU C 124 -10.10 -75.34 -18.33
C GLU C 124 -10.43 -74.78 -19.71
N ARG C 125 -10.90 -73.53 -19.77
CA ARG C 125 -11.15 -72.91 -21.05
C ARG C 125 -9.90 -72.90 -21.91
N MET C 126 -8.80 -72.37 -21.36
CA MET C 126 -7.58 -72.21 -22.14
C MET C 126 -7.09 -73.54 -22.69
N THR C 127 -7.11 -74.59 -21.87
CA THR C 127 -6.77 -75.88 -22.43
C THR C 127 -7.84 -76.40 -23.38
N ARG C 128 -9.03 -75.80 -23.40
CA ARG C 128 -10.04 -76.21 -24.37
C ARG C 128 -9.80 -75.59 -25.75
N GLU C 129 -9.69 -74.25 -25.84
CA GLU C 129 -9.65 -73.68 -27.18
C GLU C 129 -8.34 -74.00 -27.90
N HIS C 130 -7.23 -74.08 -27.17
CA HIS C 130 -5.91 -74.32 -27.76
C HIS C 130 -5.20 -75.46 -27.05
N PRO C 131 -5.61 -76.71 -27.30
CA PRO C 131 -4.86 -77.87 -26.83
C PRO C 131 -3.83 -78.36 -27.85
N LEU C 132 -2.98 -77.45 -28.31
CA LEU C 132 -2.06 -77.75 -29.41
C LEU C 132 -0.61 -77.81 -28.95
N ARG C 133 -0.08 -76.73 -28.37
CA ARG C 133 1.30 -76.70 -27.87
C ARG C 133 1.26 -76.14 -26.45
N VAL C 134 0.99 -77.01 -25.48
CA VAL C 134 0.95 -76.62 -24.08
C VAL C 134 0.95 -77.88 -23.22
N ASN C 135 1.47 -77.78 -22.01
CA ASN C 135 1.47 -78.90 -21.07
C ASN C 135 0.04 -79.14 -20.59
N VAL C 136 -0.61 -80.16 -21.14
CA VAL C 136 -2.05 -80.34 -20.96
C VAL C 136 -2.37 -81.16 -19.71
N GLU C 137 -1.74 -82.33 -19.56
CA GLU C 137 -2.02 -83.14 -18.38
C GLU C 137 -1.56 -82.45 -17.11
N GLN C 138 -0.53 -81.60 -17.21
CA GLN C 138 -0.15 -80.77 -16.08
C GLN C 138 -1.28 -79.82 -15.72
N PHE C 139 -1.96 -79.27 -16.73
CA PHE C 139 -3.08 -78.39 -16.46
C PHE C 139 -4.25 -79.14 -15.82
N LYS C 140 -4.50 -80.38 -16.25
CA LYS C 140 -5.53 -81.16 -15.57
C LYS C 140 -5.15 -81.46 -14.12
N ALA C 141 -3.88 -81.78 -13.88
CA ALA C 141 -3.42 -82.00 -12.51
C ALA C 141 -3.59 -80.74 -11.67
N THR C 142 -3.28 -79.59 -12.25
CA THR C 142 -3.50 -78.32 -11.56
C THR C 142 -4.99 -78.09 -11.30
N SER C 143 -5.84 -78.54 -12.22
CA SER C 143 -7.29 -78.41 -12.00
C SER C 143 -7.76 -79.25 -10.82
N GLN C 144 -7.28 -80.49 -10.72
CA GLN C 144 -7.62 -81.30 -9.55
C GLN C 144 -7.04 -80.71 -8.27
N LEU C 145 -5.84 -80.14 -8.35
CA LEU C 145 -5.28 -79.43 -7.20
C LEU C 145 -6.17 -78.26 -6.80
N LEU C 146 -6.70 -77.54 -7.79
CA LEU C 146 -7.59 -76.44 -7.49
C LEU C 146 -8.91 -76.93 -6.91
N SER C 147 -9.32 -78.16 -7.26
CA SER C 147 -10.52 -78.73 -6.66
C SER C 147 -10.29 -79.10 -5.19
N VAL C 148 -9.12 -79.65 -4.88
CA VAL C 148 -8.85 -79.89 -3.46
C VAL C 148 -8.68 -78.57 -2.72
N MET C 149 -8.21 -77.52 -3.42
CA MET C 149 -8.21 -76.19 -2.86
C MET C 149 -9.64 -75.74 -2.54
N MET C 150 -10.56 -75.93 -3.49
CA MET C 150 -11.99 -75.76 -3.25
C MET C 150 -12.39 -76.38 -1.92
N GLN C 151 -12.14 -77.68 -1.77
CA GLN C 151 -12.64 -78.40 -0.61
C GLN C 151 -12.06 -77.83 0.68
N GLU C 152 -10.74 -77.64 0.71
CA GLU C 152 -10.11 -77.16 1.92
C GLU C 152 -10.58 -75.76 2.28
N ILE C 153 -10.75 -74.89 1.29
CA ILE C 153 -11.19 -73.54 1.58
C ILE C 153 -12.64 -73.53 2.06
N ARG C 154 -13.51 -74.33 1.42
CA ARG C 154 -14.91 -74.28 1.82
C ARG C 154 -15.11 -74.87 3.21
N ASN C 155 -14.23 -75.76 3.65
CA ASN C 155 -14.26 -76.21 5.04
C ASN C 155 -13.10 -75.64 5.87
N CYS C 156 -12.58 -74.47 5.48
CA CYS C 156 -11.55 -73.79 6.24
C CYS C 156 -12.18 -72.86 7.27
N ASP C 157 -11.51 -72.70 8.41
CA ASP C 157 -12.08 -71.93 9.50
C ASP C 157 -11.14 -71.00 10.24
N SER C 158 -9.85 -70.93 9.87
CA SER C 158 -8.91 -70.09 10.58
C SER C 158 -8.31 -69.04 9.65
N LEU C 159 -8.02 -67.87 10.22
CA LEU C 159 -7.46 -66.77 9.43
C LEU C 159 -6.08 -67.11 8.91
N GLU C 160 -5.19 -67.58 9.80
CA GLU C 160 -3.85 -67.94 9.37
C GLU C 160 -3.88 -69.10 8.37
N SER C 161 -4.73 -70.09 8.62
CA SER C 161 -4.87 -71.20 7.69
C SER C 161 -5.39 -70.71 6.34
N LEU C 162 -6.35 -69.78 6.36
CA LEU C 162 -6.88 -69.23 5.11
C LEU C 162 -5.78 -68.50 4.34
N ARG C 163 -4.99 -67.68 5.03
CA ARG C 163 -3.90 -66.98 4.36
C ARG C 163 -2.88 -67.95 3.78
N GLY C 164 -2.51 -68.98 4.54
CA GLY C 164 -1.54 -69.93 4.05
C GLY C 164 -2.03 -70.73 2.86
N TRP C 165 -3.28 -71.18 2.92
CA TRP C 165 -3.82 -71.96 1.80
C TRP C 165 -4.07 -71.08 0.59
N GLU C 166 -4.33 -69.78 0.81
CA GLU C 166 -4.35 -68.85 -0.31
C GLU C 166 -2.98 -68.73 -0.95
N GLY C 167 -1.94 -68.57 -0.12
CA GLY C 167 -0.60 -68.44 -0.66
C GLY C 167 -0.14 -69.68 -1.41
N GLN C 168 -0.61 -70.86 -0.98
CA GLN C 168 -0.22 -72.09 -1.65
C GLN C 168 -0.66 -72.11 -3.11
N ALA C 169 -1.88 -71.68 -3.39
CA ALA C 169 -2.38 -71.69 -4.75
C ALA C 169 -1.73 -70.61 -5.61
N ALA C 170 -1.13 -69.59 -4.98
CA ALA C 170 -0.56 -68.48 -5.74
C ALA C 170 0.58 -68.93 -6.63
N ILE C 171 1.44 -69.83 -6.13
CA ILE C 171 2.59 -70.25 -6.91
C ILE C 171 2.15 -71.13 -8.09
N ASN C 172 1.17 -72.01 -7.88
CA ASN C 172 0.64 -72.79 -8.99
C ASN C 172 0.04 -71.88 -10.04
N TYR C 173 -0.71 -70.86 -9.61
CA TYR C 173 -1.16 -69.83 -10.53
C TYR C 173 0.00 -69.17 -11.26
N ASN C 174 1.12 -68.96 -10.58
CA ASN C 174 2.24 -68.28 -11.20
C ASN C 174 2.82 -69.11 -12.34
N LYS C 175 3.09 -70.39 -12.09
CA LYS C 175 3.61 -71.24 -13.17
C LYS C 175 2.59 -71.38 -14.30
N VAL C 176 1.31 -71.58 -13.96
CA VAL C 176 0.35 -71.75 -15.05
C VAL C 176 0.20 -70.46 -15.85
N PHE C 177 0.32 -69.29 -15.19
CA PHE C 177 0.27 -68.02 -15.90
C PHE C 177 1.46 -67.85 -16.82
N ASP C 178 2.65 -68.25 -16.36
CA ASP C 178 3.80 -68.25 -17.24
C ASP C 178 3.59 -69.17 -18.43
N GLN C 179 2.87 -70.29 -18.22
CA GLN C 179 2.54 -71.18 -19.32
C GLN C 179 1.47 -70.59 -20.25
N MET C 180 0.71 -69.61 -19.77
CA MET C 180 -0.40 -69.07 -20.57
C MET C 180 0.08 -68.44 -21.86
N ILE C 181 1.20 -67.70 -21.81
CA ILE C 181 1.64 -66.88 -22.93
C ILE C 181 1.91 -67.75 -24.16
N LEU C 182 1.12 -67.53 -25.22
CA LEU C 182 1.23 -68.30 -26.46
C LEU C 182 1.86 -67.49 -27.59
N GLN C 183 1.27 -66.35 -27.92
CA GLN C 183 1.77 -65.51 -29.00
C GLN C 183 2.81 -64.53 -28.47
N GLN C 184 3.86 -64.31 -29.28
CA GLN C 184 4.97 -63.43 -28.90
C GLN C 184 5.65 -63.93 -27.63
N LYS C 185 5.62 -65.25 -27.42
CA LYS C 185 6.21 -65.83 -26.23
C LYS C 185 7.72 -65.67 -26.22
N GLU C 186 8.33 -65.51 -27.39
CA GLU C 186 9.79 -65.51 -27.49
C GLU C 186 10.41 -64.35 -26.72
N GLU C 187 9.79 -63.17 -26.77
CA GLU C 187 10.38 -61.99 -26.16
C GLU C 187 9.78 -61.64 -24.81
N PHE C 188 8.53 -62.03 -24.56
CA PHE C 188 7.87 -61.79 -23.28
C PHE C 188 7.79 -63.09 -22.50
N ALA C 189 8.24 -63.07 -21.25
CA ALA C 189 8.27 -64.25 -20.41
C ALA C 189 7.93 -63.89 -18.97
N PHE C 190 7.60 -64.92 -18.20
CA PHE C 190 7.27 -64.80 -16.78
C PHE C 190 8.15 -65.72 -15.95
N HIS C 191 9.47 -65.62 -16.17
CA HIS C 191 10.41 -66.45 -15.44
C HIS C 191 10.31 -66.22 -13.93
N GLY C 192 9.84 -65.04 -13.50
CA GLY C 192 9.70 -64.75 -12.10
C GLY C 192 8.58 -63.75 -11.85
N ARG C 193 8.35 -63.47 -10.56
CA ARG C 193 7.36 -62.50 -10.12
C ARG C 193 8.06 -61.44 -9.28
N SER C 194 7.86 -60.17 -9.64
CA SER C 194 8.51 -59.05 -8.98
C SER C 194 7.45 -58.01 -8.63
N ARG C 195 7.35 -57.64 -7.36
CA ARG C 195 6.41 -56.58 -6.98
C ARG C 195 7.14 -55.28 -6.79
N ARG C 196 8.12 -55.26 -5.89
CA ARG C 196 8.92 -54.06 -5.68
C ARG C 196 9.70 -53.86 -6.97
N PRO C 197 9.86 -52.61 -7.45
CA PRO C 197 10.46 -52.36 -8.76
C PRO C 197 10.32 -53.52 -9.73
N PRO C 198 9.09 -53.75 -10.22
CA PRO C 198 8.83 -54.92 -11.07
C PRO C 198 9.82 -55.24 -12.18
N LYS C 199 10.64 -56.28 -12.01
CA LYS C 199 11.52 -56.67 -13.11
C LYS C 199 10.71 -57.42 -14.15
N ASP C 200 11.16 -57.32 -15.40
CA ASP C 200 10.47 -57.89 -16.57
C ASP C 200 9.19 -57.12 -16.84
N ASN C 201 8.86 -56.98 -18.13
CA ASN C 201 7.76 -56.10 -18.52
C ASN C 201 6.41 -56.60 -18.04
N VAL C 202 6.21 -57.91 -18.04
CA VAL C 202 4.91 -58.47 -17.66
C VAL C 202 4.56 -58.08 -16.23
N ASN C 203 5.55 -58.05 -15.34
CA ASN C 203 5.29 -57.64 -13.96
C ASN C 203 4.83 -56.20 -13.89
N ALA C 204 5.45 -55.32 -14.69
CA ALA C 204 5.07 -53.92 -14.70
C ALA C 204 3.65 -53.74 -15.26
N MET C 205 3.31 -54.47 -16.33
CA MET C 205 1.94 -54.43 -16.84
C MET C 205 0.96 -54.92 -15.78
N LEU C 206 1.32 -55.98 -15.05
CA LEU C 206 0.47 -56.49 -13.99
C LEU C 206 0.24 -55.44 -12.93
N SER C 207 1.31 -54.76 -12.51
CA SER C 207 1.17 -53.72 -11.49
C SER C 207 0.30 -52.57 -11.98
N PHE C 208 0.47 -52.16 -13.23
CA PHE C 208 -0.31 -51.07 -13.78
C PHE C 208 -1.81 -51.42 -13.83
N ALA C 209 -2.13 -52.60 -14.35
CA ALA C 209 -3.52 -53.02 -14.41
C ALA C 209 -4.11 -53.18 -13.01
N TYR C 210 -3.31 -53.69 -12.07
CA TYR C 210 -3.78 -53.81 -10.70
C TYR C 210 -4.10 -52.45 -10.12
N THR C 211 -3.25 -51.46 -10.38
CA THR C 211 -3.51 -50.11 -9.87
C THR C 211 -4.82 -49.56 -10.43
N LEU C 212 -5.03 -49.71 -11.74
CA LEU C 212 -6.27 -49.23 -12.33
C LEU C 212 -7.48 -49.90 -11.71
N LEU C 213 -7.44 -51.23 -11.59
CA LEU C 213 -8.59 -51.96 -11.10
C LEU C 213 -8.83 -51.64 -9.62
N ALA C 214 -7.76 -51.41 -8.86
CA ALA C 214 -7.90 -51.05 -7.46
C ALA C 214 -8.57 -49.69 -7.30
N ASN C 215 -8.18 -48.72 -8.12
CA ASN C 215 -8.83 -47.42 -8.05
C ASN C 215 -10.31 -47.52 -8.41
N ASP C 216 -10.63 -48.30 -9.45
CA ASP C 216 -12.02 -48.45 -9.83
C ASP C 216 -12.84 -49.11 -8.72
N VAL C 217 -12.28 -50.15 -8.09
CA VAL C 217 -13.01 -50.84 -7.02
C VAL C 217 -13.16 -49.94 -5.81
N ALA C 218 -12.16 -49.09 -5.53
CA ALA C 218 -12.30 -48.15 -4.42
C ALA C 218 -13.45 -47.19 -4.67
N ALA C 219 -13.56 -46.68 -5.90
CA ALA C 219 -14.72 -45.85 -6.23
C ALA C 219 -16.01 -46.62 -6.08
N ALA C 220 -16.00 -47.90 -6.46
CA ALA C 220 -17.18 -48.74 -6.32
C ALA C 220 -17.59 -48.86 -4.85
N LEU C 221 -16.62 -49.09 -3.97
CA LEU C 221 -16.91 -49.25 -2.56
C LEU C 221 -17.41 -47.96 -1.94
N GLU C 222 -16.88 -46.82 -2.39
CA GLU C 222 -17.32 -45.55 -1.84
C GLU C 222 -18.70 -45.14 -2.33
N THR C 223 -19.06 -45.50 -3.57
CA THR C 223 -20.32 -45.02 -4.11
C THR C 223 -21.55 -45.67 -3.49
N VAL C 224 -21.38 -46.75 -2.72
CA VAL C 224 -22.52 -47.40 -2.09
C VAL C 224 -22.64 -47.06 -0.61
N GLY C 225 -21.58 -46.57 0.00
CA GLY C 225 -21.62 -46.13 1.39
C GLY C 225 -20.65 -46.84 2.31
N LEU C 226 -19.93 -47.86 1.85
CA LEU C 226 -19.04 -48.59 2.72
C LEU C 226 -17.66 -47.95 2.75
N ASP C 227 -17.05 -47.90 3.93
CA ASP C 227 -15.67 -47.45 4.02
C ASP C 227 -14.75 -48.46 3.36
N ALA C 228 -13.73 -47.94 2.68
CA ALA C 228 -12.79 -48.79 1.97
C ALA C 228 -11.50 -49.03 2.72
N TYR C 229 -11.19 -48.25 3.76
CA TYR C 229 -9.92 -48.36 4.45
C TYR C 229 -9.96 -49.30 5.64
N VAL C 230 -11.10 -49.93 5.91
CA VAL C 230 -11.20 -50.99 6.91
C VAL C 230 -11.59 -52.28 6.19
N GLY C 231 -10.84 -53.34 6.43
CA GLY C 231 -10.99 -54.58 5.68
C GLY C 231 -11.38 -55.75 6.55
N PHE C 232 -11.62 -56.88 5.89
CA PHE C 232 -12.04 -58.11 6.53
C PHE C 232 -10.98 -59.19 6.50
N MET C 233 -10.31 -59.36 5.36
CA MET C 233 -9.18 -60.29 5.25
C MET C 233 -7.89 -59.63 5.74
N HIS C 234 -7.49 -58.55 5.09
CA HIS C 234 -6.29 -57.82 5.49
C HIS C 234 -6.56 -57.07 6.78
N GLN C 235 -5.47 -56.72 7.48
CA GLN C 235 -5.62 -56.04 8.76
C GLN C 235 -5.55 -54.53 8.56
N ASP C 236 -5.69 -53.81 9.68
CA ASP C 236 -5.74 -52.36 9.64
C ASP C 236 -4.38 -51.76 9.27
N ARG C 237 -4.43 -50.68 8.49
CA ARG C 237 -3.23 -49.99 8.03
C ARG C 237 -3.65 -48.60 7.55
N PRO C 238 -2.92 -47.55 7.91
CA PRO C 238 -3.31 -46.21 7.44
C PRO C 238 -2.84 -45.99 6.01
N GLY C 239 -3.71 -45.38 5.21
CA GLY C 239 -3.42 -45.12 3.81
C GLY C 239 -3.66 -46.27 2.87
N ARG C 240 -4.13 -47.41 3.36
CA ARG C 240 -4.37 -48.59 2.55
C ARG C 240 -5.85 -48.96 2.64
N ALA C 241 -6.47 -49.20 1.49
CA ALA C 241 -7.88 -49.55 1.44
C ALA C 241 -8.01 -51.06 1.44
N SER C 242 -8.11 -51.65 2.63
CA SER C 242 -7.98 -53.10 2.76
C SER C 242 -9.10 -53.84 2.03
N LEU C 243 -10.34 -53.37 2.18
CA LEU C 243 -11.46 -54.03 1.51
C LEU C 243 -11.32 -53.94 0.00
N ALA C 244 -10.74 -52.85 -0.50
CA ALA C 244 -10.44 -52.76 -1.92
C ALA C 244 -9.47 -53.86 -2.34
N LEU C 245 -8.44 -54.11 -1.53
CA LEU C 245 -7.52 -55.20 -1.85
C LEU C 245 -8.18 -56.56 -1.75
N ASP C 246 -9.17 -56.72 -0.87
CA ASP C 246 -9.93 -57.98 -0.84
C ASP C 246 -10.66 -58.19 -2.16
N LEU C 247 -11.36 -57.16 -2.63
CA LEU C 247 -12.03 -57.29 -3.92
C LEU C 247 -11.01 -57.45 -5.06
N MET C 248 -9.80 -56.90 -4.89
CA MET C 248 -8.72 -57.17 -5.84
C MET C 248 -8.39 -58.65 -5.88
N GLU C 249 -8.16 -59.24 -4.71
CA GLU C 249 -7.82 -60.66 -4.67
C GLU C 249 -8.95 -61.52 -5.20
N GLU C 250 -10.19 -61.03 -5.16
CA GLU C 250 -11.26 -61.77 -5.80
C GLU C 250 -11.23 -61.62 -7.32
N LEU C 251 -11.12 -60.37 -7.81
CA LEU C 251 -11.38 -60.06 -9.21
C LEU C 251 -10.13 -59.93 -10.07
N ARG C 252 -8.96 -60.26 -9.56
CA ARG C 252 -7.74 -60.11 -10.35
C ARG C 252 -7.60 -61.14 -11.45
N GLY C 253 -8.66 -61.87 -11.77
CA GLY C 253 -8.62 -62.93 -12.77
C GLY C 253 -9.19 -62.50 -14.11
N LEU C 254 -10.47 -62.82 -14.33
CA LEU C 254 -11.10 -62.62 -15.64
C LEU C 254 -10.90 -61.21 -16.18
N TYR C 255 -11.02 -60.19 -15.33
CA TYR C 255 -11.02 -58.82 -15.82
C TYR C 255 -9.63 -58.20 -15.87
N ALA C 256 -8.70 -58.66 -15.04
CA ALA C 256 -7.37 -58.05 -14.97
C ALA C 256 -6.36 -58.75 -15.86
N ASP C 257 -6.12 -60.05 -15.62
CA ASP C 257 -5.02 -60.74 -16.32
C ASP C 257 -5.35 -60.99 -17.78
N ARG C 258 -6.62 -61.25 -18.09
CA ARG C 258 -6.99 -61.48 -19.49
C ARG C 258 -6.71 -60.25 -20.34
N PHE C 259 -6.89 -59.05 -19.77
CA PHE C 259 -6.57 -57.83 -20.50
C PHE C 259 -5.10 -57.81 -20.91
N VAL C 260 -4.22 -58.12 -19.97
CA VAL C 260 -2.78 -58.12 -20.25
C VAL C 260 -2.44 -59.19 -21.27
N LEU C 261 -3.03 -60.39 -21.12
CA LEU C 261 -2.74 -61.47 -22.07
C LEU C 261 -3.19 -61.11 -23.47
N SER C 262 -4.40 -60.54 -23.61
CA SER C 262 -4.87 -60.13 -24.93
C SER C 262 -4.03 -59.02 -25.50
N LEU C 263 -3.54 -58.11 -24.66
CA LEU C 263 -2.63 -57.07 -25.12
C LEU C 263 -1.33 -57.67 -25.64
N ILE C 264 -0.78 -58.65 -24.92
CA ILE C 264 0.45 -59.30 -25.37
C ILE C 264 0.19 -60.07 -26.66
N ASN C 265 -0.90 -60.83 -26.70
CA ASN C 265 -1.28 -61.50 -27.93
C ASN C 265 -1.81 -60.47 -28.93
N ARG C 266 -2.18 -60.96 -30.11
CA ARG C 266 -2.77 -60.15 -31.18
C ARG C 266 -1.84 -59.04 -31.66
N LYS C 267 -0.59 -59.03 -31.19
CA LYS C 267 0.43 -58.08 -31.63
C LYS C 267 -0.04 -56.63 -31.45
N GLU C 268 -0.66 -56.36 -30.31
CA GLU C 268 -1.13 -55.02 -29.99
C GLU C 268 -0.09 -54.17 -29.28
N MET C 269 1.09 -54.73 -28.99
CA MET C 269 2.15 -53.99 -28.33
C MET C 269 3.48 -54.68 -28.60
N THR C 270 4.51 -53.86 -28.78
CA THR C 270 5.87 -54.32 -28.99
C THR C 270 6.77 -53.82 -27.87
N ALA C 271 7.93 -54.47 -27.73
CA ALA C 271 8.87 -54.10 -26.68
C ALA C 271 9.57 -52.77 -26.92
N ASP C 272 9.45 -52.19 -28.11
CA ASP C 272 10.11 -50.92 -28.38
C ASP C 272 9.56 -49.80 -27.52
N GLY C 273 8.25 -49.77 -27.29
CA GLY C 273 7.64 -48.78 -26.44
C GLY C 273 7.84 -49.02 -24.95
N PHE C 274 8.77 -49.87 -24.58
CA PHE C 274 9.05 -50.21 -23.19
C PHE C 274 10.51 -49.90 -22.89
N TYR C 275 10.78 -49.49 -21.65
CA TYR C 275 12.12 -49.11 -21.24
C TYR C 275 12.67 -50.08 -20.20
N LYS C 276 13.97 -49.92 -19.92
CA LYS C 276 14.65 -50.75 -18.94
C LYS C 276 15.77 -49.90 -18.35
N LYS C 277 15.65 -49.54 -17.07
CA LYS C 277 16.55 -48.56 -16.46
C LYS C 277 17.16 -49.12 -15.17
N GLU C 278 18.27 -49.86 -15.33
CA GLU C 278 19.27 -50.08 -14.29
C GLU C 278 18.84 -51.02 -13.18
N ASN C 279 17.56 -51.38 -13.12
CA ASN C 279 17.13 -52.34 -12.09
C ASN C 279 16.15 -53.40 -12.58
N GLY C 280 15.55 -53.23 -13.75
CA GLY C 280 14.48 -54.09 -14.23
C GLY C 280 13.12 -53.42 -14.31
N ALA C 281 12.97 -52.22 -13.76
CA ALA C 281 11.73 -51.49 -13.90
C ALA C 281 11.56 -51.03 -15.36
N VAL C 282 10.33 -51.13 -15.84
CA VAL C 282 10.00 -50.75 -17.21
C VAL C 282 9.27 -49.41 -17.15
N LEU C 283 9.95 -48.35 -17.59
CA LEU C 283 9.34 -47.04 -17.60
C LEU C 283 8.51 -46.89 -18.88
N MET C 284 7.19 -46.93 -18.73
CA MET C 284 6.30 -46.87 -19.88
C MET C 284 6.46 -45.56 -20.62
N THR C 285 6.45 -45.62 -21.95
CA THR C 285 6.49 -44.40 -22.73
C THR C 285 5.09 -43.80 -22.86
N ASP C 286 5.03 -42.58 -23.38
CA ASP C 286 3.76 -41.87 -23.48
C ASP C 286 2.80 -42.57 -24.43
N GLU C 287 3.28 -42.97 -25.61
CA GLU C 287 2.41 -43.61 -26.58
C GLU C 287 1.89 -44.95 -26.06
N ALA C 288 2.76 -45.73 -25.40
CA ALA C 288 2.33 -47.00 -24.86
C ALA C 288 1.25 -46.80 -23.78
N ARG C 289 1.44 -45.81 -22.92
CA ARG C 289 0.43 -45.53 -21.91
C ARG C 289 -0.89 -45.09 -22.54
N LYS C 290 -0.82 -44.25 -23.58
CA LYS C 290 -2.03 -43.83 -24.26
C LYS C 290 -2.78 -45.02 -24.83
N THR C 291 -2.05 -45.92 -25.50
CA THR C 291 -2.68 -47.11 -26.06
C THR C 291 -3.24 -48.00 -24.96
N PHE C 292 -2.52 -48.13 -23.85
CA PHE C 292 -2.99 -48.94 -22.74
C PHE C 292 -4.31 -48.42 -22.20
N LEU C 293 -4.40 -47.11 -21.99
CA LEU C 293 -5.62 -46.53 -21.46
C LEU C 293 -6.76 -46.63 -22.48
N LYS C 294 -6.47 -46.46 -23.77
CA LYS C 294 -7.49 -46.62 -24.79
C LYS C 294 -8.04 -48.04 -24.80
N ALA C 295 -7.14 -49.03 -24.70
CA ALA C 295 -7.58 -50.42 -24.65
C ALA C 295 -8.40 -50.70 -23.40
N TRP C 296 -7.99 -50.11 -22.27
CA TRP C 296 -8.75 -50.30 -21.04
C TRP C 296 -10.15 -49.75 -21.17
N GLN C 297 -10.30 -48.56 -21.75
CA GLN C 297 -11.63 -48.01 -21.96
C GLN C 297 -12.45 -48.88 -22.90
N THR C 298 -11.84 -49.34 -24.00
CA THR C 298 -12.56 -50.16 -24.95
C THR C 298 -13.06 -51.45 -24.30
N LYS C 299 -12.22 -52.09 -23.48
CA LYS C 299 -12.66 -53.29 -22.80
C LYS C 299 -13.74 -52.98 -21.76
N LYS C 300 -13.65 -51.82 -21.10
CA LYS C 300 -14.71 -51.42 -20.18
C LYS C 300 -16.03 -51.25 -20.91
N GLN C 301 -15.98 -50.90 -22.20
CA GLN C 301 -17.20 -50.73 -22.98
C GLN C 301 -17.77 -52.03 -23.53
N GLU C 302 -17.20 -53.18 -23.18
CA GLU C 302 -17.65 -54.46 -23.69
C GLU C 302 -18.97 -54.87 -23.03
N LYS C 303 -19.73 -55.72 -23.74
CA LYS C 303 -21.05 -56.17 -23.29
C LYS C 303 -21.01 -57.63 -22.86
N ILE C 304 -21.53 -57.93 -21.67
CA ILE C 304 -21.64 -59.29 -21.16
C ILE C 304 -22.96 -59.44 -20.42
N THR C 305 -23.16 -60.61 -19.81
CA THR C 305 -24.32 -60.89 -18.98
C THR C 305 -23.85 -61.37 -17.62
N HIS C 306 -24.43 -60.80 -16.56
CA HIS C 306 -24.01 -61.17 -15.20
C HIS C 306 -24.42 -62.61 -14.90
N PRO C 307 -23.50 -63.44 -14.41
CA PRO C 307 -23.85 -64.85 -14.15
C PRO C 307 -24.95 -65.02 -13.11
N TYR C 308 -25.00 -64.17 -12.09
CA TYR C 308 -25.97 -64.36 -11.02
C TYR C 308 -27.31 -63.76 -11.37
N LEU C 309 -27.35 -62.48 -11.74
CA LEU C 309 -28.61 -61.86 -12.09
C LEU C 309 -29.13 -62.31 -13.45
N GLY C 310 -28.22 -62.58 -14.39
CA GLY C 310 -28.62 -62.96 -15.73
C GLY C 310 -29.00 -61.80 -16.62
N GLU C 311 -28.83 -60.56 -16.18
CA GLU C 311 -29.21 -59.40 -16.96
C GLU C 311 -28.01 -58.86 -17.73
N LYS C 312 -28.26 -58.47 -18.97
CA LYS C 312 -27.20 -57.92 -19.81
C LYS C 312 -26.70 -56.59 -19.25
N MET C 313 -25.40 -56.37 -19.33
CA MET C 313 -24.79 -55.12 -18.89
C MET C 313 -23.41 -55.02 -19.52
N SER C 314 -22.62 -54.07 -19.05
CA SER C 314 -21.25 -53.89 -19.49
C SER C 314 -20.28 -54.36 -18.41
N TRP C 315 -19.00 -54.36 -18.74
CA TRP C 315 -17.98 -54.73 -17.77
C TRP C 315 -17.76 -53.65 -16.71
N GLY C 316 -17.87 -52.37 -17.11
CA GLY C 316 -17.63 -51.29 -16.17
C GLY C 316 -18.58 -51.31 -15.00
N LEU C 317 -19.80 -51.80 -15.20
CA LEU C 317 -20.75 -51.89 -14.10
C LEU C 317 -20.51 -53.11 -13.22
N VAL C 318 -19.69 -54.06 -13.65
CA VAL C 318 -19.48 -55.27 -12.85
C VAL C 318 -18.94 -54.97 -11.47
N PRO C 319 -17.93 -54.11 -11.29
CA PRO C 319 -17.48 -53.80 -9.92
C PRO C 319 -18.59 -53.24 -9.05
N TYR C 320 -19.25 -52.16 -9.48
CA TYR C 320 -20.28 -51.53 -8.67
C TYR C 320 -21.30 -52.55 -8.19
N VAL C 321 -21.84 -53.34 -9.12
CA VAL C 321 -22.86 -54.32 -8.77
C VAL C 321 -22.35 -55.22 -7.65
N GLN C 322 -21.13 -55.73 -7.80
CA GLN C 322 -20.56 -56.59 -6.77
C GLN C 322 -20.61 -55.92 -5.41
N ALA C 323 -20.09 -54.70 -5.32
CA ALA C 323 -20.07 -54.00 -4.05
C ALA C 323 -21.48 -53.88 -3.49
N LEU C 324 -22.45 -53.62 -4.36
CA LEU C 324 -23.82 -53.47 -3.89
C LEU C 324 -24.28 -54.73 -3.18
N LEU C 325 -24.01 -55.90 -3.76
CA LEU C 325 -24.41 -57.14 -3.09
C LEU C 325 -23.76 -57.26 -1.72
N LEU C 326 -22.49 -56.85 -1.60
CA LEU C 326 -21.85 -56.86 -0.29
C LEU C 326 -22.64 -56.02 0.69
N ALA C 327 -23.07 -54.83 0.26
CA ALA C 327 -23.94 -54.02 1.11
C ALA C 327 -25.22 -54.76 1.42
N ARG C 328 -25.82 -55.39 0.41
CA ARG C 328 -27.03 -56.17 0.63
C ARG C 328 -26.78 -57.32 1.58
N PHE C 329 -25.55 -57.78 1.71
CA PHE C 329 -25.25 -58.80 2.72
C PHE C 329 -25.26 -58.20 4.11
N LEU C 330 -24.68 -57.00 4.26
CA LEU C 330 -24.58 -56.42 5.59
C LEU C 330 -25.91 -55.84 6.07
N ARG C 331 -26.77 -55.43 5.13
CA ARG C 331 -28.08 -54.93 5.50
C ARG C 331 -29.07 -56.06 5.79
N GLY C 332 -28.77 -57.29 5.41
CA GLY C 332 -29.59 -58.42 5.73
C GLY C 332 -30.55 -58.90 4.66
N ASP C 333 -30.49 -58.32 3.46
CA ASP C 333 -31.36 -58.77 2.37
C ASP C 333 -30.85 -60.03 1.69
N LEU C 334 -29.59 -60.39 1.87
CA LEU C 334 -29.02 -61.59 1.29
C LEU C 334 -28.29 -62.38 2.35
N ASP C 335 -28.12 -63.68 2.08
CA ASP C 335 -27.45 -64.58 3.02
C ASP C 335 -25.96 -64.72 2.73
N GLU C 336 -25.53 -64.52 1.50
CA GLU C 336 -24.14 -64.69 1.11
C GLU C 336 -23.77 -63.66 0.06
N TYR C 337 -22.50 -63.69 -0.36
CA TYR C 337 -21.95 -62.75 -1.33
C TYR C 337 -21.26 -63.54 -2.43
N PRO C 338 -22.00 -64.00 -3.44
CA PRO C 338 -21.39 -64.77 -4.53
C PRO C 338 -20.84 -63.86 -5.60
N PRO C 339 -19.51 -63.82 -5.78
CA PRO C 339 -18.95 -63.04 -6.90
C PRO C 339 -19.10 -63.75 -8.24
N PHE C 340 -18.78 -65.04 -8.25
CA PHE C 340 -18.98 -65.92 -9.41
C PHE C 340 -19.16 -67.33 -8.85
N LEU C 341 -20.42 -67.72 -8.66
CA LEU C 341 -20.72 -68.93 -7.91
C LEU C 341 -22.06 -69.50 -8.38
N TRP C 342 -22.24 -70.80 -8.15
CA TRP C 342 -23.50 -71.46 -8.48
C TRP C 342 -24.50 -71.34 -7.34
N LYS C 343 -24.13 -71.80 -6.15
CA LYS C 343 -24.97 -71.76 -4.96
C LYS C 343 -26.31 -72.46 -5.18
N MET D 1 -5.15 -23.29 15.64
CA MET D 1 -5.40 -21.90 15.28
C MET D 1 -5.70 -21.78 13.80
N LYS D 2 -6.89 -21.25 13.49
CA LYS D 2 -7.39 -21.16 12.12
C LYS D 2 -7.97 -19.76 11.88
N LYS D 3 -8.26 -19.47 10.63
CA LYS D 3 -8.85 -18.19 10.25
C LYS D 3 -10.27 -18.43 9.73
N LEU D 4 -11.21 -17.65 10.26
CA LEU D 4 -12.59 -17.71 9.77
C LEU D 4 -12.69 -17.12 8.37
N LEU D 5 -13.58 -17.70 7.56
CA LEU D 5 -13.79 -17.28 6.19
C LEU D 5 -15.27 -16.98 5.99
N ASN D 6 -15.58 -16.36 4.87
CA ASN D 6 -16.93 -15.89 4.58
C ASN D 6 -17.89 -17.06 4.38
N THR D 7 -19.12 -16.73 4.03
CA THR D 7 -20.08 -17.67 3.46
C THR D 7 -20.62 -17.04 2.19
N LEU D 8 -21.72 -17.60 1.68
CA LEU D 8 -22.30 -17.14 0.42
C LEU D 8 -23.75 -17.57 0.34
N TYR D 9 -24.67 -16.64 0.58
CA TYR D 9 -26.10 -16.94 0.59
C TYR D 9 -26.71 -16.48 -0.72
N VAL D 10 -26.98 -17.41 -1.62
CA VAL D 10 -27.60 -17.11 -2.90
C VAL D 10 -29.11 -16.99 -2.69
N THR D 11 -29.63 -15.76 -2.77
CA THR D 11 -31.04 -15.55 -2.53
C THR D 11 -31.87 -15.46 -3.80
N GLN D 12 -31.29 -15.05 -4.91
CA GLN D 12 -32.07 -14.94 -6.15
C GLN D 12 -32.47 -16.33 -6.61
N PRO D 13 -33.74 -16.57 -6.90
CA PRO D 13 -34.18 -17.88 -7.40
C PRO D 13 -33.81 -18.05 -8.87
N ASP D 14 -33.92 -19.30 -9.32
CA ASP D 14 -33.65 -19.68 -10.71
C ASP D 14 -32.22 -19.33 -11.11
N THR D 15 -31.28 -19.63 -10.23
CA THR D 15 -29.87 -19.33 -10.43
C THR D 15 -29.10 -20.58 -10.84
N TYR D 16 -27.78 -20.48 -10.92
CA TYR D 16 -26.92 -21.61 -11.25
C TYR D 16 -25.52 -21.28 -10.78
N LEU D 17 -24.78 -22.29 -10.36
CA LEU D 17 -23.41 -22.12 -9.91
C LEU D 17 -22.47 -22.83 -10.87
N SER D 18 -21.24 -22.33 -10.99
CA SER D 18 -20.29 -23.02 -11.85
C SER D 18 -18.88 -22.82 -11.35
N LEU D 19 -18.00 -23.71 -11.78
CA LEU D 19 -16.58 -23.66 -11.47
C LEU D 19 -15.82 -23.08 -12.65
N ASP D 20 -14.75 -22.36 -12.35
CA ASP D 20 -13.85 -21.88 -13.39
C ASP D 20 -12.49 -21.63 -12.74
N GLY D 21 -11.52 -22.48 -13.05
CA GLY D 21 -10.25 -22.40 -12.36
C GLY D 21 -10.44 -22.66 -10.89
N ASP D 22 -10.11 -21.68 -10.05
CA ASP D 22 -10.36 -21.76 -8.63
C ASP D 22 -11.38 -20.71 -8.20
N ASN D 23 -12.32 -20.40 -9.09
CA ASN D 23 -13.32 -19.37 -8.83
C ASN D 23 -14.71 -19.95 -9.01
N VAL D 24 -15.65 -19.45 -8.22
CA VAL D 24 -17.05 -19.78 -8.38
C VAL D 24 -17.72 -18.65 -9.13
N VAL D 25 -18.49 -18.98 -10.16
CA VAL D 25 -19.18 -17.99 -10.97
C VAL D 25 -20.68 -18.24 -10.86
N LEU D 26 -21.43 -17.16 -10.68
CA LEU D 26 -22.87 -17.22 -10.48
C LEU D 26 -23.56 -16.89 -11.80
N LEU D 27 -24.27 -17.86 -12.37
CA LEU D 27 -24.88 -17.73 -13.67
C LEU D 27 -26.39 -17.71 -13.54
N LYS D 28 -27.04 -17.10 -14.54
CA LYS D 28 -28.50 -17.03 -14.59
C LYS D 28 -28.88 -16.82 -16.04
N GLU D 29 -29.29 -17.91 -16.71
CA GLU D 29 -29.60 -17.94 -18.14
C GLU D 29 -28.60 -17.11 -18.95
N GLN D 30 -27.35 -17.57 -18.91
CA GLN D 30 -26.23 -17.05 -19.73
C GLN D 30 -26.07 -15.53 -19.61
N GLU D 31 -26.18 -15.01 -18.40
CA GLU D 31 -25.60 -13.72 -18.06
C GLU D 31 -25.05 -13.80 -16.64
N LYS D 32 -23.75 -13.57 -16.50
CA LYS D 32 -23.08 -13.79 -15.22
C LYS D 32 -23.56 -12.79 -14.19
N LEU D 33 -23.51 -13.20 -12.91
CA LEU D 33 -23.87 -12.33 -11.80
C LEU D 33 -22.71 -12.04 -10.86
N GLY D 34 -21.59 -12.71 -11.03
CA GLY D 34 -20.42 -12.44 -10.20
C GLY D 34 -19.47 -13.61 -10.22
N ARG D 35 -18.25 -13.33 -9.77
CA ARG D 35 -17.24 -14.37 -9.61
C ARG D 35 -16.45 -14.11 -8.34
N LEU D 36 -16.21 -15.16 -7.57
CA LEU D 36 -15.53 -15.02 -6.30
C LEU D 36 -14.45 -16.08 -6.15
N PRO D 37 -13.29 -15.71 -5.60
CA PRO D 37 -12.26 -16.72 -5.34
C PRO D 37 -12.73 -17.72 -4.31
N LEU D 38 -12.20 -18.94 -4.40
CA LEU D 38 -12.65 -20.03 -3.55
C LEU D 38 -11.69 -20.34 -2.41
N HIS D 39 -10.67 -19.53 -2.19
CA HIS D 39 -9.76 -19.76 -1.07
C HIS D 39 -10.09 -18.90 0.14
N ASN D 40 -11.18 -18.12 0.09
CA ASN D 40 -11.68 -17.38 1.24
C ASN D 40 -13.19 -17.50 1.32
N LEU D 41 -13.71 -18.71 1.14
CA LEU D 41 -15.15 -18.93 1.10
C LEU D 41 -15.41 -20.29 1.74
N GLU D 42 -15.68 -20.29 3.04
CA GLU D 42 -15.73 -21.50 3.86
C GLU D 42 -17.06 -22.23 3.78
N ALA D 43 -18.06 -21.69 3.09
CA ALA D 43 -19.32 -22.39 2.92
C ALA D 43 -20.08 -21.75 1.77
N ILE D 44 -21.04 -22.49 1.24
CA ILE D 44 -21.98 -21.97 0.24
C ILE D 44 -23.37 -22.43 0.66
N VAL D 45 -24.31 -21.49 0.69
CA VAL D 45 -25.68 -21.78 1.10
C VAL D 45 -26.62 -21.34 0.01
N GLY D 46 -27.44 -22.25 -0.49
CA GLY D 46 -28.36 -21.98 -1.58
C GLY D 46 -29.77 -21.82 -1.06
N PHE D 47 -30.55 -20.97 -1.74
CA PHE D 47 -31.95 -20.75 -1.41
C PHE D 47 -32.81 -20.98 -2.64
N GLY D 48 -34.00 -21.52 -2.44
CA GLY D 48 -34.87 -21.76 -3.57
C GLY D 48 -34.31 -22.81 -4.51
N TYR D 49 -34.52 -22.59 -5.81
CA TYR D 49 -34.07 -23.51 -6.85
C TYR D 49 -32.66 -23.12 -7.27
N THR D 50 -31.69 -23.90 -6.83
CA THR D 50 -30.29 -23.72 -7.22
C THR D 50 -29.75 -25.02 -7.77
N GLY D 51 -28.82 -24.90 -8.73
CA GLY D 51 -28.14 -26.04 -9.29
C GLY D 51 -26.64 -25.91 -9.06
N ALA D 52 -25.92 -26.95 -9.45
CA ALA D 52 -24.46 -26.93 -9.37
C ALA D 52 -23.90 -27.95 -10.33
N SER D 53 -22.79 -27.63 -10.94
CA SER D 53 -22.15 -28.61 -11.78
C SER D 53 -21.43 -29.65 -10.93
N PRO D 54 -21.42 -30.91 -11.35
CA PRO D 54 -20.76 -31.95 -10.55
C PRO D 54 -19.30 -31.66 -10.28
N ALA D 55 -18.61 -30.97 -11.19
CA ALA D 55 -17.23 -30.59 -10.92
C ALA D 55 -17.15 -29.67 -9.71
N LEU D 56 -18.08 -28.71 -9.62
CA LEU D 56 -18.09 -27.82 -8.46
C LEU D 56 -18.34 -28.59 -7.18
N MET D 57 -19.30 -29.52 -7.19
CA MET D 57 -19.57 -30.31 -6.00
C MET D 57 -18.35 -31.10 -5.58
N GLY D 58 -17.68 -31.74 -6.54
CA GLY D 58 -16.49 -32.51 -6.20
C GLY D 58 -15.39 -31.65 -5.61
N TYR D 59 -15.09 -30.52 -6.27
CA TYR D 59 -14.01 -29.66 -5.81
C TYR D 59 -14.29 -29.12 -4.42
N CYS D 60 -15.50 -28.60 -4.21
CA CYS D 60 -15.87 -28.08 -2.90
C CYS D 60 -15.82 -29.17 -1.85
N ALA D 61 -16.40 -30.33 -2.13
CA ALA D 61 -16.49 -31.38 -1.13
C ALA D 61 -15.11 -31.86 -0.72
N GLU D 62 -14.20 -32.03 -1.67
CA GLU D 62 -12.87 -32.47 -1.31
C GLU D 62 -11.98 -31.34 -0.80
N ARG D 63 -12.44 -30.09 -0.85
CA ARG D 63 -11.70 -28.99 -0.23
C ARG D 63 -12.48 -28.33 0.91
N ASN D 64 -13.38 -29.09 1.55
CA ASN D 64 -14.01 -28.65 2.81
C ASN D 64 -14.80 -27.36 2.64
N ILE D 65 -15.60 -27.29 1.59
CA ILE D 65 -16.48 -26.16 1.33
C ILE D 65 -17.89 -26.72 1.24
N SER D 66 -18.65 -26.57 2.34
CA SER D 66 -19.94 -27.22 2.46
C SER D 66 -20.99 -26.52 1.60
N ILE D 67 -21.71 -27.31 0.81
CA ILE D 67 -22.85 -26.81 0.06
C ILE D 67 -24.11 -27.14 0.86
N THR D 68 -25.19 -26.42 0.60
CA THR D 68 -26.46 -26.67 1.29
C THR D 68 -27.58 -26.01 0.52
N PHE D 69 -28.67 -26.74 0.28
CA PHE D 69 -29.81 -26.24 -0.47
C PHE D 69 -31.01 -26.06 0.45
N LEU D 70 -31.64 -24.88 0.40
CA LEU D 70 -32.83 -24.60 1.17
C LEU D 70 -33.92 -24.11 0.24
N THR D 71 -35.17 -24.22 0.68
CA THR D 71 -36.31 -23.87 -0.15
C THR D 71 -37.09 -22.72 0.46
N LYS D 72 -37.18 -21.62 -0.27
CA LYS D 72 -38.12 -20.54 0.00
C LYS D 72 -37.90 -19.90 1.37
N ASN D 73 -38.12 -20.63 2.46
CA ASN D 73 -38.08 -20.06 3.80
C ASN D 73 -37.21 -20.89 4.72
N GLY D 74 -36.01 -21.25 4.26
CA GLY D 74 -35.09 -21.96 5.12
C GLY D 74 -35.53 -23.35 5.54
N ARG D 75 -36.04 -24.14 4.59
CA ARG D 75 -36.30 -25.55 4.84
C ARG D 75 -35.12 -26.36 4.34
N PHE D 76 -34.60 -27.23 5.20
CA PHE D 76 -33.39 -27.98 4.85
C PHE D 76 -33.68 -29.04 3.79
N LEU D 77 -32.75 -29.15 2.83
CA LEU D 77 -32.81 -30.17 1.79
C LEU D 77 -31.41 -30.42 1.25
N ALA D 78 -31.00 -31.69 1.17
CA ALA D 78 -29.94 -32.11 0.28
C ALA D 78 -28.62 -31.38 0.56
N ARG D 79 -28.06 -31.66 1.73
CA ARG D 79 -26.67 -31.30 1.97
C ARG D 79 -25.77 -32.13 1.06
N VAL D 80 -24.58 -31.62 0.79
CA VAL D 80 -23.62 -32.28 -0.10
C VAL D 80 -22.48 -32.79 0.77
N VAL D 81 -22.26 -34.11 0.73
CA VAL D 81 -21.19 -34.75 1.50
C VAL D 81 -20.29 -35.51 0.54
N GLY D 82 -18.98 -35.41 0.76
CA GLY D 82 -18.02 -35.92 -0.18
C GLY D 82 -17.44 -37.28 0.17
N GLU D 83 -16.13 -37.35 0.34
CA GLU D 83 -15.42 -38.60 0.55
C GLU D 83 -15.02 -38.73 2.02
N SER D 84 -14.36 -39.83 2.34
CA SER D 84 -13.77 -40.04 3.65
C SER D 84 -12.27 -39.81 3.54
N ARG D 85 -11.79 -38.76 4.21
CA ARG D 85 -10.40 -38.35 4.07
C ARG D 85 -9.45 -39.13 4.97
N GLY D 86 -9.87 -40.28 5.49
CA GLY D 86 -8.99 -41.10 6.27
C GLY D 86 -9.24 -41.02 7.76
N ASN D 87 -8.16 -41.01 8.55
CA ASN D 87 -8.24 -40.96 10.01
C ASN D 87 -9.08 -42.11 10.55
N VAL D 88 -8.68 -43.34 10.21
CA VAL D 88 -9.46 -44.51 10.58
C VAL D 88 -9.40 -44.76 12.07
N VAL D 89 -8.28 -44.46 12.73
CA VAL D 89 -8.14 -44.78 14.14
C VAL D 89 -9.11 -43.97 14.99
N LEU D 90 -9.23 -42.68 14.71
CA LEU D 90 -10.17 -41.84 15.45
C LEU D 90 -11.60 -42.33 15.26
N ARG D 91 -11.97 -42.68 14.02
CA ARG D 91 -13.32 -43.16 13.76
C ARG D 91 -13.58 -44.47 14.46
N LYS D 92 -12.60 -45.37 14.46
CA LYS D 92 -12.77 -46.65 15.15
C LYS D 92 -12.94 -46.45 16.64
N THR D 93 -12.13 -45.57 17.24
CA THR D 93 -12.26 -45.31 18.67
C THR D 93 -13.62 -44.71 18.98
N GLN D 94 -14.08 -43.77 18.16
CA GLN D 94 -15.40 -43.18 18.38
C GLN D 94 -16.49 -44.23 18.30
N TYR D 95 -16.43 -45.10 17.28
CA TYR D 95 -17.47 -46.12 17.14
C TYR D 95 -17.41 -47.12 18.29
N ARG D 96 -16.21 -47.41 18.79
CA ARG D 96 -16.10 -48.29 19.95
C ARG D 96 -16.70 -47.65 21.19
N ILE D 97 -16.54 -46.32 21.33
CA ILE D 97 -17.08 -45.64 22.51
C ILE D 97 -18.59 -45.78 22.55
N SER D 98 -19.26 -45.73 21.39
CA SER D 98 -20.69 -45.94 21.38
C SER D 98 -21.02 -47.37 21.82
N GLU D 99 -22.31 -47.61 22.05
CA GLU D 99 -22.85 -48.87 22.53
C GLU D 99 -22.42 -49.20 23.95
N ASN D 100 -21.71 -48.30 24.63
CA ASN D 100 -21.34 -48.47 26.03
C ASN D 100 -21.94 -47.33 26.83
N ASP D 101 -22.63 -47.66 27.91
CA ASP D 101 -23.35 -46.64 28.66
C ASP D 101 -22.43 -45.78 29.54
N GLN D 102 -21.32 -46.33 30.03
CA GLN D 102 -20.48 -45.59 30.97
C GLN D 102 -19.94 -44.30 30.34
N GLU D 103 -19.15 -44.44 29.28
CA GLU D 103 -18.54 -43.28 28.65
C GLU D 103 -19.59 -42.36 28.04
N SER D 104 -20.65 -42.95 27.48
CA SER D 104 -21.74 -42.15 26.93
C SER D 104 -22.36 -41.26 28.00
N THR D 105 -22.59 -41.82 29.20
CA THR D 105 -23.14 -41.03 30.28
C THR D 105 -22.14 -39.99 30.79
N LYS D 106 -20.84 -40.31 30.77
CA LYS D 106 -19.86 -39.29 31.14
C LYS D 106 -19.93 -38.09 30.21
N ILE D 107 -19.95 -38.34 28.90
CA ILE D 107 -19.95 -37.25 27.94
C ILE D 107 -21.30 -36.52 27.99
N ALA D 108 -22.39 -37.24 28.20
CA ALA D 108 -23.68 -36.60 28.41
C ALA D 108 -23.66 -35.72 29.64
N ARG D 109 -23.00 -36.17 30.70
CA ARG D 109 -22.85 -35.38 31.91
C ARG D 109 -22.19 -34.05 31.59
N ASN D 110 -21.07 -34.09 30.89
CA ASN D 110 -20.38 -32.84 30.55
C ASN D 110 -21.26 -31.96 29.67
N PHE D 111 -21.95 -32.57 28.71
CA PHE D 111 -22.78 -31.80 27.78
C PHE D 111 -23.90 -31.06 28.52
N ILE D 112 -24.63 -31.79 29.37
CA ILE D 112 -25.74 -31.18 30.10
C ILE D 112 -25.21 -30.18 31.11
N THR D 113 -24.06 -30.44 31.70
CA THR D 113 -23.43 -29.47 32.58
C THR D 113 -23.21 -28.16 31.86
N GLY D 114 -22.67 -28.22 30.64
CA GLY D 114 -22.47 -27.01 29.87
C GLY D 114 -23.77 -26.30 29.58
N LYS D 115 -24.80 -27.05 29.17
CA LYS D 115 -26.07 -26.43 28.82
C LYS D 115 -26.66 -25.68 30.01
N VAL D 116 -26.73 -26.35 31.16
CA VAL D 116 -27.35 -25.74 32.33
C VAL D 116 -26.52 -24.57 32.84
N TYR D 117 -25.19 -24.69 32.81
CA TYR D 117 -24.34 -23.59 33.25
C TYR D 117 -24.56 -22.36 32.39
N ASN D 118 -24.60 -22.54 31.07
CA ASN D 118 -24.82 -21.42 30.17
C ASN D 118 -26.18 -20.77 30.43
N SER D 119 -27.23 -21.58 30.56
CA SER D 119 -28.56 -21.01 30.79
C SER D 119 -28.60 -20.24 32.09
N LYS D 120 -28.06 -20.83 33.16
CA LYS D 120 -28.09 -20.18 34.46
C LYS D 120 -27.35 -18.84 34.44
N TRP D 121 -26.14 -18.82 33.87
CA TRP D 121 -25.37 -17.60 33.91
C TRP D 121 -25.92 -16.54 32.97
N MET D 122 -26.50 -16.93 31.84
CA MET D 122 -27.16 -15.96 30.97
C MET D 122 -28.33 -15.31 31.70
N LEU D 123 -29.16 -16.12 32.37
CA LEU D 123 -30.28 -15.57 33.12
C LEU D 123 -29.80 -14.64 34.24
N GLU D 124 -28.78 -15.07 34.98
CA GLU D 124 -28.26 -14.27 36.08
C GLU D 124 -27.70 -12.94 35.58
N ARG D 125 -26.94 -12.98 34.49
CA ARG D 125 -26.42 -11.74 33.94
C ARG D 125 -27.55 -10.81 33.52
N MET D 126 -28.56 -11.37 32.82
CA MET D 126 -29.67 -10.53 32.36
C MET D 126 -30.32 -9.81 33.52
N THR D 127 -30.68 -10.55 34.58
CA THR D 127 -31.27 -9.86 35.71
C THR D 127 -30.27 -8.95 36.41
N ARG D 128 -28.97 -9.13 36.16
CA ARG D 128 -28.00 -8.24 36.76
C ARG D 128 -27.92 -6.88 36.06
N GLU D 129 -28.05 -6.82 34.72
CA GLU D 129 -27.92 -5.50 34.13
C GLU D 129 -29.11 -4.62 34.49
N HIS D 130 -30.30 -5.00 34.05
CA HIS D 130 -31.51 -4.20 34.26
C HIS D 130 -32.52 -4.97 35.11
N PRO D 131 -32.64 -4.65 36.40
CA PRO D 131 -33.58 -5.37 37.26
C PRO D 131 -34.98 -4.78 37.26
N LEU D 132 -35.11 -3.54 36.80
CA LEU D 132 -36.39 -2.84 36.90
C LEU D 132 -37.45 -3.44 36.00
N ARG D 133 -37.04 -3.98 34.84
CA ARG D 133 -38.01 -4.51 33.89
C ARG D 133 -38.44 -5.93 34.18
N VAL D 134 -37.80 -6.60 35.14
CA VAL D 134 -38.03 -8.02 35.40
C VAL D 134 -38.24 -8.24 36.89
N ASN D 135 -38.70 -9.45 37.21
CA ASN D 135 -38.84 -9.89 38.60
C ASN D 135 -37.56 -10.64 38.97
N VAL D 136 -36.74 -10.04 39.82
CA VAL D 136 -35.44 -10.60 40.13
C VAL D 136 -35.57 -11.90 40.90
N GLU D 137 -36.43 -11.91 41.92
CA GLU D 137 -36.44 -13.00 42.90
C GLU D 137 -36.61 -14.35 42.22
N GLN D 138 -37.64 -14.47 41.38
CA GLN D 138 -37.87 -15.73 40.67
C GLN D 138 -36.61 -16.20 39.97
N PHE D 139 -35.97 -15.31 39.21
CA PHE D 139 -34.75 -15.67 38.51
C PHE D 139 -33.75 -16.28 39.48
N LYS D 140 -33.52 -15.59 40.60
CA LYS D 140 -32.59 -16.09 41.60
C LYS D 140 -32.95 -17.52 41.99
N ALA D 141 -34.23 -17.73 42.33
CA ALA D 141 -34.67 -19.07 42.72
C ALA D 141 -34.32 -20.09 41.66
N THR D 142 -34.61 -19.76 40.39
CA THR D 142 -34.32 -20.69 39.31
C THR D 142 -32.84 -21.05 39.32
N SER D 143 -31.97 -20.04 39.45
CA SER D 143 -30.54 -20.30 39.51
C SER D 143 -30.24 -21.36 40.56
N GLN D 144 -30.80 -21.18 41.76
CA GLN D 144 -30.59 -22.14 42.83
C GLN D 144 -30.94 -23.55 42.36
N LEU D 145 -32.14 -23.70 41.80
CA LEU D 145 -32.54 -25.01 41.30
C LEU D 145 -31.54 -25.52 40.30
N LEU D 146 -31.14 -24.68 39.35
CA LEU D 146 -30.20 -25.10 38.33
C LEU D 146 -28.89 -25.55 38.97
N SER D 147 -28.44 -24.83 40.00
CA SER D 147 -27.23 -25.23 40.70
C SER D 147 -27.36 -26.66 41.21
N VAL D 148 -28.49 -26.97 41.85
CA VAL D 148 -28.71 -28.32 42.35
C VAL D 148 -28.61 -29.32 41.20
N MET D 149 -29.21 -28.98 40.06
CA MET D 149 -29.17 -29.86 38.90
C MET D 149 -27.75 -30.30 38.60
N MET D 150 -26.80 -29.36 38.70
CA MET D 150 -25.39 -29.64 38.47
C MET D 150 -24.99 -30.93 39.15
N GLN D 151 -25.17 -30.98 40.47
CA GLN D 151 -24.76 -32.15 41.24
C GLN D 151 -25.40 -33.41 40.67
N GLU D 152 -26.72 -33.38 40.50
CA GLU D 152 -27.41 -34.53 39.94
C GLU D 152 -26.88 -34.85 38.55
N ILE D 153 -26.66 -33.82 37.74
CA ILE D 153 -26.14 -34.04 36.39
C ILE D 153 -24.78 -34.70 36.46
N ARG D 154 -23.96 -34.33 37.44
CA ARG D 154 -22.68 -34.98 37.60
C ARG D 154 -22.83 -36.35 38.24
N ASN D 155 -23.84 -36.53 39.08
CA ASN D 155 -24.01 -37.75 39.85
C ASN D 155 -25.03 -38.67 39.21
N CYS D 156 -24.72 -39.15 38.00
CA CYS D 156 -25.60 -40.09 37.33
C CYS D 156 -24.80 -40.91 36.33
N ASP D 157 -25.30 -42.11 36.03
CA ASP D 157 -24.58 -43.03 35.14
C ASP D 157 -25.48 -43.78 34.17
N SER D 158 -26.71 -43.33 33.96
CA SER D 158 -27.62 -43.97 33.01
C SER D 158 -28.16 -42.93 32.04
N LEU D 159 -28.08 -43.22 30.74
CA LEU D 159 -28.50 -42.26 29.73
C LEU D 159 -29.98 -41.95 29.85
N GLU D 160 -30.79 -42.92 30.25
CA GLU D 160 -32.23 -42.68 30.37
C GLU D 160 -32.54 -41.63 31.42
N SER D 161 -31.84 -41.67 32.55
CA SER D 161 -32.13 -40.72 33.63
C SER D 161 -31.86 -39.28 33.19
N LEU D 162 -30.68 -39.03 32.61
CA LEU D 162 -30.34 -37.68 32.19
C LEU D 162 -31.36 -37.13 31.21
N ARG D 163 -31.80 -37.95 30.25
CA ARG D 163 -32.84 -37.53 29.32
C ARG D 163 -34.07 -37.04 30.07
N GLY D 164 -34.50 -37.80 31.09
CA GLY D 164 -35.61 -37.34 31.90
C GLY D 164 -35.32 -36.01 32.56
N TRP D 165 -34.12 -35.86 33.10
CA TRP D 165 -33.72 -34.58 33.69
C TRP D 165 -33.80 -33.46 32.66
N GLU D 166 -33.53 -33.78 31.40
CA GLU D 166 -33.66 -32.78 30.34
C GLU D 166 -35.03 -32.11 30.39
N GLY D 167 -36.08 -32.92 30.56
CA GLY D 167 -37.42 -32.36 30.62
C GLY D 167 -37.55 -31.30 31.70
N GLN D 168 -36.98 -31.57 32.87
CA GLN D 168 -37.03 -30.57 33.94
C GLN D 168 -36.32 -29.30 33.51
N ALA D 169 -35.14 -29.44 32.90
CA ALA D 169 -34.43 -28.27 32.39
C ALA D 169 -35.28 -27.51 31.38
N ALA D 170 -36.17 -28.21 30.67
CA ALA D 170 -37.09 -27.53 29.77
C ALA D 170 -38.20 -26.81 30.54
N ILE D 171 -38.75 -27.45 31.57
CA ILE D 171 -39.93 -26.88 32.20
C ILE D 171 -39.57 -25.74 33.13
N ASN D 172 -38.34 -25.71 33.64
CA ASN D 172 -37.93 -24.59 34.49
C ASN D 172 -37.61 -23.33 33.69
N TYR D 173 -37.22 -23.48 32.43
CA TYR D 173 -36.77 -22.35 31.61
C TYR D 173 -37.84 -21.79 30.70
N ASN D 174 -38.64 -22.65 30.07
CA ASN D 174 -39.58 -22.20 29.05
C ASN D 174 -40.50 -21.12 29.57
N LYS D 175 -41.12 -21.35 30.73
CA LYS D 175 -42.04 -20.38 31.29
C LYS D 175 -41.34 -19.05 31.54
N VAL D 176 -40.07 -19.10 31.93
CA VAL D 176 -39.33 -17.87 32.20
C VAL D 176 -39.06 -17.13 30.90
N PHE D 177 -38.80 -17.87 29.81
CA PHE D 177 -38.30 -17.24 28.59
C PHE D 177 -39.26 -16.18 28.08
N ASP D 178 -40.54 -16.30 28.42
CA ASP D 178 -41.54 -15.33 27.97
C ASP D 178 -41.16 -13.91 28.37
N GLN D 179 -40.67 -13.73 29.59
CA GLN D 179 -40.37 -12.40 30.08
C GLN D 179 -38.95 -11.97 29.74
N MET D 180 -38.24 -12.77 28.94
CA MET D 180 -36.96 -12.31 28.41
C MET D 180 -37.12 -11.05 27.58
N ILE D 181 -38.21 -10.98 26.80
CA ILE D 181 -38.44 -9.87 25.89
C ILE D 181 -38.73 -8.61 26.68
N LEU D 182 -38.23 -7.48 26.18
CA LEU D 182 -38.44 -6.19 26.84
C LEU D 182 -39.27 -5.21 26.04
N GLN D 183 -39.39 -5.39 24.72
CA GLN D 183 -40.11 -4.44 23.88
C GLN D 183 -40.96 -5.19 22.88
N GLN D 184 -41.90 -4.45 22.28
CA GLN D 184 -42.81 -4.98 21.26
C GLN D 184 -43.55 -6.22 21.75
N LYS D 185 -43.97 -6.19 23.01
CA LYS D 185 -44.71 -7.33 23.55
C LYS D 185 -46.05 -7.50 22.85
N GLU D 186 -46.59 -6.42 22.27
CA GLU D 186 -47.85 -6.53 21.56
C GLU D 186 -47.64 -6.83 20.09
N GLU D 187 -46.60 -6.26 19.48
CA GLU D 187 -46.37 -6.49 18.05
C GLU D 187 -45.92 -7.92 17.80
N PHE D 188 -44.99 -8.43 18.61
CA PHE D 188 -44.42 -9.75 18.43
C PHE D 188 -45.17 -10.71 19.36
N ALA D 189 -46.36 -11.14 18.91
CA ALA D 189 -47.21 -11.99 19.72
C ALA D 189 -46.46 -13.26 20.09
N PHE D 190 -46.15 -13.42 21.37
CA PHE D 190 -45.23 -14.43 21.84
C PHE D 190 -45.93 -15.35 22.83
N HIS D 191 -45.84 -16.66 22.59
CA HIS D 191 -46.48 -17.67 23.43
C HIS D 191 -45.49 -18.61 24.08
N GLY D 192 -44.37 -18.09 24.57
CA GLY D 192 -43.36 -18.91 25.19
C GLY D 192 -42.41 -19.53 24.18
N ARG D 193 -41.55 -20.41 24.68
CA ARG D 193 -40.67 -21.18 23.81
C ARG D 193 -41.43 -22.26 23.06
N SER D 194 -42.75 -22.27 23.14
CA SER D 194 -43.57 -23.20 22.38
C SER D 194 -43.29 -23.08 20.89
N ARG D 195 -43.14 -24.22 20.23
CA ARG D 195 -42.73 -24.25 18.84
C ARG D 195 -43.75 -25.01 18.00
N ARG D 196 -43.88 -24.60 16.74
CA ARG D 196 -44.73 -25.25 15.77
C ARG D 196 -44.03 -25.28 14.41
N PRO D 197 -43.79 -26.46 13.85
CA PRO D 197 -43.11 -26.55 12.55
C PRO D 197 -43.87 -25.83 11.44
N PRO D 198 -45.20 -25.74 11.50
CA PRO D 198 -45.88 -24.81 10.57
C PRO D 198 -45.66 -23.34 10.87
N LYS D 199 -45.11 -22.99 12.05
CA LYS D 199 -44.80 -21.61 12.45
C LYS D 199 -46.02 -20.79 12.82
N ASP D 200 -45.87 -19.95 13.85
CA ASP D 200 -46.95 -19.12 14.39
C ASP D 200 -46.47 -17.72 14.76
N ASN D 201 -45.42 -17.24 14.08
CA ASN D 201 -44.79 -15.94 14.29
C ASN D 201 -43.97 -15.91 15.58
N VAL D 202 -42.82 -15.22 15.53
CA VAL D 202 -41.80 -15.20 16.57
C VAL D 202 -41.36 -16.64 16.78
N ASN D 203 -41.61 -17.47 15.77
CA ASN D 203 -41.01 -18.77 15.63
C ASN D 203 -40.29 -18.95 14.32
N ALA D 204 -40.61 -18.14 13.30
CA ALA D 204 -39.87 -18.18 12.04
C ALA D 204 -38.41 -17.80 12.26
N MET D 205 -38.17 -16.72 13.01
CA MET D 205 -36.79 -16.32 13.28
C MET D 205 -36.06 -17.39 14.06
N LEU D 206 -36.72 -17.98 15.06
CA LEU D 206 -36.05 -18.98 15.89
C LEU D 206 -35.73 -20.22 15.07
N SER D 207 -36.64 -20.63 14.19
CA SER D 207 -36.38 -21.76 13.30
C SER D 207 -35.23 -21.46 12.35
N PHE D 208 -35.18 -20.23 11.82
CA PHE D 208 -34.10 -19.85 10.93
C PHE D 208 -32.75 -19.92 11.64
N ALA D 209 -32.70 -19.41 12.87
CA ALA D 209 -31.45 -19.46 13.63
C ALA D 209 -31.03 -20.90 13.90
N TYR D 210 -31.99 -21.75 14.25
CA TYR D 210 -31.68 -23.16 14.46
C TYR D 210 -31.13 -23.81 13.19
N THR D 211 -31.75 -23.54 12.04
CA THR D 211 -31.29 -24.15 10.79
C THR D 211 -29.86 -23.73 10.46
N LEU D 212 -29.58 -22.42 10.54
CA LEU D 212 -28.25 -21.95 10.21
C LEU D 212 -27.21 -22.53 11.16
N LEU D 213 -27.52 -22.59 12.46
CA LEU D 213 -26.58 -23.15 13.41
C LEU D 213 -26.35 -24.63 13.13
N ALA D 214 -27.41 -25.36 12.77
CA ALA D 214 -27.27 -26.78 12.50
C ALA D 214 -26.34 -27.03 11.32
N ASN D 215 -26.52 -26.26 10.24
CA ASN D 215 -25.65 -26.43 9.08
C ASN D 215 -24.20 -26.14 9.44
N ASP D 216 -23.97 -25.03 10.14
CA ASP D 216 -22.60 -24.67 10.50
C ASP D 216 -21.95 -25.76 11.35
N VAL D 217 -22.68 -26.26 12.34
CA VAL D 217 -22.11 -27.25 13.24
C VAL D 217 -21.85 -28.58 12.51
N ALA D 218 -22.76 -28.98 11.61
CA ALA D 218 -22.52 -30.21 10.85
C ALA D 218 -21.25 -30.10 10.02
N ALA D 219 -21.07 -28.96 9.34
CA ALA D 219 -19.84 -28.77 8.57
C ALA D 219 -18.61 -28.83 9.47
N ALA D 220 -18.68 -28.19 10.65
CA ALA D 220 -17.54 -28.17 11.53
C ALA D 220 -17.16 -29.57 11.99
N LEU D 221 -18.15 -30.39 12.34
CA LEU D 221 -17.84 -31.76 12.77
C LEU D 221 -17.31 -32.61 11.62
N GLU D 222 -17.88 -32.48 10.41
CA GLU D 222 -17.38 -33.29 9.31
C GLU D 222 -16.01 -32.84 8.82
N THR D 223 -15.58 -31.63 9.17
CA THR D 223 -14.25 -31.17 8.80
C THR D 223 -13.16 -31.90 9.60
N VAL D 224 -13.42 -32.17 10.88
CA VAL D 224 -12.38 -32.73 11.75
C VAL D 224 -12.14 -34.21 11.53
N GLY D 225 -13.05 -34.90 10.84
CA GLY D 225 -12.85 -36.30 10.54
C GLY D 225 -13.57 -37.24 11.48
N LEU D 226 -14.82 -36.95 11.78
CA LEU D 226 -15.67 -37.83 12.58
C LEU D 226 -17.12 -37.42 12.33
N ASP D 227 -18.03 -38.07 13.04
CA ASP D 227 -19.46 -37.77 12.87
C ASP D 227 -20.18 -37.84 14.22
N ALA D 228 -20.92 -36.78 14.54
CA ALA D 228 -21.64 -36.67 15.82
C ALA D 228 -23.03 -36.05 15.62
N TYR D 229 -23.77 -36.53 14.64
CA TYR D 229 -25.21 -36.26 14.56
C TYR D 229 -26.05 -37.52 14.76
N VAL D 230 -25.58 -38.65 14.25
CA VAL D 230 -26.00 -39.97 14.69
C VAL D 230 -24.74 -40.59 15.27
N GLY D 231 -24.55 -40.43 16.58
CA GLY D 231 -23.36 -40.90 17.23
C GLY D 231 -23.69 -41.66 18.49
N PHE D 232 -22.97 -41.38 19.58
CA PHE D 232 -23.05 -42.26 20.73
C PHE D 232 -24.09 -41.81 21.74
N MET D 233 -24.13 -40.53 22.08
CA MET D 233 -24.89 -40.12 23.27
C MET D 233 -26.37 -39.91 23.00
N HIS D 234 -26.72 -39.22 21.92
CA HIS D 234 -28.11 -38.88 21.67
C HIS D 234 -28.90 -40.11 21.26
N GLN D 235 -30.18 -39.90 20.97
CA GLN D 235 -31.05 -40.97 20.55
C GLN D 235 -30.68 -41.46 19.15
N ASP D 236 -30.98 -42.73 18.89
CA ASP D 236 -30.72 -43.34 17.60
C ASP D 236 -31.91 -43.19 16.66
N ARG D 237 -33.03 -42.68 17.15
CA ARG D 237 -34.26 -42.70 16.37
C ARG D 237 -34.08 -41.84 15.12
N PRO D 238 -34.29 -42.40 13.93
CA PRO D 238 -33.77 -41.77 12.71
C PRO D 238 -34.53 -40.54 12.29
N GLY D 239 -34.03 -39.90 11.22
CA GLY D 239 -34.61 -38.69 10.68
C GLY D 239 -34.26 -37.44 11.44
N ARG D 240 -33.37 -37.53 12.42
CA ARG D 240 -33.05 -36.44 13.34
C ARG D 240 -31.53 -36.31 13.44
N ALA D 241 -30.94 -35.45 12.62
CA ALA D 241 -29.55 -35.07 12.75
C ALA D 241 -29.40 -34.18 13.98
N SER D 242 -29.56 -34.81 15.15
CA SER D 242 -29.78 -34.07 16.39
C SER D 242 -28.73 -34.31 17.47
N LEU D 243 -27.73 -35.17 17.24
CA LEU D 243 -26.57 -35.13 18.12
C LEU D 243 -25.74 -33.89 17.80
N ALA D 244 -25.68 -33.51 16.52
CA ALA D 244 -25.25 -32.16 16.18
C ALA D 244 -26.09 -31.15 16.94
N LEU D 245 -27.41 -31.34 16.97
CA LEU D 245 -28.24 -30.57 17.88
C LEU D 245 -27.81 -30.77 19.32
N ASP D 246 -27.37 -31.98 19.68
CA ASP D 246 -26.92 -32.21 21.04
C ASP D 246 -25.55 -31.59 21.31
N LEU D 247 -24.71 -31.51 20.29
CA LEU D 247 -23.45 -30.77 20.47
C LEU D 247 -23.69 -29.28 20.52
N MET D 248 -24.74 -28.78 19.90
CA MET D 248 -25.07 -27.37 19.96
C MET D 248 -26.14 -27.06 21.01
N GLU D 249 -26.52 -28.04 21.83
CA GLU D 249 -27.38 -27.74 22.98
C GLU D 249 -26.72 -26.72 23.89
N GLU D 250 -25.40 -26.84 24.09
CA GLU D 250 -24.64 -25.84 24.84
C GLU D 250 -24.53 -24.53 24.08
N LEU D 251 -24.90 -24.52 22.81
CA LEU D 251 -24.82 -23.32 21.99
C LEU D 251 -26.18 -22.76 21.63
N ARG D 252 -27.16 -23.62 21.29
CA ARG D 252 -28.44 -23.10 20.86
C ARG D 252 -29.10 -22.25 21.94
N GLY D 253 -28.85 -22.57 23.21
CA GLY D 253 -29.35 -21.71 24.28
C GLY D 253 -28.67 -20.35 24.28
N LEU D 254 -27.37 -20.31 24.06
CA LEU D 254 -26.62 -19.07 24.07
C LEU D 254 -26.52 -18.44 22.69
N TYR D 255 -25.87 -19.15 21.77
CA TYR D 255 -25.47 -18.57 20.49
C TYR D 255 -26.68 -18.14 19.67
N ALA D 256 -27.74 -18.93 19.65
CA ALA D 256 -28.93 -18.61 18.87
C ALA D 256 -29.97 -17.82 19.65
N ASP D 257 -30.33 -18.30 20.84
CA ASP D 257 -31.39 -17.64 21.60
C ASP D 257 -30.97 -16.25 22.08
N ARG D 258 -29.74 -16.12 22.57
CA ARG D 258 -29.28 -14.80 23.01
C ARG D 258 -29.22 -13.84 21.83
N PHE D 259 -28.80 -14.32 20.67
CA PHE D 259 -28.78 -13.48 19.48
C PHE D 259 -30.19 -13.03 19.13
N VAL D 260 -31.17 -13.94 19.18
CA VAL D 260 -32.54 -13.57 18.88
C VAL D 260 -33.06 -12.56 19.89
N LEU D 261 -32.73 -12.75 21.18
CA LEU D 261 -33.20 -11.83 22.20
C LEU D 261 -32.62 -10.44 22.01
N SER D 262 -31.33 -10.34 21.71
CA SER D 262 -30.74 -9.03 21.44
C SER D 262 -31.37 -8.39 20.23
N LEU D 263 -31.66 -9.20 19.19
CA LEU D 263 -32.34 -8.68 18.01
C LEU D 263 -33.72 -8.11 18.36
N ILE D 264 -34.46 -8.79 19.25
CA ILE D 264 -35.77 -8.31 19.65
C ILE D 264 -35.63 -7.02 20.46
N ASN D 265 -34.72 -7.00 21.42
CA ASN D 265 -34.60 -5.86 22.31
C ASN D 265 -34.18 -4.60 21.55
N ARG D 266 -33.24 -4.74 20.62
CA ARG D 266 -32.69 -3.57 19.94
C ARG D 266 -33.58 -3.05 18.82
N LYS D 267 -34.80 -3.58 18.68
CA LYS D 267 -35.75 -3.13 17.66
C LYS D 267 -35.21 -3.28 16.24
N GLU D 268 -34.40 -4.31 16.00
CA GLU D 268 -33.72 -4.41 14.71
C GLU D 268 -34.64 -4.83 13.57
N MET D 269 -35.74 -5.53 13.87
CA MET D 269 -36.80 -5.72 12.88
C MET D 269 -38.14 -5.58 13.57
N THR D 270 -39.16 -5.33 12.77
CA THR D 270 -40.50 -5.03 13.24
C THR D 270 -41.49 -5.96 12.54
N ALA D 271 -42.72 -6.01 13.05
CA ALA D 271 -43.74 -6.91 12.54
C ALA D 271 -44.16 -6.58 11.10
N ASP D 272 -43.75 -5.44 10.57
CA ASP D 272 -44.06 -5.14 9.17
C ASP D 272 -43.42 -6.15 8.22
N GLY D 273 -42.26 -6.68 8.59
CA GLY D 273 -41.55 -7.62 7.73
C GLY D 273 -42.03 -9.04 7.76
N PHE D 274 -42.94 -9.37 8.69
CA PHE D 274 -43.50 -10.71 8.79
C PHE D 274 -44.90 -10.73 8.22
N TYR D 275 -45.36 -11.91 7.84
CA TYR D 275 -46.75 -12.08 7.44
C TYR D 275 -47.16 -13.52 7.67
N LYS D 276 -48.45 -13.78 7.49
CA LYS D 276 -49.02 -15.09 7.80
C LYS D 276 -49.72 -15.66 6.59
N LYS D 277 -49.56 -16.95 6.37
CA LYS D 277 -50.26 -17.64 5.31
C LYS D 277 -51.73 -17.83 5.68
N GLU D 278 -52.55 -18.16 4.68
CA GLU D 278 -53.96 -18.41 4.93
C GLU D 278 -54.16 -19.62 5.85
N ASN D 279 -53.27 -20.60 5.76
CA ASN D 279 -53.40 -21.81 6.56
C ASN D 279 -52.94 -21.64 8.00
N GLY D 280 -52.35 -20.49 8.35
CA GLY D 280 -51.84 -20.25 9.68
C GLY D 280 -50.33 -20.21 9.77
N ALA D 281 -49.62 -20.64 8.72
CA ALA D 281 -48.17 -20.54 8.71
C ALA D 281 -47.75 -19.08 8.54
N VAL D 282 -46.53 -18.78 8.98
CA VAL D 282 -45.98 -17.43 8.91
C VAL D 282 -44.69 -17.46 8.10
N LEU D 283 -44.43 -16.37 7.40
CA LEU D 283 -43.27 -16.22 6.52
C LEU D 283 -42.63 -14.87 6.75
N MET D 284 -41.35 -14.76 6.39
CA MET D 284 -40.60 -13.52 6.49
C MET D 284 -40.40 -12.93 5.10
N THR D 285 -40.59 -11.63 4.99
CA THR D 285 -40.38 -10.96 3.71
C THR D 285 -38.90 -10.89 3.38
N ASP D 286 -38.61 -10.69 2.09
CA ASP D 286 -37.23 -10.85 1.60
C ASP D 286 -36.28 -9.86 2.25
N GLU D 287 -36.71 -8.60 2.40
CA GLU D 287 -35.85 -7.62 3.05
C GLU D 287 -35.57 -8.01 4.49
N ALA D 288 -36.57 -8.58 5.17
CA ALA D 288 -36.36 -9.04 6.53
C ALA D 288 -35.31 -10.15 6.58
N ARG D 289 -35.38 -11.09 5.64
CA ARG D 289 -34.40 -12.18 5.62
C ARG D 289 -33.01 -11.65 5.33
N LYS D 290 -32.89 -10.71 4.39
CA LYS D 290 -31.58 -10.13 4.10
C LYS D 290 -31.01 -9.42 5.32
N THR D 291 -31.85 -8.65 6.01
CA THR D 291 -31.39 -7.95 7.22
C THR D 291 -30.98 -8.94 8.29
N PHE D 292 -31.74 -10.03 8.45
CA PHE D 292 -31.42 -11.03 9.44
C PHE D 292 -30.08 -11.69 9.12
N LEU D 293 -29.84 -12.01 7.85
CA LEU D 293 -28.58 -12.63 7.46
C LEU D 293 -27.42 -11.67 7.69
N LYS D 294 -27.62 -10.38 7.37
CA LYS D 294 -26.57 -9.40 7.61
C LYS D 294 -26.23 -9.33 9.10
N ALA D 295 -27.25 -9.30 9.94
CA ALA D 295 -27.03 -9.28 11.38
C ALA D 295 -26.29 -10.52 11.84
N TRP D 296 -26.67 -11.68 11.28
CA TRP D 296 -26.04 -12.94 11.65
C TRP D 296 -24.54 -12.93 11.33
N GLN D 297 -24.20 -12.54 10.09
CA GLN D 297 -22.79 -12.53 9.69
C GLN D 297 -22.00 -11.50 10.48
N THR D 298 -22.55 -10.29 10.63
CA THR D 298 -21.84 -9.25 11.38
C THR D 298 -21.60 -9.69 12.82
N LYS D 299 -22.59 -10.36 13.42
CA LYS D 299 -22.38 -10.93 14.73
C LYS D 299 -21.26 -11.96 14.71
N LYS D 300 -21.24 -12.82 13.69
CA LYS D 300 -20.20 -13.84 13.61
C LYS D 300 -18.81 -13.23 13.57
N GLN D 301 -18.65 -12.08 12.92
CA GLN D 301 -17.31 -11.54 12.71
C GLN D 301 -16.65 -11.08 14.01
N GLU D 302 -17.44 -10.78 15.04
CA GLU D 302 -16.87 -10.19 16.26
C GLU D 302 -15.96 -11.16 17.00
N LYS D 303 -15.02 -10.61 17.75
CA LYS D 303 -13.96 -11.36 18.40
C LYS D 303 -14.21 -11.48 19.90
N ILE D 304 -13.95 -12.67 20.44
CA ILE D 304 -14.07 -12.94 21.87
C ILE D 304 -12.87 -13.76 22.32
N THR D 305 -12.88 -14.15 23.59
CA THR D 305 -11.83 -14.98 24.18
C THR D 305 -12.41 -16.32 24.58
N HIS D 306 -11.53 -17.19 25.12
CA HIS D 306 -11.94 -18.54 25.47
C HIS D 306 -11.62 -18.85 26.93
N PRO D 307 -12.41 -19.72 27.57
CA PRO D 307 -12.13 -20.05 28.97
C PRO D 307 -10.84 -20.82 29.20
N TYR D 308 -10.26 -21.43 28.16
CA TYR D 308 -9.11 -22.31 28.40
C TYR D 308 -7.86 -21.52 28.73
N LEU D 309 -7.37 -20.71 27.78
CA LEU D 309 -6.15 -19.95 27.98
C LEU D 309 -6.30 -18.47 27.73
N GLY D 310 -7.39 -18.03 27.13
CA GLY D 310 -7.58 -16.63 26.79
C GLY D 310 -7.24 -16.26 25.37
N GLU D 311 -6.95 -17.25 24.52
CA GLU D 311 -6.60 -16.95 23.13
C GLU D 311 -7.80 -16.38 22.38
N LYS D 312 -7.54 -15.38 21.54
CA LYS D 312 -8.62 -14.70 20.84
C LYS D 312 -9.14 -15.57 19.70
N MET D 313 -10.46 -15.62 19.56
CA MET D 313 -11.08 -16.21 18.37
C MET D 313 -12.42 -15.55 18.16
N SER D 314 -12.91 -15.60 16.92
CA SER D 314 -14.20 -15.03 16.60
C SER D 314 -15.32 -15.97 17.07
N TRP D 315 -16.56 -15.54 16.83
CA TRP D 315 -17.72 -16.39 17.12
C TRP D 315 -17.70 -17.66 16.27
N GLY D 316 -17.48 -17.52 14.98
CA GLY D 316 -17.64 -18.67 14.10
C GLY D 316 -16.69 -19.81 14.40
N LEU D 317 -15.57 -19.52 15.08
CA LEU D 317 -14.63 -20.58 15.43
C LEU D 317 -15.03 -21.33 16.69
N VAL D 318 -16.01 -20.84 17.45
CA VAL D 318 -16.46 -21.55 18.64
C VAL D 318 -16.98 -22.94 18.33
N PRO D 319 -17.84 -23.15 17.31
CA PRO D 319 -18.21 -24.52 16.97
C PRO D 319 -17.03 -25.38 16.56
N TYR D 320 -16.21 -24.92 15.62
CA TYR D 320 -15.13 -25.74 15.09
C TYR D 320 -14.21 -26.22 16.19
N VAL D 321 -13.75 -25.31 17.05
CA VAL D 321 -12.84 -25.72 18.11
C VAL D 321 -13.52 -26.73 19.01
N GLN D 322 -14.82 -26.55 19.26
CA GLN D 322 -15.54 -27.52 20.08
C GLN D 322 -15.55 -28.89 19.44
N ALA D 323 -15.52 -28.95 18.11
CA ALA D 323 -15.30 -30.22 17.44
C ALA D 323 -13.90 -30.74 17.73
N LEU D 324 -12.89 -29.89 17.51
CA LEU D 324 -11.51 -30.36 17.60
C LEU D 324 -11.23 -30.93 18.98
N LEU D 325 -11.64 -30.22 20.03
CA LEU D 325 -11.42 -30.70 21.39
C LEU D 325 -11.92 -32.12 21.55
N LEU D 326 -13.11 -32.42 20.98
CA LEU D 326 -13.67 -33.76 21.10
C LEU D 326 -12.70 -34.80 20.56
N ALA D 327 -12.13 -34.55 19.38
CA ALA D 327 -11.16 -35.49 18.83
C ALA D 327 -9.94 -35.59 19.75
N ARG D 328 -9.50 -34.46 20.30
CA ARG D 328 -8.37 -34.49 21.21
C ARG D 328 -8.71 -35.24 22.49
N PHE D 329 -10.01 -35.38 22.80
CA PHE D 329 -10.39 -36.24 23.91
C PHE D 329 -10.18 -37.71 23.57
N LEU D 330 -10.45 -38.09 22.33
CA LEU D 330 -10.38 -39.49 21.95
C LEU D 330 -8.96 -39.95 21.63
N ARG D 331 -7.98 -39.07 21.66
CA ARG D 331 -6.59 -39.43 21.47
C ARG D 331 -5.81 -39.48 22.78
N GLY D 332 -6.51 -39.44 23.92
CA GLY D 332 -5.84 -39.51 25.20
C GLY D 332 -5.18 -38.23 25.64
N ASP D 333 -5.55 -37.09 25.07
CA ASP D 333 -4.94 -35.82 25.48
C ASP D 333 -5.58 -35.29 26.76
N LEU D 334 -6.91 -35.34 26.84
CA LEU D 334 -7.64 -34.80 27.97
C LEU D 334 -8.44 -35.89 28.66
N ASP D 335 -8.62 -35.74 29.97
CA ASP D 335 -9.33 -36.74 30.76
C ASP D 335 -10.78 -36.87 30.31
N GLU D 336 -11.45 -35.75 30.07
CA GLU D 336 -12.77 -35.76 29.45
C GLU D 336 -12.98 -34.45 28.72
N TYR D 337 -13.92 -34.47 27.78
CA TYR D 337 -14.20 -33.32 26.93
C TYR D 337 -14.56 -32.12 27.78
N PRO D 338 -13.76 -31.06 27.78
CA PRO D 338 -14.10 -29.87 28.55
C PRO D 338 -15.03 -28.96 27.76
N PRO D 339 -16.25 -28.77 28.24
CA PRO D 339 -17.27 -28.09 27.43
C PRO D 339 -17.13 -26.58 27.40
N PHE D 340 -18.08 -25.93 26.73
CA PHE D 340 -18.11 -24.48 26.59
C PHE D 340 -18.89 -23.91 27.78
N LEU D 341 -18.27 -23.00 28.52
CA LEU D 341 -18.81 -22.53 29.80
C LEU D 341 -18.56 -21.02 29.95
N TRP D 342 -19.62 -20.22 29.87
CA TRP D 342 -19.52 -18.83 30.33
C TRP D 342 -20.24 -18.64 31.66
N GLY E 1 8.27 12.22 7.33
CA GLY E 1 7.19 12.35 6.35
C GLY E 1 7.56 11.67 5.04
N SER E 2 6.99 12.16 3.94
CA SER E 2 7.25 11.64 2.60
C SER E 2 6.88 10.15 2.52
N MET E 3 5.58 9.91 2.61
CA MET E 3 5.02 8.59 2.40
C MET E 3 4.94 8.26 0.91
N LEU E 4 5.00 6.98 0.60
CA LEU E 4 4.87 6.52 -0.78
C LEU E 4 3.41 6.31 -1.12
N VAL E 5 3.01 6.78 -2.30
CA VAL E 5 1.62 6.72 -2.74
C VAL E 5 1.58 6.23 -4.18
N LEU E 6 0.70 5.28 -4.47
CA LEU E 6 0.58 4.67 -5.78
C LEU E 6 -0.77 5.02 -6.38
N ILE E 7 -0.76 5.52 -7.61
CA ILE E 7 -1.98 6.00 -8.27
C ILE E 7 -2.19 5.20 -9.54
N THR E 8 -3.43 4.77 -9.77
CA THR E 8 -3.78 4.08 -10.99
C THR E 8 -5.04 4.71 -11.58
N TYR E 9 -5.13 4.68 -12.91
CA TYR E 9 -6.27 5.27 -13.60
C TYR E 9 -6.66 4.54 -14.86
N ASP E 10 -7.95 4.38 -15.11
CA ASP E 10 -8.45 3.75 -16.32
C ASP E 10 -9.57 4.63 -16.86
N VAL E 11 -9.23 5.45 -17.84
CA VAL E 11 -10.17 6.37 -18.44
C VAL E 11 -10.69 5.77 -19.73
N GLN E 12 -11.83 6.26 -20.19
CA GLN E 12 -12.50 5.71 -21.34
C GLN E 12 -12.27 6.63 -22.54
N THR E 13 -11.57 6.12 -23.55
CA THR E 13 -11.29 6.87 -24.77
C THR E 13 -12.31 6.61 -25.87
N SER E 14 -13.34 5.81 -25.62
CA SER E 14 -14.42 5.69 -26.58
C SER E 14 -15.44 6.81 -26.47
N SER E 15 -15.31 7.67 -25.47
CA SER E 15 -16.27 8.74 -25.21
C SER E 15 -16.02 9.91 -26.15
N MET E 16 -16.78 10.98 -25.95
CA MET E 16 -16.64 12.17 -26.78
C MET E 16 -15.27 12.81 -26.62
N GLY E 17 -14.79 12.91 -25.39
CA GLY E 17 -13.51 13.56 -25.16
C GLY E 17 -12.53 12.63 -24.46
N GLY E 18 -12.57 11.36 -24.82
CA GLY E 18 -11.74 10.37 -24.14
C GLY E 18 -10.26 10.62 -24.34
N THR E 19 -9.84 10.88 -25.57
CA THR E 19 -8.43 11.09 -25.84
C THR E 19 -7.91 12.32 -25.09
N LYS E 20 -8.67 13.41 -25.12
CA LYS E 20 -8.29 14.59 -24.38
C LYS E 20 -8.18 14.31 -22.89
N ARG E 21 -9.16 13.58 -22.34
CA ARG E 21 -9.14 13.27 -20.92
C ARG E 21 -7.92 12.45 -20.57
N LEU E 22 -7.58 11.46 -21.39
CA LEU E 22 -6.43 10.63 -21.08
C LEU E 22 -5.14 11.44 -21.12
N ARG E 23 -4.98 12.30 -22.14
CA ARG E 23 -3.76 13.10 -22.21
C ARG E 23 -3.64 14.03 -21.01
N LYS E 24 -4.74 14.69 -20.65
CA LYS E 24 -4.70 15.61 -19.52
C LYS E 24 -4.39 14.88 -18.22
N VAL E 25 -5.00 13.72 -18.01
CA VAL E 25 -4.76 12.98 -16.77
C VAL E 25 -3.32 12.49 -16.70
N ALA E 26 -2.78 12.00 -17.82
CA ALA E 26 -1.40 11.54 -17.81
C ALA E 26 -0.46 12.69 -17.47
N LYS E 27 -0.64 13.84 -18.13
CA LYS E 27 0.25 14.97 -17.87
C LYS E 27 0.11 15.48 -16.44
N ALA E 28 -1.12 15.53 -15.92
CA ALA E 28 -1.33 16.03 -14.57
C ALA E 28 -0.73 15.10 -13.54
N CYS E 29 -0.85 13.79 -13.73
CA CYS E 29 -0.31 12.85 -12.75
C CYS E 29 1.21 12.74 -12.84
N GLN E 30 1.77 13.00 -14.03
CA GLN E 30 3.21 12.88 -14.20
C GLN E 30 3.98 13.92 -13.38
N ASN E 31 3.37 15.06 -13.07
CA ASN E 31 4.09 16.16 -12.44
C ASN E 31 4.57 15.84 -11.03
N TYR E 32 4.08 14.76 -10.42
CA TYR E 32 4.41 14.48 -9.03
C TYR E 32 5.22 13.21 -8.82
N GLY E 33 5.09 12.21 -9.70
CA GLY E 33 5.73 10.93 -9.48
C GLY E 33 6.17 10.28 -10.77
N GLN E 34 6.75 9.09 -10.63
CA GLN E 34 7.31 8.34 -11.74
C GLN E 34 6.26 7.45 -12.37
N ARG E 35 6.65 6.79 -13.46
CA ARG E 35 5.84 5.77 -14.11
C ARG E 35 6.59 4.44 -14.08
N VAL E 36 5.89 3.38 -13.66
CA VAL E 36 6.48 2.04 -13.60
C VAL E 36 5.85 1.09 -14.62
N GLN E 37 4.53 1.16 -14.79
CA GLN E 37 3.86 0.48 -15.89
C GLN E 37 2.82 1.40 -16.48
N ASN E 38 2.41 1.10 -17.72
CA ASN E 38 1.34 1.83 -18.36
C ASN E 38 0.14 1.91 -17.44
N SER E 39 -0.37 3.12 -17.23
CA SER E 39 -1.53 3.34 -16.38
C SER E 39 -1.25 3.00 -14.92
N VAL E 40 -0.05 3.33 -14.43
CA VAL E 40 0.21 3.30 -13.00
C VAL E 40 1.41 4.18 -12.71
N PHE E 41 1.35 4.88 -11.58
CA PHE E 41 2.42 5.78 -11.16
C PHE E 41 2.74 5.56 -9.69
N GLU E 42 4.00 5.72 -9.34
CA GLU E 42 4.45 5.71 -7.96
C GLU E 42 5.06 7.06 -7.63
N CYS E 43 4.73 7.61 -6.47
CA CYS E 43 5.20 8.94 -6.10
C CYS E 43 5.51 8.98 -4.61
N ILE E 44 6.32 9.95 -4.23
CA ILE E 44 6.74 10.14 -2.84
C ILE E 44 6.24 11.52 -2.43
N VAL E 45 5.16 11.57 -1.65
CA VAL E 45 4.53 12.85 -1.31
C VAL E 45 4.21 12.87 0.17
N ASP E 46 3.77 14.04 0.63
CA ASP E 46 3.23 14.21 1.96
C ASP E 46 1.72 14.47 1.83
N SER E 47 1.06 14.64 2.97
CA SER E 47 -0.39 14.82 2.96
C SER E 47 -0.79 16.05 2.16
N THR E 48 0.02 17.11 2.22
CA THR E 48 -0.26 18.32 1.47
C THR E 48 -0.27 18.06 -0.03
N GLN E 49 0.79 17.47 -0.54
CA GLN E 49 0.89 17.20 -1.97
C GLN E 49 -0.15 16.18 -2.42
N LEU E 50 -0.41 15.17 -1.59
CA LEU E 50 -1.45 14.21 -1.92
C LEU E 50 -2.80 14.88 -2.04
N THR E 51 -3.12 15.78 -1.11
CA THR E 51 -4.39 16.51 -1.18
C THR E 51 -4.48 17.31 -2.47
N SER E 52 -3.40 18.04 -2.79
CA SER E 52 -3.40 18.84 -4.01
C SER E 52 -3.62 17.96 -5.23
N LEU E 53 -2.93 16.82 -5.30
CA LEU E 53 -3.07 15.93 -6.44
C LEU E 53 -4.47 15.34 -6.53
N LYS E 54 -5.05 14.97 -5.39
CA LYS E 54 -6.38 14.38 -5.38
C LYS E 54 -7.42 15.35 -5.90
N LEU E 55 -7.37 16.59 -5.42
CA LEU E 55 -8.29 17.60 -5.94
C LEU E 55 -8.07 17.85 -7.43
N GLU E 56 -6.80 17.94 -7.85
CA GLU E 56 -6.52 18.15 -9.27
C GLU E 56 -7.16 17.06 -10.11
N LEU E 57 -6.95 15.79 -9.74
CA LEU E 57 -7.48 14.70 -10.54
C LEU E 57 -9.01 14.67 -10.51
N THR E 58 -9.61 14.76 -9.33
CA THR E 58 -11.06 14.65 -9.26
C THR E 58 -11.75 15.80 -9.98
N SER E 59 -11.07 16.94 -10.08
CA SER E 59 -11.57 18.02 -10.93
C SER E 59 -11.27 17.77 -12.40
N LEU E 60 -10.30 16.92 -12.70
CA LEU E 60 -9.85 16.74 -14.08
C LEU E 60 -10.67 15.68 -14.81
N ILE E 61 -10.86 14.51 -14.18
CA ILE E 61 -11.62 13.43 -14.79
C ILE E 61 -13.10 13.69 -14.59
N ASP E 62 -13.95 12.91 -15.25
CA ASP E 62 -15.37 12.91 -14.97
C ASP E 62 -15.75 11.58 -14.34
N GLU E 63 -16.84 11.59 -13.56
CA GLU E 63 -17.36 10.35 -13.02
C GLU E 63 -18.22 9.66 -14.08
N GLU E 64 -18.77 8.50 -13.71
CA GLU E 64 -19.74 7.78 -14.52
C GLU E 64 -19.09 7.18 -15.77
N LYS E 65 -17.83 7.50 -16.05
CA LYS E 65 -17.16 6.95 -17.21
C LYS E 65 -15.73 6.48 -16.96
N ASP E 66 -15.04 6.96 -15.94
CA ASP E 66 -13.64 6.65 -15.73
C ASP E 66 -13.44 6.15 -14.32
N SER E 67 -12.29 5.55 -14.06
CA SER E 67 -11.98 5.02 -12.74
C SER E 67 -10.59 5.47 -12.30
N LEU E 68 -10.42 5.67 -10.99
CA LEU E 68 -9.15 6.10 -10.46
C LEU E 68 -9.01 5.58 -9.04
N ARG E 69 -7.87 4.97 -8.72
CA ARG E 69 -7.63 4.42 -7.40
C ARG E 69 -6.32 4.96 -6.86
N ILE E 70 -6.25 5.06 -5.54
CA ILE E 70 -5.10 5.63 -4.84
C ILE E 70 -4.79 4.74 -3.65
N TYR E 71 -3.50 4.48 -3.42
CA TYR E 71 -3.04 3.67 -2.30
C TYR E 71 -1.89 4.40 -1.61
N ARG E 72 -1.80 4.25 -0.30
CA ARG E 72 -0.70 4.82 0.45
C ARG E 72 -0.03 3.74 1.29
N LEU E 73 1.28 3.56 1.10
CA LEU E 73 1.99 2.45 1.70
C LEU E 73 2.72 2.81 2.99
N GLY E 74 2.58 4.03 3.46
CA GLY E 74 3.22 4.40 4.70
C GLY E 74 4.70 4.70 4.57
N ASN E 75 5.32 4.89 5.73
CA ASN E 75 6.69 5.40 5.79
C ASN E 75 7.74 4.34 5.50
N ASN E 76 7.39 3.06 5.57
CA ASN E 76 8.36 1.98 5.43
C ASN E 76 8.31 1.33 4.05
N TYR E 77 8.14 2.13 3.00
CA TYR E 77 7.89 1.60 1.67
C TYR E 77 9.06 0.77 1.12
N LYS E 78 10.25 0.90 1.70
CA LYS E 78 11.40 0.18 1.16
C LYS E 78 11.25 -1.32 1.31
N THR E 79 10.70 -1.78 2.43
CA THR E 79 10.61 -3.20 2.73
C THR E 79 9.23 -3.80 2.45
N LYS E 80 8.44 -3.17 1.60
CA LYS E 80 7.14 -3.71 1.23
C LYS E 80 6.94 -3.86 -0.28
N VAL E 81 7.87 -3.40 -1.10
CA VAL E 81 7.76 -3.48 -2.55
C VAL E 81 8.75 -4.50 -3.06
N GLU E 82 8.32 -5.33 -4.01
CA GLU E 82 9.18 -6.33 -4.62
C GLU E 82 8.99 -6.32 -6.13
N HIS E 83 10.09 -6.47 -6.86
CA HIS E 83 10.13 -6.30 -8.31
C HIS E 83 10.77 -7.52 -8.93
N ILE E 84 10.29 -7.93 -10.10
CA ILE E 84 10.75 -9.14 -10.77
C ILE E 84 11.23 -8.87 -12.17
N GLY E 85 10.47 -8.13 -12.96
CA GLY E 85 10.71 -8.04 -14.38
C GLY E 85 11.87 -7.16 -14.80
N ALA E 86 11.71 -6.45 -15.92
CA ALA E 86 12.77 -5.64 -16.49
C ALA E 86 12.28 -4.24 -16.81
N LYS E 87 11.61 -3.60 -15.84
CA LYS E 87 11.21 -2.19 -15.94
C LYS E 87 11.58 -1.51 -14.63
N PRO E 88 12.87 -1.26 -14.39
CA PRO E 88 13.28 -0.66 -13.12
C PRO E 88 12.82 0.78 -13.00
N SER E 89 12.72 1.23 -11.75
CA SER E 89 12.35 2.60 -11.42
C SER E 89 13.44 3.22 -10.56
N ILE E 90 13.82 4.45 -10.89
CA ILE E 90 14.86 5.15 -10.14
C ILE E 90 14.30 5.69 -8.85
N ASP E 91 14.84 5.23 -7.73
CA ASP E 91 14.39 5.72 -6.43
C ASP E 91 14.84 7.16 -6.23
N LEU E 92 14.10 7.88 -5.38
CA LEU E 92 14.32 9.30 -5.19
C LEU E 92 14.94 9.62 -3.83
N GLU E 93 15.39 8.62 -3.09
CA GLU E 93 16.04 8.84 -1.81
C GLU E 93 17.46 8.28 -1.75
N ASP E 94 17.92 7.59 -2.79
CA ASP E 94 19.32 7.23 -2.91
C ASP E 94 20.14 8.48 -3.22
N PRO E 95 21.47 8.42 -3.06
CA PRO E 95 22.30 9.61 -3.30
C PRO E 95 22.05 10.32 -4.63
N LEU E 96 21.51 9.64 -5.65
CA LEU E 96 21.00 10.29 -6.86
C LEU E 96 22.09 11.09 -7.58
N ILE E 97 23.07 10.35 -8.09
CA ILE E 97 24.16 10.91 -8.89
C ILE E 97 23.98 10.47 -10.33
N PHE E 98 24.02 11.43 -11.26
CA PHE E 98 23.93 11.08 -12.67
C PHE E 98 25.27 11.26 -13.36
N GLY F 1 -1.00 -13.54 7.87
CA GLY F 1 -1.85 -12.67 8.66
C GLY F 1 -3.11 -12.30 7.88
N SER F 2 -3.25 -12.84 6.67
CA SER F 2 -4.38 -12.58 5.79
C SER F 2 -4.50 -11.08 5.49
N MET F 3 -3.49 -10.57 4.80
CA MET F 3 -3.39 -9.18 4.44
C MET F 3 -3.75 -8.97 2.98
N LEU F 4 -3.99 -7.72 2.62
CA LEU F 4 -4.23 -7.36 1.23
C LEU F 4 -2.91 -7.17 0.49
N VAL F 5 -2.85 -7.67 -0.74
CA VAL F 5 -1.76 -7.37 -1.64
C VAL F 5 -2.33 -7.04 -3.00
N LEU F 6 -1.51 -6.37 -3.80
CA LEU F 6 -1.87 -5.88 -5.11
C LEU F 6 -0.80 -6.34 -6.09
N ILE F 7 -1.22 -6.81 -7.26
CA ILE F 7 -0.28 -7.32 -8.25
C ILE F 7 -0.57 -6.66 -9.59
N THR F 8 0.47 -6.11 -10.20
CA THR F 8 0.36 -5.46 -11.50
C THR F 8 1.36 -6.08 -12.45
N TYR F 9 0.88 -6.54 -13.59
CA TYR F 9 1.80 -7.07 -14.53
C TYR F 9 1.88 -6.18 -15.72
N ASP F 10 2.79 -6.47 -16.62
CA ASP F 10 2.88 -5.82 -17.91
C ASP F 10 3.74 -6.71 -18.80
N VAL F 11 3.10 -7.44 -19.71
CA VAL F 11 3.77 -8.44 -20.52
C VAL F 11 3.74 -8.01 -21.98
N GLN F 12 4.90 -8.09 -22.63
CA GLN F 12 5.03 -7.67 -24.02
C GLN F 12 4.30 -8.64 -24.93
N THR F 13 3.46 -8.11 -25.82
CA THR F 13 2.74 -8.94 -26.76
C THR F 13 3.47 -9.09 -28.10
N SER F 14 4.60 -8.41 -28.28
CA SER F 14 5.26 -8.38 -29.58
C SER F 14 6.18 -9.57 -29.82
N SER F 15 6.73 -10.17 -28.77
CA SER F 15 7.74 -11.19 -28.95
C SER F 15 7.12 -12.51 -29.40
N MET F 16 7.92 -13.56 -29.41
CA MET F 16 7.44 -14.87 -29.86
C MET F 16 6.40 -15.43 -28.90
N GLY F 17 6.62 -15.28 -27.60
CA GLY F 17 5.71 -15.82 -26.61
C GLY F 17 4.89 -14.75 -25.93
N GLY F 18 4.40 -13.77 -26.69
CA GLY F 18 3.65 -12.69 -26.09
C GLY F 18 2.24 -13.09 -25.70
N THR F 19 1.44 -13.51 -26.68
CA THR F 19 0.02 -13.78 -26.44
C THR F 19 -0.16 -14.90 -25.43
N LYS F 20 0.60 -15.98 -25.58
CA LYS F 20 0.44 -17.11 -24.66
C LYS F 20 0.83 -16.72 -23.24
N ARG F 21 1.94 -16.00 -23.07
CA ARG F 21 2.34 -15.60 -21.73
C ARG F 21 1.33 -14.64 -21.11
N LEU F 22 0.81 -13.70 -21.90
CA LEU F 22 -0.22 -12.80 -21.40
C LEU F 22 -1.44 -13.57 -20.92
N ARG F 23 -1.97 -14.46 -21.77
CA ARG F 23 -3.16 -15.21 -21.40
C ARG F 23 -2.91 -16.08 -20.18
N LYS F 24 -1.75 -16.73 -20.11
CA LYS F 24 -1.49 -17.62 -18.99
C LYS F 24 -1.30 -16.85 -17.69
N VAL F 25 -0.65 -15.68 -17.74
CA VAL F 25 -0.49 -14.92 -16.50
C VAL F 25 -1.82 -14.35 -16.04
N ALA F 26 -2.63 -13.85 -16.97
CA ALA F 26 -3.94 -13.33 -16.58
C ALA F 26 -4.77 -14.42 -15.92
N LYS F 27 -4.83 -15.60 -16.53
CA LYS F 27 -5.65 -16.67 -15.96
C LYS F 27 -5.03 -17.29 -14.72
N ALA F 28 -3.70 -17.19 -14.56
CA ALA F 28 -3.07 -17.73 -13.37
C ALA F 28 -3.07 -16.75 -12.21
N CYS F 29 -3.43 -15.49 -12.44
CA CYS F 29 -3.62 -14.56 -11.35
C CYS F 29 -5.08 -14.33 -11.01
N GLN F 30 -5.99 -14.49 -11.99
CA GLN F 30 -7.40 -14.33 -11.68
C GLN F 30 -7.90 -15.37 -10.69
N ASN F 31 -7.20 -16.50 -10.57
CA ASN F 31 -7.61 -17.53 -9.62
C ASN F 31 -7.50 -17.05 -8.18
N TYR F 32 -6.40 -16.37 -7.91
CA TYR F 32 -6.12 -15.93 -6.55
C TYR F 32 -6.78 -14.65 -6.13
N GLY F 33 -7.32 -13.90 -7.07
CA GLY F 33 -7.86 -12.61 -6.69
C GLY F 33 -8.99 -12.05 -7.50
N GLN F 34 -8.97 -10.74 -7.72
CA GLN F 34 -10.07 -10.10 -8.42
C GLN F 34 -9.50 -8.99 -9.30
N ARG F 35 -10.24 -8.67 -10.36
CA ARG F 35 -9.82 -7.63 -11.28
C ARG F 35 -10.44 -6.30 -10.87
N VAL F 36 -9.59 -5.35 -10.48
CA VAL F 36 -10.08 -4.02 -10.13
C VAL F 36 -9.79 -3.08 -11.29
N GLN F 37 -8.70 -3.32 -12.01
CA GLN F 37 -8.43 -2.54 -13.21
C GLN F 37 -7.67 -3.43 -14.19
N ASN F 38 -7.63 -3.00 -15.45
CA ASN F 38 -6.85 -3.73 -16.44
C ASN F 38 -5.40 -3.80 -16.00
N SER F 39 -4.85 -5.01 -15.95
CA SER F 39 -3.49 -5.30 -15.51
C SER F 39 -3.27 -5.00 -14.04
N VAL F 40 -4.33 -4.73 -13.27
CA VAL F 40 -4.22 -4.43 -11.85
C VAL F 40 -5.20 -5.32 -11.11
N PHE F 41 -4.67 -6.33 -10.41
CA PHE F 41 -5.45 -7.27 -9.63
C PHE F 41 -5.15 -7.06 -8.16
N GLU F 42 -6.15 -7.22 -7.30
CA GLU F 42 -5.91 -7.16 -5.87
C GLU F 42 -6.54 -8.37 -5.20
N CYS F 43 -5.90 -8.83 -4.13
CA CYS F 43 -6.33 -10.05 -3.49
C CYS F 43 -6.00 -9.99 -2.01
N ILE F 44 -6.62 -10.90 -1.25
CA ILE F 44 -6.43 -11.00 0.19
C ILE F 44 -5.86 -12.38 0.45
N VAL F 45 -4.60 -12.43 0.89
CA VAL F 45 -3.89 -13.69 1.05
C VAL F 45 -3.03 -13.63 2.30
N ASP F 46 -2.61 -14.81 2.75
CA ASP F 46 -1.69 -14.94 3.87
C ASP F 46 -0.27 -14.95 3.32
N SER F 47 0.70 -15.35 4.16
CA SER F 47 2.07 -15.46 3.70
C SER F 47 2.28 -16.64 2.77
N THR F 48 1.72 -17.80 3.12
CA THR F 48 2.00 -19.01 2.36
C THR F 48 1.36 -18.96 0.97
N GLN F 49 0.10 -18.53 0.89
CA GLN F 49 -0.56 -18.43 -0.40
C GLN F 49 0.15 -17.45 -1.31
N LEU F 50 0.61 -16.33 -0.76
CA LEU F 50 1.34 -15.35 -1.55
C LEU F 50 2.68 -15.91 -2.02
N THR F 51 3.38 -16.65 -1.16
CA THR F 51 4.64 -17.26 -1.58
C THR F 51 4.41 -18.24 -2.72
N SER F 52 3.37 -19.06 -2.60
CA SER F 52 3.07 -20.00 -3.67
C SER F 52 2.72 -19.27 -4.97
N LEU F 53 1.94 -18.19 -4.86
CA LEU F 53 1.60 -17.42 -6.05
C LEU F 53 2.84 -16.80 -6.67
N LYS F 54 3.75 -16.28 -5.86
CA LYS F 54 4.97 -15.69 -6.39
C LYS F 54 5.81 -16.73 -7.13
N LEU F 55 5.99 -17.90 -6.51
CA LEU F 55 6.81 -18.94 -7.15
C LEU F 55 6.15 -19.44 -8.43
N GLU F 56 4.81 -19.50 -8.45
CA GLU F 56 4.13 -19.98 -9.64
C GLU F 56 4.10 -18.93 -10.75
N LEU F 57 4.06 -17.65 -10.40
CA LEU F 57 3.93 -16.58 -11.36
C LEU F 57 5.27 -16.06 -11.88
N THR F 58 6.36 -16.29 -11.15
CA THR F 58 7.66 -15.88 -11.63
C THR F 58 8.16 -16.73 -12.79
N SER F 59 7.48 -17.83 -13.10
CA SER F 59 7.90 -18.70 -14.20
C SER F 59 7.12 -18.48 -15.49
N LEU F 60 5.85 -18.08 -15.39
CA LEU F 60 5.09 -17.78 -16.59
C LEU F 60 5.67 -16.57 -17.32
N ILE F 61 5.95 -15.50 -16.58
CA ILE F 61 6.50 -14.31 -17.22
C ILE F 61 7.94 -14.57 -17.63
N ASP F 62 8.41 -13.79 -18.60
CA ASP F 62 9.77 -13.89 -19.12
C ASP F 62 10.53 -12.62 -18.74
N GLU F 63 11.67 -12.79 -18.07
CA GLU F 63 12.48 -11.65 -17.69
C GLU F 63 13.13 -11.05 -18.93
N GLU F 64 13.62 -9.81 -18.78
CA GLU F 64 14.22 -9.04 -19.86
C GLU F 64 13.20 -8.70 -20.94
N LYS F 65 11.94 -9.08 -20.73
CA LYS F 65 10.87 -8.70 -21.64
C LYS F 65 9.61 -8.22 -20.95
N ASP F 66 9.37 -8.57 -19.68
CA ASP F 66 8.10 -8.27 -19.03
C ASP F 66 8.38 -7.74 -17.64
N SER F 67 7.37 -7.14 -17.03
CA SER F 67 7.49 -6.54 -15.72
C SER F 67 6.35 -7.00 -14.82
N LEU F 68 6.63 -7.12 -13.53
CA LEU F 68 5.64 -7.62 -12.58
C LEU F 68 5.96 -7.07 -11.21
N ARG F 69 4.99 -6.39 -10.60
CA ARG F 69 5.18 -5.71 -9.33
C ARG F 69 4.15 -6.20 -8.32
N ILE F 70 4.60 -6.40 -7.08
CA ILE F 70 3.76 -6.89 -5.98
C ILE F 70 3.89 -5.90 -4.84
N TYR F 71 2.78 -5.31 -4.43
CA TYR F 71 2.74 -4.35 -3.33
C TYR F 71 1.88 -4.89 -2.20
N ARG F 72 2.42 -4.93 -0.98
CA ARG F 72 1.68 -5.42 0.16
C ARG F 72 1.36 -4.25 1.09
N LEU F 73 0.08 -4.10 1.43
CA LEU F 73 -0.37 -2.98 2.25
C LEU F 73 -0.41 -3.34 3.73
N GLY F 74 -1.23 -4.32 4.10
CA GLY F 74 -1.32 -4.72 5.49
C GLY F 74 -2.72 -5.11 5.95
N ASN F 75 -2.81 -5.64 7.16
CA ASN F 75 -4.08 -6.14 7.67
C ASN F 75 -5.10 -5.03 7.92
N ASN F 76 -4.65 -3.78 7.99
CA ASN F 76 -5.50 -2.63 8.24
C ASN F 76 -5.79 -1.85 6.95
N TYR F 77 -5.99 -2.59 5.86
CA TYR F 77 -6.08 -2.01 4.52
C TYR F 77 -7.30 -1.13 4.31
N LYS F 78 -8.28 -1.15 5.22
CA LYS F 78 -9.49 -0.38 5.00
C LYS F 78 -9.24 1.11 4.95
N THR F 79 -8.13 1.58 5.55
CA THR F 79 -7.85 3.00 5.65
C THR F 79 -6.84 3.52 4.63
N LYS F 80 -6.12 2.64 3.94
CA LYS F 80 -5.11 3.04 2.97
C LYS F 80 -5.51 2.71 1.54
N VAL F 81 -6.81 2.68 1.25
CA VAL F 81 -7.32 2.33 -0.06
C VAL F 81 -8.46 3.26 -0.42
N GLU F 82 -8.45 3.79 -1.64
CA GLU F 82 -9.47 4.73 -2.07
C GLU F 82 -9.85 4.45 -3.51
N HIS F 83 -11.15 4.53 -3.79
CA HIS F 83 -11.67 4.44 -5.16
C HIS F 83 -12.52 5.67 -5.41
N ILE F 84 -12.27 6.36 -6.52
CA ILE F 84 -12.90 7.65 -6.78
C ILE F 84 -13.74 7.65 -8.05
N GLY F 85 -13.61 6.66 -8.91
CA GLY F 85 -14.21 6.66 -10.23
C GLY F 85 -15.55 5.95 -10.28
N ALA F 86 -15.78 5.24 -11.36
CA ALA F 86 -17.07 4.61 -11.63
C ALA F 86 -16.90 3.18 -12.14
N LYS F 87 -16.00 2.43 -11.52
CA LYS F 87 -15.86 0.99 -11.75
C LYS F 87 -15.81 0.32 -10.37
N PRO F 88 -16.95 0.15 -9.73
CA PRO F 88 -16.96 -0.24 -8.31
C PRO F 88 -16.42 -1.64 -8.10
N SER F 89 -15.89 -1.85 -6.88
CA SER F 89 -15.31 -3.12 -6.48
C SER F 89 -16.21 -3.81 -5.47
N ILE F 90 -15.94 -5.10 -5.24
CA ILE F 90 -16.66 -5.91 -4.26
C ILE F 90 -15.67 -6.42 -3.23
N ASP F 91 -15.96 -6.19 -1.95
CA ASP F 91 -15.06 -6.62 -0.88
C ASP F 91 -15.43 -8.02 -0.41
N LEU F 92 -14.46 -8.67 0.22
CA LEU F 92 -14.60 -10.06 0.66
C LEU F 92 -14.77 -10.19 2.17
N GLU F 93 -15.16 -9.11 2.86
CA GLU F 93 -15.68 -9.18 4.22
C GLU F 93 -17.13 -8.76 4.30
N ASP F 94 -17.73 -8.37 3.18
CA ASP F 94 -19.17 -8.27 3.07
C ASP F 94 -19.79 -9.65 3.37
N PRO F 95 -20.85 -9.70 4.15
CA PRO F 95 -21.62 -10.94 4.27
C PRO F 95 -22.00 -11.58 2.94
N LEU F 96 -22.01 -10.83 1.84
CA LEU F 96 -22.19 -11.38 0.49
C LEU F 96 -23.55 -12.06 0.31
N ILE F 97 -24.61 -11.27 0.47
CA ILE F 97 -25.97 -11.74 0.18
C ILE F 97 -26.24 -11.37 -1.26
N PHE F 98 -25.98 -12.32 -2.16
CA PHE F 98 -26.19 -12.08 -3.58
C PHE F 98 -27.68 -12.18 -3.91
N ALA I 1 1.03 56.67 1.68
CA ALA I 1 -0.02 57.60 2.07
C ALA I 1 -0.13 58.74 1.06
N SER I 2 -0.30 58.40 -0.22
CA SER I 2 -0.41 59.42 -1.26
C SER I 2 -1.66 60.27 -1.05
N ASN I 3 -2.79 59.63 -0.71
CA ASN I 3 -4.03 60.35 -0.45
C ASN I 3 -4.75 59.76 0.75
N GLU I 4 -4.00 59.22 1.72
CA GLU I 4 -4.47 58.55 2.93
C GLU I 4 -5.16 57.23 2.63
N GLU I 5 -5.33 56.86 1.35
CA GLU I 5 -5.90 55.58 0.99
C GLU I 5 -4.86 54.46 0.95
N ASP I 6 -3.58 54.79 1.01
CA ASP I 6 -2.54 53.77 1.00
C ASP I 6 -2.40 53.09 2.36
N ARG I 7 -2.89 53.72 3.42
CA ARG I 7 -2.85 53.13 4.76
C ARG I 7 -4.13 52.33 5.01
N TYR I 8 -4.30 51.30 4.20
CA TYR I 8 -5.44 50.40 4.31
C TYR I 8 -4.95 49.00 4.66
N LEU I 9 -5.58 48.39 5.65
CA LEU I 9 -5.23 47.06 6.10
C LEU I 9 -6.24 46.04 5.59
N MET I 10 -5.86 44.78 5.69
CA MET I 10 -6.69 43.69 5.18
C MET I 10 -7.73 43.26 6.21
N LEU I 11 -8.90 42.85 5.72
CA LEU I 11 -9.86 42.20 6.60
C LEU I 11 -9.32 40.88 7.11
N SER I 12 -8.56 40.17 6.27
CA SER I 12 -8.10 38.83 6.60
C SER I 12 -7.15 38.81 7.77
N GLY I 13 -6.56 39.95 8.14
CA GLY I 13 -5.68 39.99 9.29
C GLY I 13 -6.39 39.93 10.61
N LEU I 14 -7.68 40.28 10.64
CA LEU I 14 -8.44 40.28 11.88
C LEU I 14 -8.53 38.88 12.48
N GLN I 15 -8.88 37.90 11.64
CA GLN I 15 -9.04 36.54 12.12
C GLN I 15 -7.71 35.97 12.61
N HIS I 16 -6.63 36.26 11.88
CA HIS I 16 -5.30 35.82 12.30
C HIS I 16 -4.90 36.44 13.62
N PHE I 17 -5.18 37.73 13.80
CA PHE I 17 -4.89 38.38 15.07
C PHE I 17 -5.71 37.73 16.19
N GLN I 18 -6.97 37.44 15.92
CA GLN I 18 -7.84 36.89 16.94
C GLN I 18 -7.37 35.51 17.38
N PHE I 19 -6.93 34.67 16.45
CA PHE I 19 -6.51 33.32 16.84
C PHE I 19 -5.11 33.32 17.42
N CYS I 20 -4.11 33.66 16.61
CA CYS I 20 -2.71 33.60 17.00
C CYS I 20 -2.11 34.97 16.73
N LYS I 21 -1.85 35.73 17.79
CA LYS I 21 -1.39 37.10 17.63
C LYS I 21 -0.12 37.17 16.77
N ARG I 22 0.74 36.17 16.87
CA ARG I 22 1.94 36.15 16.05
C ARG I 22 1.65 35.72 14.62
N GLN I 23 0.60 34.93 14.42
CA GLN I 23 0.24 34.50 13.07
C GLN I 23 -0.08 35.70 12.18
N TRP I 24 -0.88 36.64 12.70
CA TRP I 24 -1.11 37.86 11.95
C TRP I 24 0.17 38.64 11.78
N ALA I 25 1.02 38.67 12.82
CA ALA I 25 2.33 39.29 12.68
C ALA I 25 3.14 38.61 11.58
N LEU I 26 3.14 37.28 11.56
CA LEU I 26 3.91 36.57 10.53
C LEU I 26 3.39 36.87 9.14
N ILE I 27 2.07 36.86 8.96
CA ILE I 27 1.52 37.02 7.62
C ILE I 27 1.70 38.45 7.13
N HIS I 28 1.51 39.43 8.01
CA HIS I 28 1.48 40.81 7.56
C HIS I 28 2.65 41.65 8.07
N ILE I 29 3.77 41.03 8.42
CA ILE I 29 4.99 41.80 8.66
C ILE I 29 6.11 41.22 7.81
N GLU I 30 6.36 39.92 7.96
CA GLU I 30 7.45 39.25 7.26
C GLU I 30 6.98 38.57 5.97
N GLN I 31 5.69 38.64 5.65
CA GLN I 31 5.13 38.13 4.40
C GLN I 31 5.49 36.65 4.19
N GLN I 32 5.02 35.83 5.12
CA GLN I 32 5.24 34.39 5.07
C GLN I 32 3.91 33.68 4.87
N TRP I 33 3.98 32.47 4.33
CA TRP I 33 2.78 31.68 4.06
C TRP I 33 3.17 30.23 3.83
N GLU I 34 2.64 29.33 4.63
CA GLU I 34 2.81 27.90 4.44
C GLU I 34 1.45 27.23 4.58
N GLU I 35 1.23 26.19 3.78
CA GLU I 35 -0.08 25.60 3.63
C GLU I 35 -0.08 24.15 4.11
N ASN I 36 -1.20 23.76 4.73
CA ASN I 36 -1.48 22.39 5.15
C ASN I 36 -2.76 21.93 4.47
N VAL I 37 -3.29 20.78 4.92
CA VAL I 37 -4.42 20.16 4.24
C VAL I 37 -5.65 21.07 4.28
N ARG I 38 -5.99 21.54 5.48
CA ARG I 38 -7.24 22.28 5.65
C ARG I 38 -7.24 23.57 4.85
N THR I 39 -6.14 24.31 4.86
CA THR I 39 -6.10 25.57 4.14
C THR I 39 -6.13 25.35 2.64
N ILE I 40 -5.55 24.25 2.15
CA ILE I 40 -5.62 23.95 0.73
C ILE I 40 -7.06 23.67 0.32
N GLU I 41 -7.76 22.86 1.11
CA GLU I 41 -9.15 22.57 0.79
C GLU I 41 -10.00 23.84 0.85
N GLY I 42 -9.75 24.68 1.86
CA GLY I 42 -10.49 25.93 1.96
C GLY I 42 -10.22 26.86 0.79
N GLN I 43 -8.97 26.94 0.35
CA GLN I 43 -8.65 27.74 -0.83
C GLN I 43 -9.36 27.20 -2.06
N HIS I 44 -9.43 25.87 -2.20
CA HIS I 44 -10.15 25.30 -3.33
C HIS I 44 -11.63 25.67 -3.28
N LEU I 45 -12.21 25.62 -2.07
CA LEU I 45 -13.61 26.05 -1.93
C LEU I 45 -13.76 27.50 -2.35
N HIS I 46 -12.84 28.36 -1.92
CA HIS I 46 -12.94 29.78 -2.24
C HIS I 46 -12.85 30.02 -3.74
N LYS I 47 -11.91 29.36 -4.41
CA LYS I 47 -11.78 29.59 -5.85
C LYS I 47 -12.93 28.98 -6.62
N LYS I 48 -13.51 27.89 -6.11
CA LYS I 48 -14.72 27.35 -6.74
C LYS I 48 -15.88 28.34 -6.61
N ALA I 49 -16.00 28.98 -5.45
CA ALA I 49 -17.02 30.00 -5.25
C ALA I 49 -16.64 31.34 -5.88
N ASP I 50 -15.42 31.48 -6.38
CA ASP I 50 -14.93 32.73 -6.96
C ASP I 50 -15.19 32.72 -8.46
N GLN I 51 -16.45 32.96 -8.84
CA GLN I 51 -16.89 32.91 -10.23
C GLN I 51 -17.69 34.17 -10.54
N PRO I 52 -17.00 35.27 -10.88
CA PRO I 52 -17.67 36.56 -11.08
C PRO I 52 -18.35 36.65 -12.45
N PHE I 53 -19.01 37.79 -12.65
CA PHE I 53 -19.60 38.21 -13.93
C PHE I 53 -20.81 37.39 -14.35
N MET I 54 -21.62 36.94 -13.39
CA MET I 54 -22.91 36.32 -13.66
C MET I 54 -23.86 36.62 -12.51
N LYS I 55 -25.14 36.78 -12.81
CA LYS I 55 -26.15 37.07 -11.80
C LYS I 55 -27.35 36.17 -11.98
N GLU I 56 -27.85 35.64 -10.86
CA GLU I 56 -29.04 34.81 -10.83
C GLU I 56 -30.09 35.46 -9.95
N LYS I 57 -31.30 35.64 -10.47
CA LYS I 57 -32.40 36.23 -9.72
C LYS I 57 -33.62 35.33 -9.81
N ARG I 58 -34.38 35.28 -8.72
CA ARG I 58 -35.52 34.39 -8.60
C ARG I 58 -36.83 35.18 -8.54
N GLY I 59 -36.88 36.31 -9.23
CA GLY I 59 -38.09 37.12 -9.29
C GLY I 59 -38.08 38.29 -8.33
N SER I 60 -37.56 38.06 -7.12
CA SER I 60 -37.53 39.09 -6.09
C SER I 60 -36.12 39.42 -5.62
N LYS I 61 -35.29 38.42 -5.39
CA LYS I 61 -33.97 38.62 -4.81
C LYS I 61 -32.88 38.51 -5.86
N LEU I 62 -31.67 38.90 -5.45
CA LEU I 62 -30.49 38.84 -6.31
C LEU I 62 -29.27 38.64 -5.41
N THR I 63 -28.19 38.14 -6.01
CA THR I 63 -26.96 37.87 -5.27
C THR I 63 -25.78 38.55 -5.93
N VAL I 64 -24.81 38.96 -5.12
CA VAL I 64 -23.57 39.54 -5.62
C VAL I 64 -22.42 38.92 -4.82
N ARG I 65 -21.31 38.65 -5.51
CA ARG I 65 -20.18 37.99 -4.86
C ARG I 65 -18.87 38.67 -5.24
N ALA I 66 -17.90 38.55 -4.32
CA ALA I 66 -16.56 39.13 -4.47
C ALA I 66 -16.63 40.66 -4.61
N MET I 67 -17.09 41.29 -3.52
CA MET I 67 -17.27 42.75 -3.52
C MET I 67 -16.04 43.44 -2.95
N PRO I 68 -15.38 44.30 -3.71
CA PRO I 68 -14.30 45.13 -3.15
C PRO I 68 -14.89 46.27 -2.33
N ILE I 69 -14.79 46.16 -1.01
CA ILE I 69 -15.44 47.11 -0.10
C ILE I 69 -14.42 47.63 0.90
N GLN I 70 -14.52 48.93 1.20
CA GLN I 70 -13.60 49.59 2.12
C GLN I 70 -14.37 50.48 3.06
N SER I 71 -13.79 50.73 4.23
CA SER I 71 -14.38 51.61 5.23
C SER I 71 -13.32 52.60 5.70
N LYS I 72 -13.70 53.88 5.77
CA LYS I 72 -12.77 54.94 6.15
C LYS I 72 -12.69 55.15 7.65
N ASN I 73 -13.73 54.80 8.40
CA ASN I 73 -13.68 54.96 9.84
C ASN I 73 -12.58 54.11 10.45
N LEU I 74 -12.45 52.87 9.99
CA LEU I 74 -11.33 52.02 10.39
C LEU I 74 -10.22 51.98 9.33
N GLN I 75 -10.46 52.57 8.16
CA GLN I 75 -9.49 52.59 7.06
C GLN I 75 -9.05 51.17 6.70
N ILE I 76 -10.03 50.29 6.51
CA ILE I 76 -9.80 48.88 6.24
C ILE I 76 -10.49 48.53 4.93
N SER I 77 -9.77 47.87 4.03
CA SER I 77 -10.30 47.48 2.73
C SER I 77 -10.19 45.96 2.56
N GLY I 78 -11.07 45.41 1.75
CA GLY I 78 -11.04 43.98 1.51
C GLY I 78 -12.07 43.58 0.48
N ILE I 79 -12.31 42.27 0.39
CA ILE I 79 -13.28 41.72 -0.56
C ILE I 79 -14.22 40.80 0.20
N CYS I 80 -15.52 41.05 0.05
CA CYS I 80 -16.58 40.24 0.63
C CYS I 80 -16.92 39.06 -0.26
N ASP I 81 -17.35 37.97 0.37
CA ASP I 81 -17.70 36.76 -0.36
C ASP I 81 -19.04 36.90 -1.08
N VAL I 82 -20.12 37.11 -0.34
CA VAL I 82 -21.45 37.21 -0.92
C VAL I 82 -22.27 38.24 -0.15
N VAL I 83 -23.13 38.96 -0.86
CA VAL I 83 -24.22 39.72 -0.26
C VAL I 83 -25.49 39.48 -1.08
N GLU I 84 -26.58 39.22 -0.36
CA GLU I 84 -27.89 38.97 -0.97
C GLU I 84 -28.75 40.21 -0.83
N PHE I 85 -29.36 40.63 -1.93
CA PHE I 85 -30.28 41.76 -1.96
C PHE I 85 -31.70 41.22 -2.09
N VAL I 86 -32.57 41.64 -1.16
CA VAL I 86 -33.95 41.18 -1.10
C VAL I 86 -34.86 42.33 -1.46
N GLN I 87 -36.00 42.01 -2.06
CA GLN I 87 -36.94 43.01 -2.55
C GLN I 87 -37.83 43.47 -1.40
N ASP I 88 -37.67 44.72 -0.98
CA ASP I 88 -38.50 45.32 0.05
C ASP I 88 -38.41 46.84 -0.03
N SER I 89 -39.54 47.50 0.25
CA SER I 89 -39.61 48.96 0.18
C SER I 89 -39.19 49.58 1.50
N GLU I 90 -37.99 49.22 1.95
CA GLU I 90 -37.45 49.72 3.20
C GLU I 90 -36.07 50.33 3.05
N GLY I 91 -35.21 49.75 2.22
CA GLY I 91 -33.86 50.24 2.05
C GLY I 91 -33.77 51.36 1.05
N ILE I 92 -32.54 51.73 0.70
CA ILE I 92 -32.26 52.80 -0.25
C ILE I 92 -32.04 52.17 -1.62
N GLU I 93 -32.50 52.87 -2.66
CA GLU I 93 -32.32 52.37 -4.02
C GLU I 93 -30.84 52.23 -4.35
N LEU I 94 -30.50 51.15 -5.04
CA LEU I 94 -29.13 50.80 -5.36
C LEU I 94 -28.92 50.88 -6.87
N SER I 95 -27.74 51.32 -7.27
CA SER I 95 -27.43 51.46 -8.69
C SER I 95 -27.36 50.09 -9.36
N GLY I 96 -27.74 50.05 -10.64
CA GLY I 96 -27.71 48.85 -11.44
C GLY I 96 -29.08 48.23 -11.68
N VAL I 97 -30.04 48.46 -10.80
CA VAL I 97 -31.40 47.96 -10.93
C VAL I 97 -32.37 49.04 -10.50
N SER I 98 -33.67 48.70 -10.53
CA SER I 98 -34.73 49.60 -10.13
C SER I 98 -35.43 49.06 -8.89
N GLY I 99 -35.98 49.99 -8.10
CA GLY I 99 -36.65 49.62 -6.87
C GLY I 99 -35.74 49.69 -5.67
N SER I 100 -36.32 49.38 -4.52
CA SER I 100 -35.62 49.43 -3.23
C SER I 100 -35.33 48.01 -2.78
N TYR I 101 -34.08 47.75 -2.41
CA TYR I 101 -33.63 46.45 -1.97
C TYR I 101 -32.90 46.58 -0.63
N LYS I 102 -32.89 45.49 0.13
CA LYS I 102 -32.17 45.43 1.39
C LYS I 102 -31.03 44.42 1.30
N ALA I 103 -29.93 44.72 1.98
CA ALA I 103 -28.70 43.96 1.86
C ALA I 103 -28.50 43.04 3.06
N PHE I 104 -27.92 41.88 2.79
CA PHE I 104 -27.55 40.92 3.84
C PHE I 104 -26.24 40.23 3.48
N PRO I 105 -25.17 40.43 4.24
CA PRO I 105 -23.87 39.86 3.87
C PRO I 105 -23.68 38.45 4.41
N VAL I 106 -23.25 37.54 3.54
CA VAL I 106 -22.98 36.15 3.89
C VAL I 106 -21.63 35.76 3.31
N GLU I 107 -20.83 35.05 4.10
CA GLU I 107 -19.53 34.58 3.67
C GLU I 107 -19.43 33.07 3.93
N TYR I 108 -18.59 32.42 3.14
CA TYR I 108 -18.46 30.96 3.17
C TYR I 108 -17.14 30.57 3.83
N LYS I 109 -17.20 29.59 4.73
CA LYS I 109 -16.00 29.03 5.34
C LYS I 109 -16.18 27.52 5.46
N ARG I 110 -15.07 26.84 5.73
CA ARG I 110 -15.05 25.38 5.84
C ARG I 110 -14.58 25.02 7.24
N GLY I 111 -15.52 24.75 8.13
CA GLY I 111 -15.17 24.34 9.47
C GLY I 111 -16.37 24.34 10.38
N LYS I 112 -16.18 23.73 11.54
CA LYS I 112 -17.22 23.70 12.55
C LYS I 112 -17.40 25.10 13.15
N PRO I 113 -18.57 25.38 13.72
CA PRO I 113 -18.73 26.61 14.50
C PRO I 113 -17.72 26.66 15.62
N LYS I 114 -17.11 27.83 15.80
CA LYS I 114 -16.02 28.01 16.73
C LYS I 114 -16.53 28.60 18.04
N LYS I 115 -15.98 28.13 19.15
CA LYS I 115 -16.44 28.60 20.46
C LYS I 115 -16.21 30.10 20.61
N GLY I 116 -15.09 30.60 20.09
CA GLY I 116 -14.83 32.01 20.12
C GLY I 116 -15.52 32.75 19.00
N ASP I 117 -15.38 34.07 19.03
CA ASP I 117 -15.97 34.90 17.98
C ASP I 117 -15.32 34.63 16.63
N GLU I 118 -14.02 34.90 16.51
CA GLU I 118 -13.23 34.57 15.32
C GLU I 118 -13.95 34.91 14.03
N ASP I 119 -14.51 33.89 13.39
CA ASP I 119 -15.14 34.04 12.08
C ASP I 119 -16.18 35.16 12.07
N ILE I 120 -17.10 35.15 13.04
CA ILE I 120 -18.18 36.12 13.03
C ILE I 120 -17.63 37.54 13.04
N VAL I 121 -16.48 37.74 13.68
CA VAL I 121 -15.85 39.06 13.70
C VAL I 121 -15.80 39.65 12.30
N GLN I 122 -15.33 38.84 11.35
CA GLN I 122 -15.20 39.33 9.97
C GLN I 122 -16.51 39.90 9.49
N LEU I 123 -17.60 39.13 9.60
CA LEU I 123 -18.88 39.63 9.13
C LEU I 123 -19.27 40.89 9.86
N VAL I 124 -19.05 40.92 11.18
CA VAL I 124 -19.26 42.15 11.93
C VAL I 124 -18.55 43.31 11.26
N ALA I 125 -17.23 43.19 11.11
CA ALA I 125 -16.49 44.24 10.41
C ALA I 125 -17.03 44.44 9.01
N GLN I 126 -17.32 43.33 8.32
CA GLN I 126 -17.92 43.41 7.00
C GLN I 126 -19.14 44.31 7.02
N ALA I 127 -20.03 44.08 7.99
CA ALA I 127 -21.25 44.88 8.08
C ALA I 127 -20.92 46.36 8.07
N MET I 128 -19.96 46.76 8.92
CA MET I 128 -19.56 48.16 8.99
C MET I 128 -19.21 48.70 7.61
N CYS I 129 -18.37 47.96 6.89
CA CYS I 129 -17.96 48.40 5.57
C CYS I 129 -19.16 48.67 4.68
N LEU I 130 -20.13 47.75 4.66
CA LEU I 130 -21.30 47.95 3.81
C LEU I 130 -22.07 49.20 4.23
N GLU I 131 -22.21 49.42 5.53
CA GLU I 131 -22.97 50.59 5.96
C GLU I 131 -22.27 51.89 5.58
N GLU I 132 -21.01 51.83 5.18
CA GLU I 132 -20.29 53.02 4.73
C GLU I 132 -20.41 53.25 3.23
N MET I 133 -20.98 52.32 2.48
CA MET I 133 -21.10 52.46 1.02
C MET I 133 -22.51 52.82 0.60
N LEU I 134 -23.49 52.03 1.00
CA LEU I 134 -24.88 52.27 0.60
C LEU I 134 -25.59 53.28 1.47
N VAL I 135 -24.92 53.79 2.51
CA VAL I 135 -25.50 54.73 3.46
C VAL I 135 -26.77 54.12 4.04
N CYS I 136 -26.59 53.14 4.92
CA CYS I 136 -27.71 52.45 5.55
C CYS I 136 -27.22 51.83 6.86
N ARG I 137 -28.09 51.04 7.48
CA ARG I 137 -27.75 50.32 8.70
C ARG I 137 -28.12 48.86 8.56
N ILE I 138 -27.26 47.98 9.03
CA ILE I 138 -27.46 46.54 8.95
C ILE I 138 -27.38 45.94 10.34
N ASP I 139 -28.35 45.11 10.68
CA ASP I 139 -28.37 44.40 11.96
C ASP I 139 -28.59 42.91 11.79
N LYS I 140 -28.40 42.37 10.59
CA LYS I 140 -28.65 40.96 10.32
C LYS I 140 -27.51 40.44 9.47
N GLY I 141 -27.01 39.25 9.80
CA GLY I 141 -25.91 38.67 9.06
C GLY I 141 -26.08 37.18 8.90
N TYR I 142 -25.48 36.66 7.84
CA TYR I 142 -25.72 35.32 7.35
C TYR I 142 -24.39 34.60 7.28
N LEU I 143 -24.39 33.30 7.58
CA LEU I 143 -23.19 32.49 7.38
C LEU I 143 -23.57 31.12 6.85
N PHE I 144 -22.65 30.52 6.11
CA PHE I 144 -22.74 29.12 5.71
C PHE I 144 -21.43 28.43 6.03
N TYR I 145 -21.50 27.29 6.72
CA TYR I 145 -20.33 26.47 7.02
C TYR I 145 -20.44 25.17 6.22
N ASN I 146 -19.38 24.81 5.51
CA ASN I 146 -19.47 23.69 4.59
C ASN I 146 -19.21 22.35 5.28
N GLU I 147 -18.43 22.32 6.36
CA GLU I 147 -18.12 21.05 7.00
C GLU I 147 -19.38 20.35 7.49
N ILE I 148 -20.31 21.11 8.05
CA ILE I 148 -21.64 20.60 8.38
C ILE I 148 -22.68 20.97 7.35
N LYS I 149 -22.33 21.74 6.33
CA LYS I 149 -23.24 22.19 5.28
C LYS I 149 -24.50 22.82 5.88
N HIS I 150 -24.27 23.87 6.69
CA HIS I 150 -25.34 24.41 7.51
C HIS I 150 -25.23 25.93 7.59
N ARG I 151 -26.41 26.54 7.67
CA ARG I 151 -26.63 27.99 7.68
C ARG I 151 -26.79 28.50 9.11
N VAL I 152 -26.00 29.51 9.47
CA VAL I 152 -25.96 30.06 10.83
C VAL I 152 -26.24 31.56 10.77
N GLU I 153 -27.16 32.01 11.60
CA GLU I 153 -27.58 33.40 11.66
C GLU I 153 -26.81 34.14 12.75
N VAL I 154 -26.53 35.42 12.50
CA VAL I 154 -25.86 36.25 13.49
C VAL I 154 -26.53 37.62 13.53
N PRO I 155 -26.87 38.14 14.71
CA PRO I 155 -27.29 39.54 14.83
C PRO I 155 -26.07 40.45 14.86
N ILE I 156 -26.34 41.76 14.84
CA ILE I 156 -25.30 42.78 14.90
C ILE I 156 -25.61 43.70 16.06
N THR I 157 -24.69 43.78 17.02
CA THR I 157 -24.85 44.61 18.19
C THR I 157 -23.70 45.59 18.29
N ASP I 158 -23.91 46.65 19.08
CA ASP I 158 -22.94 47.73 19.17
C ASP I 158 -21.71 47.34 19.99
N ALA I 159 -21.85 46.41 20.94
CA ALA I 159 -20.68 45.95 21.68
C ALA I 159 -19.67 45.29 20.76
N LEU I 160 -20.16 44.47 19.82
CA LEU I 160 -19.27 43.87 18.82
C LEU I 160 -18.60 44.93 17.97
N ARG I 161 -19.35 45.96 17.57
CA ARG I 161 -18.77 47.04 16.77
C ARG I 161 -17.67 47.75 17.54
N ASP I 162 -17.89 48.02 18.82
CA ASP I 162 -16.88 48.68 19.64
C ASP I 162 -15.65 47.80 19.78
N LYS I 163 -15.84 46.49 19.97
CA LYS I 163 -14.68 45.61 20.06
C LYS I 163 -13.89 45.59 18.76
N VAL I 164 -14.59 45.57 17.62
CA VAL I 164 -13.91 45.60 16.33
C VAL I 164 -13.12 46.89 16.17
N VAL I 165 -13.71 48.02 16.58
CA VAL I 165 -13.01 49.30 16.49
C VAL I 165 -11.74 49.24 17.35
N GLN I 166 -11.86 48.70 18.55
CA GLN I 166 -10.70 48.62 19.45
C GLN I 166 -9.59 47.77 18.83
N MET I 167 -9.93 46.59 18.31
CA MET I 167 -8.88 45.75 17.75
C MET I 167 -8.30 46.36 16.48
N ALA I 168 -9.11 47.07 15.70
CA ALA I 168 -8.60 47.76 14.52
C ALA I 168 -7.58 48.82 14.92
N LYS I 169 -7.88 49.60 15.95
CA LYS I 169 -6.90 50.60 16.41
C LYS I 169 -5.64 49.92 16.93
N GLU I 170 -5.80 48.82 17.68
CA GLU I 170 -4.63 48.14 18.23
C GLU I 170 -3.75 47.57 17.13
N MET I 171 -4.36 47.01 16.08
CA MET I 171 -3.57 46.45 15.00
C MET I 171 -2.96 47.53 14.12
N HIS I 172 -3.61 48.69 13.98
CA HIS I 172 -2.95 49.82 13.35
C HIS I 172 -1.69 50.20 14.12
N HIS I 173 -1.79 50.23 15.46
CA HIS I 173 -0.64 50.56 16.29
C HIS I 173 0.46 49.51 16.12
N TYR I 174 0.08 48.23 16.08
CA TYR I 174 1.07 47.17 15.90
C TYR I 174 1.76 47.29 14.54
N TYR I 175 0.99 47.58 13.50
CA TYR I 175 1.55 47.74 12.16
C TYR I 175 2.53 48.90 12.13
N GLU I 176 2.18 50.02 12.75
CA GLU I 176 3.09 51.16 12.80
C GLU I 176 4.33 50.84 13.62
N ASN I 177 4.19 50.01 14.65
CA ASN I 177 5.32 49.65 15.49
C ASN I 177 6.20 48.57 14.87
N ARG I 178 5.70 47.86 13.86
CA ARG I 178 6.41 46.72 13.27
C ARG I 178 6.82 45.72 14.35
N HIS I 179 5.89 45.44 15.25
CA HIS I 179 6.15 44.63 16.44
C HIS I 179 5.43 43.29 16.32
N THR I 180 6.19 42.21 16.50
CA THR I 180 5.60 40.88 16.58
C THR I 180 5.42 40.50 18.04
N PRO I 181 4.21 40.29 18.52
CA PRO I 181 4.00 40.00 19.93
C PRO I 181 4.36 38.58 20.29
N LYS I 182 4.02 38.17 21.51
CA LYS I 182 4.07 36.77 21.91
C LYS I 182 2.71 36.41 22.50
N VAL I 183 2.25 35.19 22.21
CA VAL I 183 0.96 34.72 22.66
C VAL I 183 1.13 33.35 23.31
N LYS I 184 0.16 32.97 24.13
CA LYS I 184 0.19 31.67 24.79
C LYS I 184 0.14 30.56 23.75
N THR I 185 0.85 29.46 24.02
CA THR I 185 0.99 28.40 23.04
C THR I 185 -0.24 27.52 22.98
N GLY I 186 -0.53 26.81 24.06
CA GLY I 186 -1.66 25.90 24.12
C GLY I 186 -1.64 24.85 23.03
N PRO I 187 -2.73 24.07 22.94
CA PRO I 187 -2.89 23.15 21.80
C PRO I 187 -3.36 23.83 20.52
N PHE I 188 -3.32 25.16 20.48
CA PHE I 188 -3.72 25.87 19.26
C PHE I 188 -2.90 25.43 18.07
N CYS I 189 -1.58 25.45 18.21
CA CYS I 189 -0.68 25.28 17.07
C CYS I 189 -0.33 23.81 16.84
N ASN I 190 -1.31 23.08 16.35
CA ASN I 190 -1.07 21.82 15.67
C ASN I 190 -1.67 21.79 14.27
N ASN I 191 -2.65 22.64 13.98
CA ASN I 191 -3.03 22.98 12.63
C ASN I 191 -2.75 24.44 12.28
N CYS I 192 -2.13 25.19 13.18
CA CYS I 192 -1.67 26.55 12.90
C CYS I 192 -0.68 26.45 11.75
N SER I 193 -1.10 26.88 10.56
CA SER I 193 -0.42 26.49 9.33
C SER I 193 1.05 26.89 9.31
N LEU I 194 1.39 28.01 9.93
CA LEU I 194 2.75 28.53 9.91
C LEU I 194 3.59 28.00 11.04
N GLN I 195 3.30 26.78 11.50
CA GLN I 195 3.85 26.28 12.76
C GLN I 195 5.37 26.26 12.75
N SER I 196 5.97 25.88 11.62
CA SER I 196 7.42 25.80 11.53
C SER I 196 8.07 27.18 11.45
N ILE I 197 7.35 28.25 11.78
CA ILE I 197 7.89 29.60 11.64
C ILE I 197 7.81 30.36 12.96
N CYS I 198 6.61 30.54 13.52
CA CYS I 198 6.50 31.37 14.72
C CYS I 198 6.94 30.62 15.96
N LEU I 199 7.56 29.45 15.80
CA LEU I 199 8.36 28.72 16.78
C LEU I 199 7.87 28.93 18.21
N PRO I 200 6.63 28.56 18.54
CA PRO I 200 6.14 28.80 19.89
C PRO I 200 6.81 27.96 20.96
N LYS I 201 7.57 26.93 20.57
CA LYS I 201 8.20 26.05 21.55
C LYS I 201 9.28 26.78 22.33
N LEU I 202 9.90 27.79 21.73
CA LEU I 202 11.04 28.46 22.34
C LEU I 202 10.65 29.57 23.30
N MET I 203 9.38 29.99 23.32
CA MET I 203 8.99 31.11 24.18
C MET I 203 8.98 30.71 25.64
N ASN I 204 8.25 29.66 25.99
CA ASN I 204 8.01 29.31 27.38
C ASN I 204 9.25 28.79 28.10
N LYS I 205 10.31 28.43 27.37
CA LYS I 205 11.48 27.86 28.01
C LYS I 205 12.41 28.96 28.51
N ARG I 206 13.54 28.53 29.08
CA ARG I 206 14.49 29.44 29.71
C ARG I 206 15.27 30.20 28.65
N SER I 207 15.98 31.24 29.09
CA SER I 207 16.70 32.12 28.21
C SER I 207 18.05 31.54 27.81
N VAL I 208 18.83 32.34 27.08
CA VAL I 208 20.10 31.86 26.53
C VAL I 208 21.22 31.88 27.57
N LYS I 209 21.13 32.74 28.59
CA LYS I 209 22.24 32.93 29.52
C LYS I 209 22.61 31.62 30.21
N ARG I 210 21.72 31.11 31.05
CA ARG I 210 22.07 30.03 31.96
C ARG I 210 22.52 28.79 31.21
N TYR I 211 21.91 28.50 30.06
CA TYR I 211 22.27 27.30 29.31
C TYR I 211 23.72 27.36 28.85
N ILE I 212 24.11 28.46 28.21
CA ILE I 212 25.46 28.56 27.69
C ILE I 212 26.47 28.66 28.83
N GLU I 213 26.14 29.37 29.90
CA GLU I 213 27.07 29.46 31.03
C GLU I 213 27.29 28.09 31.66
N GLY I 214 26.21 27.32 31.84
CA GLY I 214 26.37 25.99 32.41
C GLY I 214 27.17 25.06 31.51
N ARG I 215 26.85 25.04 30.22
CA ARG I 215 27.58 24.17 29.31
C ARG I 215 29.03 24.59 29.14
N LEU I 216 29.33 25.88 29.29
CA LEU I 216 30.69 26.39 29.24
C LEU I 216 31.48 26.05 30.50
N SER I 217 30.83 26.14 31.66
CA SER I 217 31.49 25.84 32.92
C SER I 217 31.71 24.35 33.15
N GLU I 218 30.78 23.50 32.71
CA GLU I 218 30.92 22.06 32.89
C GLU I 218 30.69 21.30 31.59
N SER J 2 2.21 -64.27 3.43
CA SER J 2 3.44 -63.99 2.69
C SER J 2 3.46 -62.56 2.19
N ASN J 3 3.00 -61.63 3.03
CA ASN J 3 2.94 -60.22 2.68
C ASN J 3 3.96 -59.45 3.53
N GLU J 4 5.18 -59.37 3.01
CA GLU J 4 6.25 -58.65 3.69
C GLU J 4 6.17 -57.14 3.49
N GLU J 5 5.25 -56.67 2.63
CA GLU J 5 5.18 -55.24 2.32
C GLU J 5 4.60 -54.43 3.47
N ASP J 6 3.75 -55.04 4.29
CA ASP J 6 3.02 -54.29 5.32
C ASP J 6 3.96 -53.79 6.42
N ARG J 7 4.98 -54.56 6.76
CA ARG J 7 5.84 -54.23 7.89
C ARG J 7 6.91 -53.20 7.55
N TYR J 8 6.92 -52.64 6.35
CA TYR J 8 7.95 -51.70 5.93
C TYR J 8 7.41 -50.28 5.90
N LEU J 9 8.19 -49.34 6.43
CA LEU J 9 7.83 -47.94 6.49
C LEU J 9 8.77 -47.11 5.60
N MET J 10 8.63 -45.78 5.69
CA MET J 10 9.44 -44.84 4.93
C MET J 10 10.65 -44.42 5.75
N LEU J 11 11.71 -44.02 5.05
CA LEU J 11 12.92 -43.57 5.74
C LEU J 11 12.75 -42.18 6.35
N SER J 12 11.95 -41.32 5.72
CA SER J 12 11.80 -39.95 6.21
C SER J 12 11.28 -39.89 7.64
N GLY J 13 10.48 -40.86 8.06
CA GLY J 13 10.01 -40.92 9.43
C GLY J 13 11.09 -41.06 10.47
N LEU J 14 12.31 -41.42 10.05
CA LEU J 14 13.46 -41.46 10.93
C LEU J 14 13.92 -40.06 11.33
N GLN J 15 13.59 -39.06 10.53
CA GLN J 15 14.01 -37.69 10.81
C GLN J 15 13.25 -37.09 11.99
N HIS J 16 11.94 -37.37 12.07
CA HIS J 16 11.06 -36.69 13.02
C HIS J 16 11.23 -37.18 14.46
N PHE J 17 11.99 -38.23 14.70
CA PHE J 17 12.42 -38.56 16.06
C PHE J 17 13.70 -37.86 16.48
N GLN J 18 14.21 -36.96 15.64
CA GLN J 18 15.24 -36.02 16.06
C GLN J 18 14.67 -34.65 16.36
N PHE J 19 13.35 -34.47 16.24
CA PHE J 19 12.73 -33.15 16.41
C PHE J 19 11.23 -33.35 16.55
N CYS J 20 10.66 -32.87 17.66
CA CYS J 20 9.22 -32.86 17.87
C CYS J 20 8.62 -34.26 17.67
N LYS J 21 9.01 -35.16 18.58
CA LYS J 21 8.64 -36.56 18.49
C LYS J 21 7.15 -36.75 18.21
N ARG J 22 6.30 -35.88 18.75
CA ARG J 22 4.87 -35.98 18.51
C ARG J 22 4.50 -35.75 17.05
N GLN J 23 5.33 -35.03 16.29
CA GLN J 23 4.98 -34.73 14.90
C GLN J 23 4.89 -36.01 14.07
N TRP J 24 5.74 -37.00 14.35
CA TRP J 24 5.70 -38.25 13.61
C TRP J 24 4.34 -38.92 13.76
N ALA J 25 3.83 -38.98 14.97
CA ALA J 25 2.49 -39.55 15.19
C ALA J 25 1.42 -38.67 14.55
N LEU J 26 1.65 -37.36 14.49
CA LEU J 26 0.68 -36.48 13.84
C LEU J 26 0.55 -36.78 12.36
N ILE J 27 1.67 -37.04 11.69
CA ILE J 27 1.64 -37.22 10.24
C ILE J 27 1.38 -38.67 9.85
N HIS J 28 2.20 -39.61 10.35
CA HIS J 28 2.15 -40.99 9.88
C HIS J 28 0.99 -41.78 10.47
N ILE J 29 0.41 -41.34 11.58
CA ILE J 29 -0.63 -42.10 12.27
C ILE J 29 -2.01 -41.49 12.04
N GLU J 30 -2.16 -40.19 12.32
CA GLU J 30 -3.45 -39.55 12.06
C GLU J 30 -3.70 -39.32 10.57
N GLN J 31 -2.65 -39.34 9.76
CA GLN J 31 -2.75 -39.14 8.31
C GLN J 31 -3.36 -37.77 7.98
N GLN J 32 -2.68 -36.71 8.40
CA GLN J 32 -3.15 -35.35 8.14
C GLN J 32 -1.98 -34.43 7.78
N TRP J 33 -2.13 -33.64 6.73
CA TRP J 33 -1.02 -32.77 6.26
C TRP J 33 -1.28 -31.29 6.49
N LYS J 61 32.58 -42.06 -13.19
CA LYS J 61 31.70 -42.05 -12.03
C LYS J 61 30.25 -41.98 -12.48
N LEU J 62 29.36 -42.41 -11.58
CA LEU J 62 27.93 -42.40 -11.85
C LEU J 62 27.21 -41.73 -10.70
N THR J 63 26.14 -41.01 -11.03
CA THR J 63 25.45 -40.11 -10.10
C THR J 63 23.97 -40.47 -10.00
N VAL J 64 23.69 -41.75 -9.74
CA VAL J 64 22.34 -42.27 -9.84
C VAL J 64 21.42 -41.57 -8.83
N ARG J 65 20.15 -41.45 -9.19
CA ARG J 65 19.13 -40.73 -8.44
C ARG J 65 17.94 -41.63 -8.15
N ALA J 66 17.31 -41.39 -6.99
CA ALA J 66 16.06 -42.06 -6.60
C ALA J 66 16.22 -43.57 -6.54
N MET J 67 16.98 -44.02 -5.52
CA MET J 67 17.23 -45.45 -5.33
C MET J 67 16.26 -46.01 -4.32
N PRO J 68 15.31 -46.87 -4.70
CA PRO J 68 14.52 -47.58 -3.69
C PRO J 68 15.38 -48.58 -2.94
N ILE J 69 15.53 -48.35 -1.64
CA ILE J 69 16.42 -49.13 -0.79
C ILE J 69 15.67 -49.63 0.42
N GLN J 70 15.82 -50.92 0.73
CA GLN J 70 15.15 -51.56 1.84
C GLN J 70 16.17 -52.36 2.65
N SER J 71 15.90 -52.50 3.94
CA SER J 71 16.75 -53.31 4.81
C SER J 71 15.88 -54.14 5.74
N LYS J 72 16.27 -55.41 5.92
CA LYS J 72 15.47 -56.40 6.60
C LYS J 72 15.77 -56.49 8.10
N ASN J 73 17.05 -56.47 8.48
CA ASN J 73 17.40 -56.60 9.89
C ASN J 73 16.81 -55.44 10.70
N LEU J 74 16.90 -54.23 10.17
CA LEU J 74 16.26 -53.06 10.76
C LEU J 74 14.88 -52.78 10.16
N GLN J 75 14.51 -53.46 9.08
CA GLN J 75 13.14 -53.53 8.60
C GLN J 75 12.58 -52.15 8.23
N ILE J 76 13.31 -51.42 7.39
CA ILE J 76 12.91 -50.08 6.97
C ILE J 76 13.18 -49.91 5.48
N SER J 77 12.27 -49.23 4.79
CA SER J 77 12.39 -48.92 3.38
C SER J 77 12.48 -47.41 3.17
N GLY J 78 12.86 -47.03 1.96
CA GLY J 78 12.90 -45.62 1.61
C GLY J 78 13.53 -45.42 0.24
N ILE J 79 13.79 -44.16 -0.08
CA ILE J 79 14.43 -43.78 -1.34
C ILE J 79 15.67 -42.95 -1.02
N CYS J 80 16.84 -43.47 -1.37
CA CYS J 80 18.06 -42.68 -1.31
C CYS J 80 18.06 -41.65 -2.44
N ASP J 81 18.50 -40.44 -2.12
CA ASP J 81 18.40 -39.34 -3.07
C ASP J 81 19.44 -39.48 -4.19
N VAL J 82 20.73 -39.47 -3.82
CA VAL J 82 21.82 -39.56 -4.80
C VAL J 82 22.82 -40.60 -4.32
N VAL J 83 23.25 -41.47 -5.22
CA VAL J 83 24.38 -42.37 -4.96
C VAL J 83 25.42 -42.16 -6.04
N GLU J 84 26.66 -41.92 -5.62
CA GLU J 84 27.80 -41.78 -6.52
C GLU J 84 28.59 -43.08 -6.52
N PHE J 85 28.56 -43.77 -7.64
CA PHE J 85 29.38 -44.96 -7.85
C PHE J 85 30.70 -44.53 -8.47
N VAL J 86 31.79 -44.73 -7.72
CA VAL J 86 33.12 -44.33 -8.14
C VAL J 86 33.99 -45.58 -8.29
N GLN J 87 34.73 -45.64 -9.40
CA GLN J 87 35.53 -46.81 -9.72
C GLN J 87 36.85 -46.79 -8.95
N ASP J 88 37.21 -47.95 -8.40
CA ASP J 88 38.49 -48.13 -7.72
C ASP J 88 38.77 -49.61 -7.62
N SER J 89 40.05 -49.95 -7.45
CA SER J 89 40.46 -51.35 -7.38
C SER J 89 39.91 -52.02 -6.11
N GLU J 90 39.94 -51.31 -4.99
CA GLU J 90 39.56 -51.88 -3.69
C GLU J 90 38.11 -51.57 -3.32
N GLY J 91 37.23 -51.41 -4.30
CA GLY J 91 35.83 -51.16 -4.05
C GLY J 91 35.04 -52.44 -3.89
N ILE J 92 33.73 -52.33 -4.16
CA ILE J 92 32.82 -53.46 -4.10
C ILE J 92 32.15 -53.61 -5.45
N GLU J 93 32.11 -54.84 -5.96
CA GLU J 93 31.50 -55.09 -7.26
C GLU J 93 30.01 -54.79 -7.21
N LEU J 94 29.50 -54.25 -8.32
CA LEU J 94 28.08 -53.99 -8.47
C LEU J 94 27.43 -55.04 -9.36
N SER J 95 26.13 -55.21 -9.19
CA SER J 95 25.40 -56.21 -9.95
C SER J 95 25.28 -55.79 -11.41
N GLY J 96 25.61 -56.70 -12.32
CA GLY J 96 25.49 -56.46 -13.74
C GLY J 96 26.74 -55.94 -14.42
N VAL J 97 27.68 -55.39 -13.66
CA VAL J 97 28.93 -54.87 -14.22
C VAL J 97 30.08 -55.39 -13.37
N SER J 98 31.10 -55.93 -14.04
CA SER J 98 32.29 -56.40 -13.35
C SER J 98 33.14 -55.23 -12.88
N GLY J 99 33.95 -55.49 -11.85
CA GLY J 99 34.85 -54.49 -11.30
C GLY J 99 34.57 -54.28 -9.81
N SER J 100 34.67 -53.02 -9.37
CA SER J 100 34.46 -52.67 -7.98
C SER J 100 34.23 -51.18 -7.83
N TYR J 101 33.11 -50.79 -7.20
CA TYR J 101 32.71 -49.40 -7.10
C TYR J 101 32.30 -49.06 -5.67
N LYS J 102 32.57 -47.83 -5.26
CA LYS J 102 32.00 -47.29 -4.03
C LYS J 102 30.71 -46.53 -4.34
N ALA J 103 29.84 -46.45 -3.33
CA ALA J 103 28.46 -46.00 -3.49
C ALA J 103 28.14 -44.83 -2.56
N PHE J 104 28.96 -43.79 -2.60
CA PHE J 104 28.87 -42.72 -1.62
C PHE J 104 27.49 -42.05 -1.68
N PRO J 105 26.85 -41.80 -0.54
CA PRO J 105 25.52 -41.18 -0.54
C PRO J 105 25.56 -39.66 -0.48
N VAL J 106 24.68 -39.04 -1.26
CA VAL J 106 24.53 -37.59 -1.32
C VAL J 106 23.05 -37.26 -1.20
N GLU J 107 22.71 -36.36 -0.27
CA GLU J 107 21.34 -35.95 -0.01
C GLU J 107 21.25 -34.43 -0.02
N TYR J 108 20.19 -33.91 -0.61
CA TYR J 108 19.96 -32.47 -0.66
C TYR J 108 19.12 -32.07 0.55
N LYS J 109 19.77 -31.49 1.55
CA LYS J 109 19.09 -31.04 2.78
C LYS J 109 19.49 -29.60 3.04
N ARG J 110 18.56 -28.67 2.79
CA ARG J 110 18.85 -27.27 3.03
C ARG J 110 18.81 -26.97 4.52
N GLY J 111 19.38 -25.83 4.88
CA GLY J 111 19.45 -25.39 6.26
C GLY J 111 20.88 -25.13 6.68
N LYS J 112 21.02 -24.73 7.94
CA LYS J 112 22.32 -24.45 8.52
C LYS J 112 22.83 -25.66 9.28
N PRO J 113 24.14 -25.91 9.30
CA PRO J 113 24.67 -26.99 10.12
C PRO J 113 24.22 -26.84 11.57
N LYS J 114 23.72 -27.95 12.13
CA LYS J 114 23.00 -27.93 13.39
C LYS J 114 23.55 -29.00 14.33
N LYS J 115 23.45 -28.71 15.63
CA LYS J 115 24.01 -29.60 16.66
C LYS J 115 23.13 -30.81 16.92
N GLY J 116 21.82 -30.68 16.75
CA GLY J 116 20.90 -31.75 17.13
C GLY J 116 20.82 -32.91 16.16
N ASP J 117 21.84 -33.04 15.30
CA ASP J 117 22.04 -34.13 14.35
C ASP J 117 20.74 -34.63 13.71
N GLU J 118 19.86 -33.70 13.34
CA GLU J 118 18.59 -34.08 12.75
C GLU J 118 18.73 -34.59 11.32
N ASP J 119 19.84 -34.30 10.64
CA ASP J 119 20.05 -34.72 9.27
C ASP J 119 21.04 -35.86 9.11
N ILE J 120 21.94 -36.07 10.08
CA ILE J 120 22.90 -37.15 9.97
C ILE J 120 22.25 -38.50 10.19
N VAL J 121 21.08 -38.53 10.86
CA VAL J 121 20.42 -39.79 11.15
C VAL J 121 19.98 -40.48 9.86
N GLN J 122 19.38 -39.72 8.94
CA GLN J 122 18.92 -40.32 7.69
C GLN J 122 20.10 -40.70 6.80
N LEU J 123 21.19 -39.92 6.82
CA LEU J 123 22.40 -40.31 6.10
C LEU J 123 22.94 -41.64 6.60
N VAL J 124 23.13 -41.77 7.91
CA VAL J 124 23.69 -43.01 8.44
C VAL J 124 22.72 -44.16 8.24
N ALA J 125 21.41 -43.88 8.31
CA ALA J 125 20.42 -44.94 8.10
C ALA J 125 20.49 -45.48 6.69
N GLN J 126 20.50 -44.61 5.67
CA GLN J 126 20.57 -45.12 4.31
C GLN J 126 21.91 -45.74 4.01
N ALA J 127 23.00 -45.21 4.58
CA ALA J 127 24.30 -45.82 4.39
C ALA J 127 24.34 -47.24 4.94
N MET J 128 23.82 -47.44 6.15
CA MET J 128 23.84 -48.77 6.74
C MET J 128 22.84 -49.70 6.07
N CYS J 129 21.77 -49.15 5.50
CA CYS J 129 20.86 -49.96 4.68
C CYS J 129 21.57 -50.48 3.44
N LEU J 130 22.27 -49.60 2.73
CA LEU J 130 23.02 -50.02 1.56
C LEU J 130 24.11 -51.02 1.92
N GLU J 131 24.73 -50.84 3.09
CA GLU J 131 25.79 -51.76 3.51
C GLU J 131 25.20 -53.13 3.87
N GLU J 132 24.04 -53.14 4.53
CA GLU J 132 23.36 -54.40 4.78
C GLU J 132 22.94 -55.08 3.49
N MET J 133 22.66 -54.30 2.44
CA MET J 133 22.37 -54.89 1.14
C MET J 133 23.57 -55.64 0.57
N LEU J 134 24.79 -55.29 0.98
CA LEU J 134 26.00 -55.90 0.44
C LEU J 134 26.89 -56.55 1.49
N VAL J 135 26.59 -56.37 2.78
CA VAL J 135 27.35 -56.97 3.88
C VAL J 135 28.82 -56.57 3.79
N CYS J 136 29.10 -55.30 4.06
CA CYS J 136 30.47 -54.79 4.16
C CYS J 136 30.40 -53.47 4.92
N ARG J 137 31.52 -52.74 4.95
CA ARG J 137 31.61 -51.51 5.74
C ARG J 137 32.32 -50.42 4.95
N ILE J 138 31.75 -49.21 5.01
CA ILE J 138 32.40 -48.00 4.50
C ILE J 138 32.30 -46.92 5.56
N ASP J 139 33.22 -45.96 5.51
CA ASP J 139 33.25 -44.87 6.48
C ASP J 139 33.33 -43.52 5.80
N LYS J 140 32.48 -43.29 4.81
CA LYS J 140 32.46 -42.01 4.09
C LYS J 140 31.01 -41.56 3.89
N GLY J 141 30.78 -40.26 4.00
CA GLY J 141 29.47 -39.71 3.72
C GLY J 141 29.50 -38.28 3.23
N TYR J 142 28.72 -37.99 2.19
CA TYR J 142 28.60 -36.65 1.62
C TYR J 142 27.27 -36.05 2.05
N LEU J 143 27.22 -34.72 2.19
CA LEU J 143 25.95 -34.05 2.34
C LEU J 143 26.01 -32.66 1.73
N PHE J 144 24.85 -32.25 1.19
CA PHE J 144 24.62 -30.99 0.50
C PHE J 144 24.02 -29.98 1.47
N TYR J 145 24.47 -28.74 1.38
CA TYR J 145 23.84 -27.64 2.08
C TYR J 145 23.41 -26.59 1.07
N ASN J 146 22.09 -26.49 0.85
CA ASN J 146 21.56 -25.67 -0.23
C ASN J 146 21.66 -24.18 0.05
N GLU J 147 21.32 -23.76 1.28
CA GLU J 147 21.31 -22.33 1.58
C GLU J 147 22.73 -21.77 1.62
N ILE J 148 23.71 -22.60 2.00
CA ILE J 148 25.11 -22.19 1.92
C ILE J 148 25.82 -22.82 0.73
N LYS J 149 25.21 -23.81 0.07
CA LYS J 149 25.83 -24.51 -1.06
C LYS J 149 27.18 -25.11 -0.66
N HIS J 150 27.14 -25.95 0.37
CA HIS J 150 28.35 -26.45 1.00
C HIS J 150 28.40 -27.97 0.92
N ARG J 151 29.60 -28.49 0.67
CA ARG J 151 29.90 -29.92 0.76
C ARG J 151 30.34 -30.21 2.18
N VAL J 152 29.70 -31.17 2.84
CA VAL J 152 30.12 -31.57 4.17
C VAL J 152 30.38 -33.06 4.21
N GLU J 153 31.49 -33.43 4.86
CA GLU J 153 32.00 -34.79 4.92
C GLU J 153 31.74 -35.35 6.32
N VAL J 154 31.22 -36.57 6.38
CA VAL J 154 30.93 -37.20 7.66
C VAL J 154 31.35 -38.67 7.67
N PRO J 155 32.22 -39.09 8.59
CA PRO J 155 32.42 -40.52 8.83
C PRO J 155 31.38 -41.07 9.81
N ILE J 156 31.29 -42.39 9.95
CA ILE J 156 30.33 -43.01 10.86
C ILE J 156 31.06 -44.05 11.70
N THR J 157 30.48 -44.34 12.87
CA THR J 157 31.09 -45.23 13.84
C THR J 157 30.01 -46.07 14.52
N ASP J 158 30.44 -46.84 15.53
CA ASP J 158 29.51 -47.72 16.23
C ASP J 158 28.54 -46.94 17.10
N ALA J 159 28.99 -45.83 17.68
CA ALA J 159 28.14 -45.03 18.55
C ALA J 159 26.91 -44.49 17.84
N LEU J 160 27.00 -44.28 16.53
CA LEU J 160 25.84 -43.86 15.76
C LEU J 160 24.94 -45.03 15.38
N ARG J 161 25.53 -46.15 14.94
CA ARG J 161 24.72 -47.26 14.47
C ARG J 161 23.96 -47.94 15.60
N ASP J 162 24.56 -48.02 16.80
CA ASP J 162 23.84 -48.58 17.94
C ASP J 162 22.63 -47.72 18.29
N LYS J 163 22.81 -46.39 18.29
CA LYS J 163 21.70 -45.49 18.55
C LYS J 163 20.64 -45.62 17.47
N VAL J 164 21.04 -45.79 16.21
CA VAL J 164 20.08 -45.96 15.13
C VAL J 164 19.26 -47.23 15.34
N VAL J 165 19.92 -48.33 15.72
CA VAL J 165 19.20 -49.58 15.93
C VAL J 165 18.20 -49.44 17.08
N GLN J 166 18.65 -48.85 18.19
CA GLN J 166 17.75 -48.63 19.33
C GLN J 166 16.58 -47.75 18.95
N MET J 167 16.84 -46.67 18.20
CA MET J 167 15.79 -45.76 17.81
C MET J 167 14.80 -46.43 16.85
N ALA J 168 15.30 -47.27 15.95
CA ALA J 168 14.42 -47.97 15.02
C ALA J 168 13.52 -48.97 15.74
N LYS J 169 14.08 -49.75 16.68
CA LYS J 169 13.24 -50.69 17.40
C LYS J 169 12.23 -49.96 18.28
N GLU J 170 12.63 -48.81 18.86
CA GLU J 170 11.68 -48.04 19.65
C GLU J 170 10.59 -47.46 18.77
N MET J 171 10.94 -47.07 17.54
CA MET J 171 9.94 -46.61 16.57
C MET J 171 8.95 -47.70 16.24
N HIS J 172 9.43 -48.93 16.04
CA HIS J 172 8.52 -50.04 15.80
C HIS J 172 7.60 -50.26 16.99
N HIS J 173 8.16 -50.16 18.20
CA HIS J 173 7.36 -50.30 19.42
C HIS J 173 6.24 -49.26 19.47
N TYR J 174 6.57 -48.00 19.15
CA TYR J 174 5.54 -46.96 19.11
C TYR J 174 4.51 -47.23 18.02
N TYR J 175 4.96 -47.59 16.82
CA TYR J 175 4.03 -47.72 15.70
C TYR J 175 3.05 -48.85 15.92
N GLU J 176 3.52 -50.00 16.40
CA GLU J 176 2.64 -51.14 16.54
C GLU J 176 1.60 -50.95 17.65
N ASN J 177 1.81 -49.98 18.54
CA ASN J 177 0.87 -49.70 19.62
C ASN J 177 -0.10 -48.58 19.30
N ARG J 178 0.11 -47.87 18.18
CA ARG J 178 -0.74 -46.73 17.79
C ARG J 178 -0.82 -45.69 18.90
N HIS J 179 0.33 -45.39 19.51
CA HIS J 179 0.42 -44.51 20.67
C HIS J 179 1.00 -43.16 20.25
N THR J 180 0.32 -42.08 20.64
CA THR J 180 0.81 -40.74 20.39
C THR J 180 1.49 -40.21 21.64
N PRO J 181 2.76 -39.81 21.57
CA PRO J 181 3.50 -39.41 22.77
C PRO J 181 3.28 -37.95 23.12
N LYS J 182 3.88 -37.55 24.24
CA LYS J 182 3.88 -36.18 24.71
C LYS J 182 5.32 -35.72 24.90
N VAL J 183 5.62 -34.50 24.45
CA VAL J 183 6.97 -33.95 24.50
C VAL J 183 6.89 -32.50 24.95
N LYS J 184 8.04 -31.98 25.38
CA LYS J 184 8.13 -30.58 25.77
C LYS J 184 7.95 -29.69 24.55
N THR J 185 7.22 -28.58 24.76
CA THR J 185 6.86 -27.70 23.65
C THR J 185 8.09 -27.11 22.98
N GLY J 186 8.97 -26.49 23.75
CA GLY J 186 10.18 -25.92 23.23
C GLY J 186 9.96 -24.60 22.53
N PRO J 187 11.04 -23.88 22.23
CA PRO J 187 10.91 -22.63 21.47
C PRO J 187 10.68 -22.87 19.99
N PHE J 188 11.07 -24.03 19.48
CA PHE J 188 10.92 -24.39 18.07
C PHE J 188 9.48 -24.61 17.66
N CYS J 189 8.55 -24.69 18.61
CA CYS J 189 7.19 -25.10 18.27
C CYS J 189 6.44 -24.04 17.49
N ASN J 190 6.92 -22.80 17.48
CA ASN J 190 6.37 -21.78 16.59
C ASN J 190 6.80 -21.98 15.15
N ASN J 191 7.43 -23.11 14.84
CA ASN J 191 7.88 -23.43 13.49
C ASN J 191 7.25 -24.67 12.89
N CYS J 192 6.85 -25.66 13.69
CA CYS J 192 6.22 -26.84 13.12
C CYS J 192 4.86 -26.45 12.56
N SER J 193 4.63 -26.83 11.29
CA SER J 193 3.44 -26.39 10.58
C SER J 193 2.16 -26.96 11.17
N LEU J 194 2.28 -27.95 12.06
CA LEU J 194 1.14 -28.59 12.70
C LEU J 194 0.71 -27.88 13.98
N GLN J 195 1.13 -26.63 14.17
CA GLN J 195 0.88 -25.94 15.43
C GLN J 195 -0.61 -25.73 15.67
N SER J 196 -1.44 -25.81 14.64
CA SER J 196 -2.88 -25.79 14.80
C SER J 196 -3.46 -27.16 15.09
N ILE J 197 -2.66 -28.22 14.97
CA ILE J 197 -3.09 -29.58 15.28
C ILE J 197 -2.27 -30.18 16.41
N CYS J 198 -0.97 -29.90 16.44
CA CYS J 198 -0.12 -30.41 17.51
C CYS J 198 -0.61 -29.95 18.88
N LEU J 199 -1.23 -28.78 18.96
CA LEU J 199 -1.79 -28.20 20.18
C LEU J 199 -0.76 -28.22 21.30
N PRO J 200 0.26 -27.37 21.21
CA PRO J 200 1.37 -27.45 22.18
C PRO J 200 0.95 -27.19 23.62
N LYS J 201 -0.04 -26.33 23.82
CA LYS J 201 -0.40 -25.90 25.16
C LYS J 201 -1.01 -27.00 26.01
N LEU J 202 -1.40 -28.13 25.41
CA LEU J 202 -1.99 -29.19 26.21
C LEU J 202 -0.90 -30.14 26.72
N MET J 203 0.16 -29.56 27.28
CA MET J 203 1.22 -30.33 27.94
C MET J 203 1.22 -30.12 29.44
N ASN J 204 1.29 -28.86 29.90
CA ASN J 204 1.24 -28.51 31.30
C ASN J 204 -0.04 -27.70 31.58
N LYS J 205 -1.13 -28.43 31.82
CA LYS J 205 -2.42 -27.83 32.10
C LYS J 205 -2.87 -28.24 33.50
N ARG J 206 -3.86 -27.50 34.00
CA ARG J 206 -4.41 -27.78 35.32
C ARG J 206 -5.38 -28.96 35.32
N SER J 207 -5.63 -29.56 34.15
CA SER J 207 -6.55 -30.68 33.99
C SER J 207 -7.99 -30.24 34.21
N VAL J 208 -8.94 -31.05 33.74
CA VAL J 208 -10.34 -30.69 33.82
C VAL J 208 -10.84 -30.63 35.26
N LYS J 209 -10.12 -31.24 36.22
CA LYS J 209 -10.54 -31.20 37.61
C LYS J 209 -10.57 -29.77 38.15
N ARG J 210 -9.56 -28.98 37.81
CA ARG J 210 -9.56 -27.59 38.25
C ARG J 210 -10.71 -26.82 37.63
N TYR J 211 -11.03 -27.09 36.36
CA TYR J 211 -12.21 -26.48 35.75
C TYR J 211 -13.48 -26.88 36.48
N ILE J 212 -13.58 -28.15 36.87
CA ILE J 212 -14.78 -28.62 37.57
C ILE J 212 -14.95 -27.87 38.88
N GLU J 213 -13.87 -27.77 39.66
CA GLU J 213 -14.02 -27.10 40.95
C GLU J 213 -14.22 -25.61 40.77
N GLY J 214 -13.62 -25.01 39.73
CA GLY J 214 -13.86 -23.60 39.47
C GLY J 214 -15.30 -23.31 39.11
N ARG J 215 -15.90 -24.15 38.27
CA ARG J 215 -17.30 -23.97 37.92
C ARG J 215 -18.21 -24.25 39.11
N LEU J 216 -17.79 -25.18 39.98
CA LEU J 216 -18.53 -25.42 41.22
C LEU J 216 -18.53 -24.18 42.10
N SER J 217 -17.37 -23.56 42.27
CA SER J 217 -17.28 -22.36 43.09
C SER J 217 -18.04 -21.20 42.48
N GLU J 218 -17.91 -21.01 41.17
CA GLU J 218 -18.58 -19.91 40.49
C GLU J 218 -19.88 -20.36 39.84
FE1 SF4 K . 1.21 31.40 14.86
FE2 SF4 K . -0.49 30.03 16.50
FE3 SF4 K . 2.10 30.52 17.25
FE4 SF4 K . 1.52 28.71 15.27
S1 SF4 K . 0.95 28.57 17.48
S2 SF4 K . 3.15 30.28 15.25
S3 SF4 K . -0.24 29.74 14.27
S4 SF4 K . 0.49 32.07 16.90
MN MN L . -17.96 32.13 4.94
FE1 SF4 M . 3.47 -28.97 16.96
FE2 SF4 M . 6.11 -29.49 16.47
FE3 SF4 M . 4.73 -31.01 18.29
FE4 SF4 M . 5.35 -28.40 18.88
S1 SF4 M . 6.82 -30.13 18.55
S2 SF4 M . 3.35 -29.44 19.19
S3 SF4 M . 5.15 -27.45 16.82
S4 SF4 M . 4.35 -30.86 16.05
#